data_5YKW
# 
_entry.id   5YKW 
# 
_audit_conform.dict_name       mmcif_pdbx.dic 
_audit_conform.dict_version    5.397 
_audit_conform.dict_location   http://mmcif.pdb.org/dictionaries/ascii/mmcif_pdbx.dic 
# 
loop_
_database_2.database_id 
_database_2.database_code 
_database_2.pdbx_database_accession 
_database_2.pdbx_DOI 
PDB   5YKW         pdb_00005ykw 10.2210/pdb5ykw/pdb 
WWPDB D_1300005434 ?            ?                   
# 
loop_
_pdbx_audit_revision_history.ordinal 
_pdbx_audit_revision_history.data_content_type 
_pdbx_audit_revision_history.major_revision 
_pdbx_audit_revision_history.minor_revision 
_pdbx_audit_revision_history.revision_date 
1 'Structure model' 1 0 2018-10-24 
2 'Structure model' 1 1 2019-11-06 
3 'Structure model' 1 2 2024-10-23 
# 
_pdbx_audit_revision_details.ordinal             1 
_pdbx_audit_revision_details.revision_ordinal    1 
_pdbx_audit_revision_details.data_content_type   'Structure model' 
_pdbx_audit_revision_details.provider            repository 
_pdbx_audit_revision_details.type                'Initial release' 
_pdbx_audit_revision_details.description         ? 
_pdbx_audit_revision_details.details             ? 
# 
loop_
_pdbx_audit_revision_group.ordinal 
_pdbx_audit_revision_group.revision_ordinal 
_pdbx_audit_revision_group.data_content_type 
_pdbx_audit_revision_group.group 
1 2 'Structure model' 'Data collection'     
2 2 'Structure model' 'Database references' 
3 3 'Structure model' 'Data collection'     
4 3 'Structure model' 'Database references' 
5 3 'Structure model' 'Structure summary'   
# 
loop_
_pdbx_audit_revision_category.ordinal 
_pdbx_audit_revision_category.revision_ordinal 
_pdbx_audit_revision_category.data_content_type 
_pdbx_audit_revision_category.category 
1 2 'Structure model' citation                  
2 3 'Structure model' chem_comp_atom            
3 3 'Structure model' chem_comp_bond            
4 3 'Structure model' database_2                
5 3 'Structure model' pdbx_entry_details        
6 3 'Structure model' pdbx_modification_feature 
# 
loop_
_pdbx_audit_revision_item.ordinal 
_pdbx_audit_revision_item.revision_ordinal 
_pdbx_audit_revision_item.data_content_type 
_pdbx_audit_revision_item.item 
1 2 'Structure model' '_citation.unpublished_flag'          
2 3 'Structure model' '_database_2.pdbx_DOI'                
3 3 'Structure model' '_database_2.pdbx_database_accession' 
# 
_pdbx_database_status.status_code                     REL 
_pdbx_database_status.status_code_sf                  REL 
_pdbx_database_status.status_code_mr                  ? 
_pdbx_database_status.entry_id                        5YKW 
_pdbx_database_status.recvd_initial_deposition_date   2017-10-16 
_pdbx_database_status.SG_entry                        N 
_pdbx_database_status.deposit_site                    PDBJ 
_pdbx_database_status.process_site                    PDBJ 
_pdbx_database_status.status_code_cs                  ? 
_pdbx_database_status.methods_development_category    ? 
_pdbx_database_status.pdb_format_compatible           Y 
_pdbx_database_status.status_code_nmr_data            ? 
# 
loop_
_audit_author.name 
_audit_author.pdbx_ordinal 
_audit_author.identifier_ORCID 
'Li, C.C.'   1  ? 
'Yang, J.'   2  ? 
'Yang, M.J.' 3  ? 
'Liu, L.'    4  ? 
'Peng, C.T.' 5  ? 
'Li, T.'     6  ? 
'He, L.H.'   7  ? 
'Song, Y.J.' 8  ? 
'Zhu, Y.B.'  9  ? 
'Zhao, N.L.' 10 ? 
'Zhao, C.'   11 ? 
'Bao, R.'    12 ? 
# 
_citation.abstract                  ? 
_citation.abstract_id_CAS           ? 
_citation.book_id_ISBN              ? 
_citation.book_publisher            ? 
_citation.book_publisher_city       ? 
_citation.book_title                ? 
_citation.coordinate_linkage        ? 
_citation.country                   ? 
_citation.database_id_Medline       ? 
_citation.details                   ? 
_citation.id                        primary 
_citation.journal_abbrev            'to be published' 
_citation.journal_id_ASTM           ? 
_citation.journal_id_CSD            0353 
_citation.journal_id_ISSN           ? 
_citation.journal_full              ? 
_citation.journal_issue             ? 
_citation.journal_volume            ? 
_citation.language                  ? 
_citation.page_first                ? 
_citation.page_last                 ? 
_citation.title                     
'Structural basis of the thiol resolving mechanism in yeast mitochondrial 1-Cys peroxiredoxin via glutathione/thioredoxin systems' 
_citation.year                      ? 
_citation.database_id_CSD           ? 
_citation.pdbx_database_id_DOI      ? 
_citation.pdbx_database_id_PubMed   ? 
_citation.unpublished_flag          Y 
# 
loop_
_citation_author.citation_id 
_citation_author.name 
_citation_author.ordinal 
_citation_author.identifier_ORCID 
primary 'Li, C.C.'   1  ? 
primary 'Yang, J.'   2  ? 
primary 'Yang, M.J.' 3  ? 
primary 'Liu, L.'    4  ? 
primary 'Peng, C.T.' 5  ? 
primary 'Li, T.'     6  ? 
primary 'He, L.H.'   7  ? 
primary 'Song, Y.J.' 8  ? 
primary 'Zhu, Y.B.'  9  ? 
primary 'Zhao, N.L.' 10 ? 
primary 'Zhao, C.'   11 ? 
primary 'Bao, R.'    12 ? 
# 
loop_
_entity.id 
_entity.type 
_entity.src_method 
_entity.pdbx_description 
_entity.formula_weight 
_entity.pdbx_number_of_molecules 
_entity.pdbx_ec 
_entity.pdbx_mutation 
_entity.pdbx_fragment 
_entity.details 
1 polymer man 'Thioredoxin-3, mitochondrial'            11835.740 1  ? C35S ? ? 
2 polymer man 'peptide THR-PRO-VAL-CYS-THR-THR-GLU-VAL' 848.960   1  ? ?    ? ? 
3 water   nat water                                     18.015    29 ? ?    ? ? 
# 
loop_
_entity_poly.entity_id 
_entity_poly.type 
_entity_poly.nstd_linkage 
_entity_poly.nstd_monomer 
_entity_poly.pdbx_seq_one_letter_code 
_entity_poly.pdbx_seq_one_letter_code_can 
_entity_poly.pdbx_strand_id 
_entity_poly.pdbx_target_identifier 
1 'polypeptide(L)' no no 
;SSYTSITKLTNLTEFRNLIKQNDKLVIDFYATWCGPSKMMQPHLTKLIQAYPDVRFVKCDVDESPDIAKECEVTAMPTFV
LGKDGQLIGKIIGANPTALEKGIKDL
;
;SSYTSITKLTNLTEFRNLIKQNDKLVIDFYATWCGPSKMMQPHLTKLIQAYPDVRFVKCDVDESPDIAKECEVTAMPTFV
LGKDGQLIGKIIGANPTALEKGIKDL
;
A ? 
2 'polypeptide(L)' no no TPVCTTEV TPVCTTEV B ? 
# 
_pdbx_entity_nonpoly.entity_id   3 
_pdbx_entity_nonpoly.name        water 
_pdbx_entity_nonpoly.comp_id     HOH 
# 
loop_
_entity_poly_seq.entity_id 
_entity_poly_seq.num 
_entity_poly_seq.mon_id 
_entity_poly_seq.hetero 
1 1   SER n 
1 2   SER n 
1 3   TYR n 
1 4   THR n 
1 5   SER n 
1 6   ILE n 
1 7   THR n 
1 8   LYS n 
1 9   LEU n 
1 10  THR n 
1 11  ASN n 
1 12  LEU n 
1 13  THR n 
1 14  GLU n 
1 15  PHE n 
1 16  ARG n 
1 17  ASN n 
1 18  LEU n 
1 19  ILE n 
1 20  LYS n 
1 21  GLN n 
1 22  ASN n 
1 23  ASP n 
1 24  LYS n 
1 25  LEU n 
1 26  VAL n 
1 27  ILE n 
1 28  ASP n 
1 29  PHE n 
1 30  TYR n 
1 31  ALA n 
1 32  THR n 
1 33  TRP n 
1 34  CYS n 
1 35  GLY n 
1 36  PRO n 
1 37  SER n 
1 38  LYS n 
1 39  MET n 
1 40  MET n 
1 41  GLN n 
1 42  PRO n 
1 43  HIS n 
1 44  LEU n 
1 45  THR n 
1 46  LYS n 
1 47  LEU n 
1 48  ILE n 
1 49  GLN n 
1 50  ALA n 
1 51  TYR n 
1 52  PRO n 
1 53  ASP n 
1 54  VAL n 
1 55  ARG n 
1 56  PHE n 
1 57  VAL n 
1 58  LYS n 
1 59  CYS n 
1 60  ASP n 
1 61  VAL n 
1 62  ASP n 
1 63  GLU n 
1 64  SER n 
1 65  PRO n 
1 66  ASP n 
1 67  ILE n 
1 68  ALA n 
1 69  LYS n 
1 70  GLU n 
1 71  CYS n 
1 72  GLU n 
1 73  VAL n 
1 74  THR n 
1 75  ALA n 
1 76  MET n 
1 77  PRO n 
1 78  THR n 
1 79  PHE n 
1 80  VAL n 
1 81  LEU n 
1 82  GLY n 
1 83  LYS n 
1 84  ASP n 
1 85  GLY n 
1 86  GLN n 
1 87  LEU n 
1 88  ILE n 
1 89  GLY n 
1 90  LYS n 
1 91  ILE n 
1 92  ILE n 
1 93  GLY n 
1 94  ALA n 
1 95  ASN n 
1 96  PRO n 
1 97  THR n 
1 98  ALA n 
1 99  LEU n 
1 100 GLU n 
1 101 LYS n 
1 102 GLY n 
1 103 ILE n 
1 104 LYS n 
1 105 ASP n 
1 106 LEU n 
2 1   THR n 
2 2   PRO n 
2 3   VAL n 
2 4   CYS n 
2 5   THR n 
2 6   THR n 
2 7   GLU n 
2 8   VAL n 
# 
loop_
_entity_src_gen.entity_id 
_entity_src_gen.pdbx_src_id 
_entity_src_gen.pdbx_alt_source_flag 
_entity_src_gen.pdbx_seq_type 
_entity_src_gen.pdbx_beg_seq_num 
_entity_src_gen.pdbx_end_seq_num 
_entity_src_gen.gene_src_common_name 
_entity_src_gen.gene_src_genus 
_entity_src_gen.pdbx_gene_src_gene 
_entity_src_gen.gene_src_species 
_entity_src_gen.gene_src_strain 
_entity_src_gen.gene_src_tissue 
_entity_src_gen.gene_src_tissue_fraction 
_entity_src_gen.gene_src_details 
_entity_src_gen.pdbx_gene_src_fragment 
_entity_src_gen.pdbx_gene_src_scientific_name 
_entity_src_gen.pdbx_gene_src_ncbi_taxonomy_id 
_entity_src_gen.pdbx_gene_src_variant 
_entity_src_gen.pdbx_gene_src_cell_line 
_entity_src_gen.pdbx_gene_src_atcc 
_entity_src_gen.pdbx_gene_src_organ 
_entity_src_gen.pdbx_gene_src_organelle 
_entity_src_gen.pdbx_gene_src_cell 
_entity_src_gen.pdbx_gene_src_cellular_location 
_entity_src_gen.host_org_common_name 
_entity_src_gen.pdbx_host_org_scientific_name 
_entity_src_gen.pdbx_host_org_ncbi_taxonomy_id 
_entity_src_gen.host_org_genus 
_entity_src_gen.pdbx_host_org_gene 
_entity_src_gen.pdbx_host_org_organ 
_entity_src_gen.host_org_species 
_entity_src_gen.pdbx_host_org_tissue 
_entity_src_gen.pdbx_host_org_tissue_fraction 
_entity_src_gen.pdbx_host_org_strain 
_entity_src_gen.pdbx_host_org_variant 
_entity_src_gen.pdbx_host_org_cell_line 
_entity_src_gen.pdbx_host_org_atcc 
_entity_src_gen.pdbx_host_org_culture_collection 
_entity_src_gen.pdbx_host_org_cell 
_entity_src_gen.pdbx_host_org_organelle 
_entity_src_gen.pdbx_host_org_cellular_location 
_entity_src_gen.pdbx_host_org_vector_type 
_entity_src_gen.pdbx_host_org_vector 
_entity_src_gen.host_org_details 
_entity_src_gen.expression_system_id 
_entity_src_gen.plasmid_name 
_entity_src_gen.plasmid_details 
_entity_src_gen.pdbx_description 
1 1 sample 'Biological sequence' 1 106 
;Baker's yeast
;
? 'TRX3, YCR083W, YCR83W' ? 'ATCC 204508 / S288c' ? ? ? ? 'Saccharomyces cerevisiae (strain ATCC 204508 / S288c)' 559292 ? ? ? ? ? 
? ? ? 'Escherichia coli BL21(DE3)' 469008 ? ? ? ? ? ? 'BL21(DE3)' ? ? ? ? ? ? ? ? ? ? ? ? ? ? 
2 1 sample 'Biological sequence' 1 8   
;Baker's yeast
;
? PRX1                    ? 'ATCC 204508 / S288c' ? ? ? ? 'Saccharomyces cerevisiae S288c'                        559292 ? ? ? ? ? 
? ? ? 'Escherichia coli BL21(DE3)' 469008 ? ? ? ? ? ? 'BL21(DE3)' ? ? ? ? ? ? ? ? ? ? ? ? ? ? 
# 
loop_
_chem_comp.id 
_chem_comp.type 
_chem_comp.mon_nstd_flag 
_chem_comp.name 
_chem_comp.pdbx_synonyms 
_chem_comp.formula 
_chem_comp.formula_weight 
ALA 'L-peptide linking' y ALANINE         ? 'C3 H7 N O2'     89.093  
ARG 'L-peptide linking' y ARGININE        ? 'C6 H15 N4 O2 1' 175.209 
ASN 'L-peptide linking' y ASPARAGINE      ? 'C4 H8 N2 O3'    132.118 
ASP 'L-peptide linking' y 'ASPARTIC ACID' ? 'C4 H7 N O4'     133.103 
CYS 'L-peptide linking' y CYSTEINE        ? 'C3 H7 N O2 S'   121.158 
GLN 'L-peptide linking' y GLUTAMINE       ? 'C5 H10 N2 O3'   146.144 
GLU 'L-peptide linking' y 'GLUTAMIC ACID' ? 'C5 H9 N O4'     147.129 
GLY 'peptide linking'   y GLYCINE         ? 'C2 H5 N O2'     75.067  
HIS 'L-peptide linking' y HISTIDINE       ? 'C6 H10 N3 O2 1' 156.162 
HOH non-polymer         . WATER           ? 'H2 O'           18.015  
ILE 'L-peptide linking' y ISOLEUCINE      ? 'C6 H13 N O2'    131.173 
LEU 'L-peptide linking' y LEUCINE         ? 'C6 H13 N O2'    131.173 
LYS 'L-peptide linking' y LYSINE          ? 'C6 H15 N2 O2 1' 147.195 
MET 'L-peptide linking' y METHIONINE      ? 'C5 H11 N O2 S'  149.211 
PHE 'L-peptide linking' y PHENYLALANINE   ? 'C9 H11 N O2'    165.189 
PRO 'L-peptide linking' y PROLINE         ? 'C5 H9 N O2'     115.130 
SER 'L-peptide linking' y SERINE          ? 'C3 H7 N O3'     105.093 
THR 'L-peptide linking' y THREONINE       ? 'C4 H9 N O3'     119.119 
TRP 'L-peptide linking' y TRYPTOPHAN      ? 'C11 H12 N2 O2'  204.225 
TYR 'L-peptide linking' y TYROSINE        ? 'C9 H11 N O3'    181.189 
VAL 'L-peptide linking' y VALINE          ? 'C5 H11 N O2'    117.146 
# 
loop_
_pdbx_poly_seq_scheme.asym_id 
_pdbx_poly_seq_scheme.entity_id 
_pdbx_poly_seq_scheme.seq_id 
_pdbx_poly_seq_scheme.mon_id 
_pdbx_poly_seq_scheme.ndb_seq_num 
_pdbx_poly_seq_scheme.pdb_seq_num 
_pdbx_poly_seq_scheme.auth_seq_num 
_pdbx_poly_seq_scheme.pdb_mon_id 
_pdbx_poly_seq_scheme.auth_mon_id 
_pdbx_poly_seq_scheme.pdb_strand_id 
_pdbx_poly_seq_scheme.pdb_ins_code 
_pdbx_poly_seq_scheme.hetero 
A 1 1   SER 1   -1  -1  SER SER A . n 
A 1 2   SER 2   0   0   SER SER A . n 
A 1 3   TYR 3   1   1   TYR TYR A . n 
A 1 4   THR 4   2   2   THR THR A . n 
A 1 5   SER 5   3   3   SER SER A . n 
A 1 6   ILE 6   4   4   ILE ILE A . n 
A 1 7   THR 7   5   5   THR THR A . n 
A 1 8   LYS 8   6   6   LYS LYS A . n 
A 1 9   LEU 9   7   7   LEU LEU A . n 
A 1 10  THR 10  8   8   THR THR A . n 
A 1 11  ASN 11  9   9   ASN ASN A . n 
A 1 12  LEU 12  10  10  LEU LEU A . n 
A 1 13  THR 13  11  11  THR THR A . n 
A 1 14  GLU 14  12  12  GLU GLU A . n 
A 1 15  PHE 15  13  13  PHE PHE A . n 
A 1 16  ARG 16  14  14  ARG ARG A . n 
A 1 17  ASN 17  15  15  ASN ASN A . n 
A 1 18  LEU 18  16  16  LEU LEU A . n 
A 1 19  ILE 19  17  17  ILE ILE A . n 
A 1 20  LYS 20  18  18  LYS LYS A . n 
A 1 21  GLN 21  19  19  GLN GLN A . n 
A 1 22  ASN 22  20  20  ASN ASN A . n 
A 1 23  ASP 23  21  21  ASP ASP A . n 
A 1 24  LYS 24  22  22  LYS LYS A . n 
A 1 25  LEU 25  23  23  LEU LEU A . n 
A 1 26  VAL 26  24  24  VAL VAL A . n 
A 1 27  ILE 27  25  25  ILE ILE A . n 
A 1 28  ASP 28  26  26  ASP ASP A . n 
A 1 29  PHE 29  27  27  PHE PHE A . n 
A 1 30  TYR 30  28  28  TYR TYR A . n 
A 1 31  ALA 31  29  29  ALA ALA A . n 
A 1 32  THR 32  30  30  THR THR A . n 
A 1 33  TRP 33  31  31  TRP TRP A . n 
A 1 34  CYS 34  32  32  CYS CYS A . n 
A 1 35  GLY 35  33  33  GLY GLY A . n 
A 1 36  PRO 36  34  34  PRO PRO A . n 
A 1 37  SER 37  35  35  SER SER A . n 
A 1 38  LYS 38  36  36  LYS LYS A . n 
A 1 39  MET 39  37  37  MET MET A . n 
A 1 40  MET 40  38  38  MET MET A . n 
A 1 41  GLN 41  39  39  GLN GLN A . n 
A 1 42  PRO 42  40  40  PRO PRO A . n 
A 1 43  HIS 43  41  41  HIS HIS A . n 
A 1 44  LEU 44  42  42  LEU LEU A . n 
A 1 45  THR 45  43  43  THR THR A . n 
A 1 46  LYS 46  44  44  LYS LYS A . n 
A 1 47  LEU 47  45  45  LEU LEU A . n 
A 1 48  ILE 48  46  46  ILE ILE A . n 
A 1 49  GLN 49  47  47  GLN GLN A . n 
A 1 50  ALA 50  48  48  ALA ALA A . n 
A 1 51  TYR 51  49  49  TYR TYR A . n 
A 1 52  PRO 52  50  50  PRO PRO A . n 
A 1 53  ASP 53  51  51  ASP ASP A . n 
A 1 54  VAL 54  52  52  VAL VAL A . n 
A 1 55  ARG 55  53  53  ARG ARG A . n 
A 1 56  PHE 56  54  54  PHE PHE A . n 
A 1 57  VAL 57  55  55  VAL VAL A . n 
A 1 58  LYS 58  56  56  LYS LYS A . n 
A 1 59  CYS 59  57  57  CYS CYS A . n 
A 1 60  ASP 60  58  58  ASP ASP A . n 
A 1 61  VAL 61  59  59  VAL VAL A . n 
A 1 62  ASP 62  60  60  ASP ASP A . n 
A 1 63  GLU 63  61  61  GLU GLU A . n 
A 1 64  SER 64  62  62  SER SER A . n 
A 1 65  PRO 65  63  63  PRO PRO A . n 
A 1 66  ASP 66  64  64  ASP ASP A . n 
A 1 67  ILE 67  65  65  ILE ILE A . n 
A 1 68  ALA 68  66  66  ALA ALA A . n 
A 1 69  LYS 69  67  67  LYS LYS A . n 
A 1 70  GLU 70  68  68  GLU GLU A . n 
A 1 71  CYS 71  69  69  CYS CYS A . n 
A 1 72  GLU 72  70  70  GLU GLU A . n 
A 1 73  VAL 73  71  71  VAL VAL A . n 
A 1 74  THR 74  72  72  THR THR A . n 
A 1 75  ALA 75  73  73  ALA ALA A . n 
A 1 76  MET 76  74  74  MET MET A . n 
A 1 77  PRO 77  75  75  PRO PRO A . n 
A 1 78  THR 78  76  76  THR THR A . n 
A 1 79  PHE 79  77  77  PHE PHE A . n 
A 1 80  VAL 80  78  78  VAL VAL A . n 
A 1 81  LEU 81  79  79  LEU LEU A . n 
A 1 82  GLY 82  80  80  GLY GLY A . n 
A 1 83  LYS 83  81  81  LYS LYS A . n 
A 1 84  ASP 84  82  82  ASP ASP A . n 
A 1 85  GLY 85  83  83  GLY GLY A . n 
A 1 86  GLN 86  84  84  GLN GLN A . n 
A 1 87  LEU 87  85  85  LEU LEU A . n 
A 1 88  ILE 88  86  86  ILE ILE A . n 
A 1 89  GLY 89  87  87  GLY GLY A . n 
A 1 90  LYS 90  88  88  LYS LYS A . n 
A 1 91  ILE 91  89  89  ILE ILE A . n 
A 1 92  ILE 92  90  90  ILE ILE A . n 
A 1 93  GLY 93  91  91  GLY GLY A . n 
A 1 94  ALA 94  92  92  ALA ALA A . n 
A 1 95  ASN 95  93  93  ASN ASN A . n 
A 1 96  PRO 96  94  94  PRO PRO A . n 
A 1 97  THR 97  95  95  THR THR A . n 
A 1 98  ALA 98  96  96  ALA ALA A . n 
A 1 99  LEU 99  97  97  LEU LEU A . n 
A 1 100 GLU 100 98  98  GLU GLU A . n 
A 1 101 LYS 101 99  99  LYS LYS A . n 
A 1 102 GLY 102 100 100 GLY GLY A . n 
A 1 103 ILE 103 101 101 ILE ILE A . n 
A 1 104 LYS 104 102 102 LYS LYS A . n 
A 1 105 ASP 105 103 103 ASP ASP A . n 
A 1 106 LEU 106 104 104 LEU LEU A . n 
B 2 1   THR 1   68  68  THR THR B . n 
B 2 2   PRO 2   69  69  PRO PRO B . n 
B 2 3   VAL 3   70  70  VAL VAL B . n 
B 2 4   CYS 4   71  71  CYS CYS B . n 
B 2 5   THR 5   72  72  THR THR B . n 
B 2 6   THR 6   73  73  THR THR B . n 
B 2 7   GLU 7   74  74  GLU GLU B . n 
B 2 8   VAL 8   75  75  VAL VAL B . n 
# 
loop_
_pdbx_nonpoly_scheme.asym_id 
_pdbx_nonpoly_scheme.entity_id 
_pdbx_nonpoly_scheme.mon_id 
_pdbx_nonpoly_scheme.ndb_seq_num 
_pdbx_nonpoly_scheme.pdb_seq_num 
_pdbx_nonpoly_scheme.auth_seq_num 
_pdbx_nonpoly_scheme.pdb_mon_id 
_pdbx_nonpoly_scheme.auth_mon_id 
_pdbx_nonpoly_scheme.pdb_strand_id 
_pdbx_nonpoly_scheme.pdb_ins_code 
C 3 HOH 1  202 202 HOH HOH A . 
C 3 HOH 2  203 203 HOH HOH A . 
C 3 HOH 3  204 204 HOH HOH A . 
C 3 HOH 4  205 205 HOH HOH A . 
C 3 HOH 5  206 206 HOH HOH A . 
C 3 HOH 6  207 207 HOH HOH A . 
C 3 HOH 7  208 208 HOH HOH A . 
C 3 HOH 8  209 209 HOH HOH A . 
C 3 HOH 9  210 210 HOH HOH A . 
C 3 HOH 10 211 211 HOH HOH A . 
C 3 HOH 11 212 212 HOH HOH A . 
C 3 HOH 12 213 213 HOH HOH A . 
C 3 HOH 13 214 214 HOH HOH A . 
C 3 HOH 14 215 215 HOH HOH A . 
C 3 HOH 15 216 216 HOH HOH A . 
C 3 HOH 16 217 217 HOH HOH A . 
C 3 HOH 17 218 218 HOH HOH A . 
C 3 HOH 18 220 220 HOH HOH A . 
C 3 HOH 19 221 221 HOH HOH A . 
C 3 HOH 20 222 222 HOH HOH A . 
C 3 HOH 21 223 223 HOH HOH A . 
C 3 HOH 22 224 224 HOH HOH A . 
C 3 HOH 23 225 225 HOH HOH A . 
C 3 HOH 24 226 226 HOH HOH A . 
C 3 HOH 25 227 227 HOH HOH A . 
C 3 HOH 26 228 228 HOH HOH A . 
C 3 HOH 27 229 229 HOH HOH A . 
C 3 HOH 28 230 230 HOH HOH A . 
D 3 HOH 1  102 102 HOH HOH B . 
# 
loop_
_software.citation_id 
_software.classification 
_software.compiler_name 
_software.compiler_version 
_software.contact_author 
_software.contact_author_email 
_software.date 
_software.description 
_software.dependencies 
_software.hardware 
_software.language 
_software.location 
_software.mods 
_software.name 
_software.os 
_software.os_version 
_software.type 
_software.version 
_software.pdbx_ordinal 
? refinement       ? ? ? ? ? ? ? ? ? ? ? PHENIX   ? ? ? 1.9_1692 1 
? 'data reduction' ? ? ? ? ? ? ? ? ? ? ? HKL-2000 ? ? ? .        2 
? 'data scaling'   ? ? ? ? ? ? ? ? ? ? ? HKL-2000 ? ? ? .        3 
? phasing          ? ? ? ? ? ? ? ? ? ? ? PHASER   ? ? ? .        4 
# 
_cell.angle_alpha                  90.00 
_cell.angle_alpha_esd              ? 
_cell.angle_beta                   90.00 
_cell.angle_beta_esd               ? 
_cell.angle_gamma                  120.00 
_cell.angle_gamma_esd              ? 
_cell.entry_id                     5YKW 
_cell.details                      ? 
_cell.formula_units_Z              ? 
_cell.length_a                     49.333 
_cell.length_a_esd                 ? 
_cell.length_b                     49.333 
_cell.length_b_esd                 ? 
_cell.length_c                     50.612 
_cell.length_c_esd                 ? 
_cell.volume                       ? 
_cell.volume_esd                   ? 
_cell.Z_PDB                        3 
_cell.reciprocal_angle_alpha       ? 
_cell.reciprocal_angle_beta        ? 
_cell.reciprocal_angle_gamma       ? 
_cell.reciprocal_angle_alpha_esd   ? 
_cell.reciprocal_angle_beta_esd    ? 
_cell.reciprocal_angle_gamma_esd   ? 
_cell.reciprocal_length_a          ? 
_cell.reciprocal_length_b          ? 
_cell.reciprocal_length_c          ? 
_cell.reciprocal_length_a_esd      ? 
_cell.reciprocal_length_b_esd      ? 
_cell.reciprocal_length_c_esd      ? 
_cell.pdbx_unique_axis             ? 
# 
_symmetry.entry_id                         5YKW 
_symmetry.cell_setting                     ? 
_symmetry.Int_Tables_number                145 
_symmetry.space_group_name_Hall            ? 
_symmetry.space_group_name_H-M             'P 32' 
_symmetry.pdbx_full_space_group_name_H-M   ? 
# 
_exptl.absorpt_coefficient_mu     ? 
_exptl.absorpt_correction_T_max   ? 
_exptl.absorpt_correction_T_min   ? 
_exptl.absorpt_correction_type    ? 
_exptl.absorpt_process_details    ? 
_exptl.entry_id                   5YKW 
_exptl.crystals_number            1 
_exptl.details                    ? 
_exptl.method                     'X-RAY DIFFRACTION' 
_exptl.method_details             ? 
# 
_exptl_crystal.colour                      ? 
_exptl_crystal.density_diffrn              ? 
_exptl_crystal.density_Matthews            2.80 
_exptl_crystal.density_method              ? 
_exptl_crystal.density_percent_sol         61.1 
_exptl_crystal.description                 ? 
_exptl_crystal.F_000                       ? 
_exptl_crystal.id                          1 
_exptl_crystal.preparation                 ? 
_exptl_crystal.size_max                    ? 
_exptl_crystal.size_mid                    ? 
_exptl_crystal.size_min                    ? 
_exptl_crystal.size_rad                    ? 
_exptl_crystal.colour_lustre               ? 
_exptl_crystal.colour_modifier             ? 
_exptl_crystal.colour_primary              ? 
_exptl_crystal.density_meas                ? 
_exptl_crystal.density_meas_esd            ? 
_exptl_crystal.density_meas_gt             ? 
_exptl_crystal.density_meas_lt             ? 
_exptl_crystal.density_meas_temp           ? 
_exptl_crystal.density_meas_temp_esd       ? 
_exptl_crystal.density_meas_temp_gt        ? 
_exptl_crystal.density_meas_temp_lt        ? 
_exptl_crystal.pdbx_crystal_image_url      ? 
_exptl_crystal.pdbx_crystal_image_format   ? 
_exptl_crystal.pdbx_mosaicity              ? 
_exptl_crystal.pdbx_mosaicity_esd          ? 
# 
_exptl_crystal_grow.apparatus       ? 
_exptl_crystal_grow.atmosphere      ? 
_exptl_crystal_grow.crystal_id      1 
_exptl_crystal_grow.details         ? 
_exptl_crystal_grow.method          'VAPOR DIFFUSION, HANGING DROP' 
_exptl_crystal_grow.method_ref      ? 
_exptl_crystal_grow.pH              7.0 
_exptl_crystal_grow.pressure        ? 
_exptl_crystal_grow.pressure_esd    ? 
_exptl_crystal_grow.seeding         ? 
_exptl_crystal_grow.seeding_ref     ? 
_exptl_crystal_grow.temp            292 
_exptl_crystal_grow.temp_details    ? 
_exptl_crystal_grow.temp_esd        ? 
_exptl_crystal_grow.time            ? 
_exptl_crystal_grow.pdbx_details    '20% (W/V) PEG-2000 MME ,100mM Tris base/Hydrochloric acid pH 7.0' 
_exptl_crystal_grow.pdbx_pH_range   ? 
# 
_diffrn.ambient_environment              ? 
_diffrn.ambient_temp                     100 
_diffrn.ambient_temp_details             ? 
_diffrn.ambient_temp_esd                 ? 
_diffrn.crystal_id                       1 
_diffrn.crystal_support                  ? 
_diffrn.crystal_treatment                ? 
_diffrn.details                          ? 
_diffrn.id                               1 
_diffrn.ambient_pressure                 ? 
_diffrn.ambient_pressure_esd             ? 
_diffrn.ambient_pressure_gt              ? 
_diffrn.ambient_pressure_lt              ? 
_diffrn.ambient_temp_gt                  ? 
_diffrn.ambient_temp_lt                  ? 
_diffrn.pdbx_serial_crystal_experiment   N 
# 
_diffrn_detector.details                      ? 
_diffrn_detector.detector                     PIXEL 
_diffrn_detector.diffrn_id                    1 
_diffrn_detector.type                         'DECTRIS PILATUS3 6M' 
_diffrn_detector.area_resol_mean              ? 
_diffrn_detector.dtime                        ? 
_diffrn_detector.pdbx_frames_total            ? 
_diffrn_detector.pdbx_collection_time_total   ? 
_diffrn_detector.pdbx_collection_date         2016-10-05 
_diffrn_detector.pdbx_frequency               ? 
# 
_diffrn_radiation.collimation                      ? 
_diffrn_radiation.diffrn_id                        1 
_diffrn_radiation.filter_edge                      ? 
_diffrn_radiation.inhomogeneity                    ? 
_diffrn_radiation.monochromator                    ? 
_diffrn_radiation.polarisn_norm                    ? 
_diffrn_radiation.polarisn_ratio                   ? 
_diffrn_radiation.probe                            ? 
_diffrn_radiation.type                             ? 
_diffrn_radiation.xray_symbol                      ? 
_diffrn_radiation.wavelength_id                    1 
_diffrn_radiation.pdbx_monochromatic_or_laue_m_l   M 
_diffrn_radiation.pdbx_wavelength_list             ? 
_diffrn_radiation.pdbx_wavelength                  ? 
_diffrn_radiation.pdbx_diffrn_protocol             'SINGLE WAVELENGTH' 
_diffrn_radiation.pdbx_analyzer                    ? 
_diffrn_radiation.pdbx_scattering_type             x-ray 
# 
_diffrn_radiation_wavelength.id           1 
_diffrn_radiation_wavelength.wavelength   0.97776 
_diffrn_radiation_wavelength.wt           1.0 
# 
_diffrn_source.current                     ? 
_diffrn_source.details                     ? 
_diffrn_source.diffrn_id                   1 
_diffrn_source.power                       ? 
_diffrn_source.size                        ? 
_diffrn_source.source                      SYNCHROTRON 
_diffrn_source.target                      ? 
_diffrn_source.type                        'SSRF BEAMLINE BL18U1' 
_diffrn_source.voltage                     ? 
_diffrn_source.take-off_angle              ? 
_diffrn_source.pdbx_wavelength_list        0.97776 
_diffrn_source.pdbx_wavelength             ? 
_diffrn_source.pdbx_synchrotron_beamline   BL18U1 
_diffrn_source.pdbx_synchrotron_site       SSRF 
# 
_reflns.B_iso_Wilson_estimate            ? 
_reflns.entry_id                         5YKW 
_reflns.data_reduction_details           ? 
_reflns.data_reduction_method            ? 
_reflns.d_resolution_high                2.075 
_reflns.d_resolution_low                 40.000 
_reflns.details                          ? 
_reflns.limit_h_max                      ? 
_reflns.limit_h_min                      ? 
_reflns.limit_k_max                      ? 
_reflns.limit_k_min                      ? 
_reflns.limit_l_max                      ? 
_reflns.limit_l_min                      ? 
_reflns.number_all                       ? 
_reflns.number_obs                       8273 
_reflns.observed_criterion               ? 
_reflns.observed_criterion_F_max         ? 
_reflns.observed_criterion_F_min         ? 
_reflns.observed_criterion_I_max         ? 
_reflns.observed_criterion_I_min         ? 
_reflns.observed_criterion_sigma_F       ? 
_reflns.observed_criterion_sigma_I       ? 
_reflns.percent_possible_obs             99.3 
_reflns.R_free_details                   ? 
_reflns.Rmerge_F_all                     ? 
_reflns.Rmerge_F_obs                     ? 
_reflns.Friedel_coverage                 ? 
_reflns.number_gt                        ? 
_reflns.threshold_expression             ? 
_reflns.pdbx_redundancy                  6.400 
_reflns.pdbx_Rmerge_I_obs                ? 
_reflns.pdbx_Rmerge_I_all                ? 
_reflns.pdbx_Rsym_value                  0.16100 
_reflns.pdbx_netI_over_av_sigmaI         ? 
_reflns.pdbx_netI_over_sigmaI            7.4300 
_reflns.pdbx_res_netI_over_av_sigmaI_2   ? 
_reflns.pdbx_res_netI_over_sigmaI_2      ? 
_reflns.pdbx_chi_squared                 ? 
_reflns.pdbx_scaling_rejects             ? 
_reflns.pdbx_d_res_high_opt              ? 
_reflns.pdbx_d_res_low_opt               ? 
_reflns.pdbx_d_res_opt_method            ? 
_reflns.phase_calculation_details        ? 
_reflns.pdbx_Rrim_I_all                  ? 
_reflns.pdbx_Rpim_I_all                  ? 
_reflns.pdbx_d_opt                       ? 
_reflns.pdbx_number_measured_all         ? 
_reflns.pdbx_diffrn_id                   1 
_reflns.pdbx_ordinal                     1 
_reflns.pdbx_CC_half                     ? 
_reflns.pdbx_R_split                     ? 
# 
_reflns_shell.d_res_high                  2.08 
_reflns_shell.d_res_low                   2.15 
_reflns_shell.meanI_over_sigI_all         ? 
_reflns_shell.meanI_over_sigI_obs         2.220 
_reflns_shell.number_measured_all         ? 
_reflns_shell.number_measured_obs         ? 
_reflns_shell.number_possible             ? 
_reflns_shell.number_unique_all           ? 
_reflns_shell.number_unique_obs           ? 
_reflns_shell.percent_possible_all        92.9 
_reflns_shell.percent_possible_obs        ? 
_reflns_shell.Rmerge_F_all                ? 
_reflns_shell.Rmerge_F_obs                ? 
_reflns_shell.Rmerge_I_all                ? 
_reflns_shell.Rmerge_I_obs                ? 
_reflns_shell.meanI_over_sigI_gt          ? 
_reflns_shell.meanI_over_uI_all           ? 
_reflns_shell.meanI_over_uI_gt            ? 
_reflns_shell.number_measured_gt          ? 
_reflns_shell.number_unique_gt            ? 
_reflns_shell.percent_possible_gt         ? 
_reflns_shell.Rmerge_F_gt                 ? 
_reflns_shell.Rmerge_I_gt                 ? 
_reflns_shell.pdbx_redundancy             5.40 
_reflns_shell.pdbx_Rsym_value             0.55500 
_reflns_shell.pdbx_chi_squared            ? 
_reflns_shell.pdbx_netI_over_sigmaI_all   ? 
_reflns_shell.pdbx_netI_over_sigmaI_obs   ? 
_reflns_shell.pdbx_Rrim_I_all             ? 
_reflns_shell.pdbx_Rpim_I_all             ? 
_reflns_shell.pdbx_rejects                ? 
_reflns_shell.pdbx_ordinal                1 
_reflns_shell.pdbx_diffrn_id              1 
_reflns_shell.pdbx_CC_half                ? 
_reflns_shell.pdbx_R_split                ? 
# 
_refine.aniso_B[1][1]                            ? 
_refine.aniso_B[1][2]                            ? 
_refine.aniso_B[1][3]                            ? 
_refine.aniso_B[2][2]                            ? 
_refine.aniso_B[2][3]                            ? 
_refine.aniso_B[3][3]                            ? 
_refine.B_iso_max                                ? 
_refine.B_iso_mean                               ? 
_refine.B_iso_min                                ? 
_refine.correlation_coeff_Fo_to_Fc               ? 
_refine.correlation_coeff_Fo_to_Fc_free          ? 
_refine.details                                  ? 
_refine.diff_density_max                         ? 
_refine.diff_density_max_esd                     ? 
_refine.diff_density_min                         ? 
_refine.diff_density_min_esd                     ? 
_refine.diff_density_rms                         ? 
_refine.diff_density_rms_esd                     ? 
_refine.entry_id                                 5YKW 
_refine.pdbx_refine_id                           'X-RAY DIFFRACTION' 
_refine.ls_abs_structure_details                 ? 
_refine.ls_abs_structure_Flack                   ? 
_refine.ls_abs_structure_Flack_esd               ? 
_refine.ls_abs_structure_Rogers                  ? 
_refine.ls_abs_structure_Rogers_esd              ? 
_refine.ls_d_res_high                            2.08 
_refine.ls_d_res_low                             32.65 
_refine.ls_extinction_coef                       ? 
_refine.ls_extinction_coef_esd                   ? 
_refine.ls_extinction_expression                 ? 
_refine.ls_extinction_method                     ? 
_refine.ls_goodness_of_fit_all                   ? 
_refine.ls_goodness_of_fit_all_esd               ? 
_refine.ls_goodness_of_fit_obs                   ? 
_refine.ls_goodness_of_fit_obs_esd               ? 
_refine.ls_hydrogen_treatment                    ? 
_refine.ls_matrix_type                           ? 
_refine.ls_number_constraints                    ? 
_refine.ls_number_parameters                     ? 
_refine.ls_number_reflns_all                     ? 
_refine.ls_number_reflns_obs                     8270 
_refine.ls_number_reflns_R_free                  836 
_refine.ls_number_reflns_R_work                  ? 
_refine.ls_number_restraints                     ? 
_refine.ls_percent_reflns_obs                    99.2 
_refine.ls_percent_reflns_R_free                 10.110 
_refine.ls_R_factor_all                          ? 
_refine.ls_R_factor_obs                          0.178 
_refine.ls_R_factor_R_free                       0.210 
_refine.ls_R_factor_R_free_error                 ? 
_refine.ls_R_factor_R_free_error_details         ? 
_refine.ls_R_factor_R_work                       0.175 
_refine.ls_R_Fsqd_factor_obs                     ? 
_refine.ls_R_I_factor_obs                        ? 
_refine.ls_redundancy_reflns_all                 ? 
_refine.ls_redundancy_reflns_obs                 ? 
_refine.ls_restrained_S_all                      ? 
_refine.ls_restrained_S_obs                      ? 
_refine.ls_shift_over_esd_max                    ? 
_refine.ls_shift_over_esd_mean                   ? 
_refine.ls_structure_factor_coef                 ? 
_refine.ls_weighting_details                     ? 
_refine.ls_weighting_scheme                      ? 
_refine.ls_wR_factor_all                         ? 
_refine.ls_wR_factor_obs                         ? 
_refine.ls_wR_factor_R_free                      ? 
_refine.ls_wR_factor_R_work                      ? 
_refine.occupancy_max                            ? 
_refine.occupancy_min                            ? 
_refine.solvent_model_details                    'FLAT BULK SOLVENT MODEL' 
_refine.solvent_model_param_bsol                 ? 
_refine.solvent_model_param_ksol                 ? 
_refine.ls_R_factor_gt                           ? 
_refine.ls_goodness_of_fit_gt                    ? 
_refine.ls_goodness_of_fit_ref                   ? 
_refine.ls_shift_over_su_max                     ? 
_refine.ls_shift_over_su_max_lt                  ? 
_refine.ls_shift_over_su_mean                    ? 
_refine.ls_shift_over_su_mean_lt                 ? 
_refine.pdbx_ls_sigma_I                          ? 
_refine.pdbx_ls_sigma_F                          2.010 
_refine.pdbx_ls_sigma_Fsqd                       ? 
_refine.pdbx_data_cutoff_high_absF               ? 
_refine.pdbx_data_cutoff_high_rms_absF           ? 
_refine.pdbx_data_cutoff_low_absF                ? 
_refine.pdbx_isotropic_thermal_model             ? 
_refine.pdbx_ls_cross_valid_method               'FREE R-VALUE' 
_refine.pdbx_method_to_determine_struct          ? 
_refine.pdbx_starting_model                      ? 
_refine.pdbx_stereochemistry_target_values       ML 
_refine.pdbx_R_Free_selection_details            ? 
_refine.pdbx_stereochem_target_val_spec_case     ? 
_refine.pdbx_overall_ESU_R                       ? 
_refine.pdbx_overall_ESU_R_Free                  ? 
_refine.pdbx_solvent_vdw_probe_radii             1.11 
_refine.pdbx_solvent_ion_probe_radii             ? 
_refine.pdbx_solvent_shrinkage_radii             0.90 
_refine.pdbx_real_space_R                        ? 
_refine.pdbx_density_correlation                 ? 
_refine.pdbx_pd_number_of_powder_patterns        ? 
_refine.pdbx_pd_number_of_points                 ? 
_refine.pdbx_pd_meas_number_of_points            ? 
_refine.pdbx_pd_proc_ls_prof_R_factor            ? 
_refine.pdbx_pd_proc_ls_prof_wR_factor           ? 
_refine.pdbx_pd_Marquardt_correlation_coeff      ? 
_refine.pdbx_pd_Fsqrd_R_factor                   ? 
_refine.pdbx_pd_ls_matrix_band_width             ? 
_refine.pdbx_overall_phase_error                 21.630 
_refine.pdbx_overall_SU_R_free_Cruickshank_DPI   ? 
_refine.pdbx_overall_SU_R_free_Blow_DPI          ? 
_refine.pdbx_overall_SU_R_Blow_DPI               ? 
_refine.pdbx_TLS_residual_ADP_flag               ? 
_refine.pdbx_diffrn_id                           1 
_refine.overall_SU_B                             ? 
_refine.overall_SU_ML                            0.220 
_refine.overall_SU_R_Cruickshank_DPI             ? 
_refine.overall_SU_R_free                        ? 
_refine.overall_FOM_free_R_set                   ? 
_refine.overall_FOM_work_R_set                   ? 
_refine.pdbx_average_fsc_overall                 ? 
_refine.pdbx_average_fsc_work                    ? 
_refine.pdbx_average_fsc_free                    ? 
# 
_refine_hist.pdbx_refine_id                   'X-RAY DIFFRACTION' 
_refine_hist.cycle_id                         LAST 
_refine_hist.pdbx_number_atoms_protein        885 
_refine_hist.pdbx_number_atoms_nucleic_acid   0 
_refine_hist.pdbx_number_atoms_ligand         0 
_refine_hist.number_atoms_solvent             29 
_refine_hist.number_atoms_total               914 
_refine_hist.d_res_high                       2.08 
_refine_hist.d_res_low                        32.65 
# 
loop_
_refine_ls_restr.pdbx_refine_id 
_refine_ls_restr.criterion 
_refine_ls_restr.dev_ideal 
_refine_ls_restr.dev_ideal_target 
_refine_ls_restr.number 
_refine_ls_restr.rejects 
_refine_ls_restr.type 
_refine_ls_restr.weight 
_refine_ls_restr.pdbx_restraint_function 
'X-RAY DIFFRACTION' ? 0.024  ? 901  ? f_bond_d           ? ? 
'X-RAY DIFFRACTION' ? 1.757  ? 1220 ? f_angle_d          ? ? 
'X-RAY DIFFRACTION' ? 13.839 ? 339  ? f_dihedral_angle_d ? ? 
'X-RAY DIFFRACTION' ? 0.166  ? 147  ? f_chiral_restr     ? ? 
'X-RAY DIFFRACTION' ? 0.007  ? 153  ? f_plane_restr      ? ? 
# 
loop_
_refine_ls_shell.pdbx_refine_id 
_refine_ls_shell.d_res_high 
_refine_ls_shell.d_res_low 
_refine_ls_shell.number_reflns_all 
_refine_ls_shell.number_reflns_obs 
_refine_ls_shell.number_reflns_R_free 
_refine_ls_shell.number_reflns_R_work 
_refine_ls_shell.percent_reflns_obs 
_refine_ls_shell.percent_reflns_R_free 
_refine_ls_shell.R_factor_all 
_refine_ls_shell.R_factor_obs 
_refine_ls_shell.R_factor_R_free 
_refine_ls_shell.R_factor_R_free_error 
_refine_ls_shell.R_factor_R_work 
_refine_ls_shell.redundancy_reflns_all 
_refine_ls_shell.redundancy_reflns_obs 
_refine_ls_shell.wR_factor_all 
_refine_ls_shell.wR_factor_obs 
_refine_ls_shell.wR_factor_R_free 
_refine_ls_shell.wR_factor_R_work 
_refine_ls_shell.pdbx_total_number_of_bins_used 
_refine_ls_shell.pdbx_phase_error 
_refine_ls_shell.pdbx_fsc_work 
_refine_ls_shell.pdbx_fsc_free 
'X-RAY DIFFRACTION' 2.0752 2.2052  . . 132 1215 96.00  . . . 0.2357 . 0.2211 . . . . . . . . . . 
'X-RAY DIFFRACTION' 2.2052 2.3754  . . 143 1224 100.00 . . . 0.2772 . 0.2165 . . . . . . . . . . 
'X-RAY DIFFRACTION' 2.3754 2.6144  . . 142 1262 100.00 . . . 0.2394 . 0.2102 . . . . . . . . . . 
'X-RAY DIFFRACTION' 2.6144 2.9925  . . 141 1233 100.00 . . . 0.2447 . 0.1974 . . . . . . . . . . 
'X-RAY DIFFRACTION' 2.9925 3.7693  . . 144 1248 100.00 . . . 0.2004 . 0.1625 . . . . . . . . . . 
'X-RAY DIFFRACTION' 3.7693 32.6511 . . 134 1252 100.00 . . . 0.1788 . 0.1515 . . . . . . . . . . 
# 
_struct.entry_id                     5YKW 
_struct.title                        
'Structural basis of the thiol resolving mechanism in yeast mitochondrial 1-Cys peroxiredoxin via glutathione/thioredoxin systems' 
_struct.pdbx_model_details           ? 
_struct.pdbx_formula_weight          ? 
_struct.pdbx_formula_weight_method   ? 
_struct.pdbx_model_type_details      ? 
_struct.pdbx_CASP_flag               N 
# 
_struct_keywords.entry_id        5YKW 
_struct_keywords.text            'Saccharomyces cerevisiae, 1-Cys Peroxiredoxin, Thioredoxin, glutathione, TRANSFERASE' 
_struct_keywords.pdbx_keywords   TRANSFERASE 
# 
loop_
_struct_asym.id 
_struct_asym.pdbx_blank_PDB_chainid_flag 
_struct_asym.pdbx_modified 
_struct_asym.entity_id 
_struct_asym.details 
A N N 1 ? 
B N N 2 ? 
C N N 3 ? 
D N N 3 ? 
# 
loop_
_struct_ref.id 
_struct_ref.db_name 
_struct_ref.db_code 
_struct_ref.pdbx_db_accession 
_struct_ref.pdbx_db_isoform 
_struct_ref.entity_id 
_struct_ref.pdbx_seq_one_letter_code 
_struct_ref.pdbx_align_begin 
1 UNP TRX3_YEAST P25372 ? 1 
;SSYTSITKLTNLTEFRNLIKQNDKLVIDFYATWCGPCKMMQPHLTKLIQAYPDVRFVKCDVDESPDIAKECEVTAMPTFV
LGKDGQLIGKIIGANPTALEKGIKDL
;
22 
2 PDB 5YKW       5YKW   ? 2 ? 1  
# 
loop_
_struct_ref_seq.align_id 
_struct_ref_seq.ref_id 
_struct_ref_seq.pdbx_PDB_id_code 
_struct_ref_seq.pdbx_strand_id 
_struct_ref_seq.seq_align_beg 
_struct_ref_seq.pdbx_seq_align_beg_ins_code 
_struct_ref_seq.seq_align_end 
_struct_ref_seq.pdbx_seq_align_end_ins_code 
_struct_ref_seq.pdbx_db_accession 
_struct_ref_seq.db_align_beg 
_struct_ref_seq.pdbx_db_align_beg_ins_code 
_struct_ref_seq.db_align_end 
_struct_ref_seq.pdbx_db_align_end_ins_code 
_struct_ref_seq.pdbx_auth_seq_align_beg 
_struct_ref_seq.pdbx_auth_seq_align_end 
1 1 5YKW A 1 ? 106 ? P25372 22 ? 127 ? -1 104 
2 2 5YKW B 1 ? 8   ? 5YKW   68 ? 75  ? 68 75  
# 
_struct_ref_seq_dif.align_id                     1 
_struct_ref_seq_dif.pdbx_pdb_id_code             5YKW 
_struct_ref_seq_dif.mon_id                       SER 
_struct_ref_seq_dif.pdbx_pdb_strand_id           A 
_struct_ref_seq_dif.seq_num                      37 
_struct_ref_seq_dif.pdbx_pdb_ins_code            ? 
_struct_ref_seq_dif.pdbx_seq_db_name             UNP 
_struct_ref_seq_dif.pdbx_seq_db_accession_code   P25372 
_struct_ref_seq_dif.db_mon_id                    CYS 
_struct_ref_seq_dif.pdbx_seq_db_seq_num          58 
_struct_ref_seq_dif.details                      'engineered mutation' 
_struct_ref_seq_dif.pdbx_auth_seq_num            35 
_struct_ref_seq_dif.pdbx_ordinal                 1 
# 
_pdbx_struct_assembly.id                   1 
_pdbx_struct_assembly.details              author_and_software_defined_assembly 
_pdbx_struct_assembly.method_details       PISA 
_pdbx_struct_assembly.oligomeric_details   dimeric 
_pdbx_struct_assembly.oligomeric_count     2 
# 
loop_
_pdbx_struct_assembly_prop.biol_id 
_pdbx_struct_assembly_prop.type 
_pdbx_struct_assembly_prop.value 
_pdbx_struct_assembly_prop.details 
1 'ABSA (A^2)' 560  ? 
1 MORE         -7   ? 
1 'SSA (A^2)'  6050 ? 
# 
_pdbx_struct_assembly_gen.assembly_id       1 
_pdbx_struct_assembly_gen.oper_expression   1 
_pdbx_struct_assembly_gen.asym_id_list      A,B,C,D 
# 
_pdbx_struct_assembly_auth_evidence.id                     1 
_pdbx_struct_assembly_auth_evidence.assembly_id            1 
_pdbx_struct_assembly_auth_evidence.experimental_support   'gel filtration' 
_pdbx_struct_assembly_auth_evidence.details                ? 
# 
_pdbx_struct_oper_list.id                   1 
_pdbx_struct_oper_list.type                 'identity operation' 
_pdbx_struct_oper_list.name                 1_555 
_pdbx_struct_oper_list.symmetry_operation   x,y,z 
_pdbx_struct_oper_list.matrix[1][1]         1.0000000000 
_pdbx_struct_oper_list.matrix[1][2]         0.0000000000 
_pdbx_struct_oper_list.matrix[1][3]         0.0000000000 
_pdbx_struct_oper_list.vector[1]            0.0000000000 
_pdbx_struct_oper_list.matrix[2][1]         0.0000000000 
_pdbx_struct_oper_list.matrix[2][2]         1.0000000000 
_pdbx_struct_oper_list.matrix[2][3]         0.0000000000 
_pdbx_struct_oper_list.vector[2]            0.0000000000 
_pdbx_struct_oper_list.matrix[3][1]         0.0000000000 
_pdbx_struct_oper_list.matrix[3][2]         0.0000000000 
_pdbx_struct_oper_list.matrix[3][3]         1.0000000000 
_pdbx_struct_oper_list.vector[3]            0.0000000000 
# 
loop_
_struct_conf.conf_type_id 
_struct_conf.id 
_struct_conf.pdbx_PDB_helix_id 
_struct_conf.beg_label_comp_id 
_struct_conf.beg_label_asym_id 
_struct_conf.beg_label_seq_id 
_struct_conf.pdbx_beg_PDB_ins_code 
_struct_conf.end_label_comp_id 
_struct_conf.end_label_asym_id 
_struct_conf.end_label_seq_id 
_struct_conf.pdbx_end_PDB_ins_code 
_struct_conf.beg_auth_comp_id 
_struct_conf.beg_auth_asym_id 
_struct_conf.beg_auth_seq_id 
_struct_conf.end_auth_comp_id 
_struct_conf.end_auth_asym_id 
_struct_conf.end_auth_seq_id 
_struct_conf.pdbx_PDB_helix_class 
_struct_conf.details 
_struct_conf.pdbx_PDB_helix_length 
HELX_P HELX_P1 AA1 ASN A 11 ? ASN A 22  ? ASN A 9  ASN A 20  1 ? 12 
HELX_P HELX_P2 AA2 CYS A 34 ? MET A 40  ? CYS A 32 MET A 38  1 ? 7  
HELX_P HELX_P3 AA3 MET A 40 ? TYR A 51  ? MET A 38 TYR A 49  1 ? 12 
HELX_P HELX_P4 AA4 SER A 64 ? CYS A 71  ? SER A 62 CYS A 69  1 ? 8  
HELX_P HELX_P5 AA5 ASN A 95 ? ASP A 105 ? ASN A 93 ASP A 103 1 ? 11 
# 
_struct_conf_type.id          HELX_P 
_struct_conf_type.criteria    ? 
_struct_conf_type.reference   ? 
# 
_struct_conn.id                            disulf1 
_struct_conn.conn_type_id                  disulf 
_struct_conn.pdbx_leaving_atom_flag        ? 
_struct_conn.pdbx_PDB_id                   ? 
_struct_conn.ptnr1_label_asym_id           A 
_struct_conn.ptnr1_label_comp_id           CYS 
_struct_conn.ptnr1_label_seq_id            34 
_struct_conn.ptnr1_label_atom_id           SG 
_struct_conn.pdbx_ptnr1_label_alt_id       ? 
_struct_conn.pdbx_ptnr1_PDB_ins_code       ? 
_struct_conn.pdbx_ptnr1_standard_comp_id   ? 
_struct_conn.ptnr1_symmetry                1_555 
_struct_conn.ptnr2_label_asym_id           B 
_struct_conn.ptnr2_label_comp_id           CYS 
_struct_conn.ptnr2_label_seq_id            4 
_struct_conn.ptnr2_label_atom_id           SG 
_struct_conn.pdbx_ptnr2_label_alt_id       ? 
_struct_conn.pdbx_ptnr2_PDB_ins_code       ? 
_struct_conn.ptnr1_auth_asym_id            A 
_struct_conn.ptnr1_auth_comp_id            CYS 
_struct_conn.ptnr1_auth_seq_id             32 
_struct_conn.ptnr2_auth_asym_id            B 
_struct_conn.ptnr2_auth_comp_id            CYS 
_struct_conn.ptnr2_auth_seq_id             71 
_struct_conn.ptnr2_symmetry                1_555 
_struct_conn.pdbx_ptnr3_label_atom_id      ? 
_struct_conn.pdbx_ptnr3_label_seq_id       ? 
_struct_conn.pdbx_ptnr3_label_comp_id      ? 
_struct_conn.pdbx_ptnr3_label_asym_id      ? 
_struct_conn.pdbx_ptnr3_label_alt_id       ? 
_struct_conn.pdbx_ptnr3_PDB_ins_code       ? 
_struct_conn.details                       ? 
_struct_conn.pdbx_dist_value               2.251 
_struct_conn.pdbx_value_order              ? 
_struct_conn.pdbx_role                     ? 
# 
_struct_conn_type.id          disulf 
_struct_conn_type.criteria    ? 
_struct_conn_type.reference   ? 
# 
_pdbx_modification_feature.ordinal                            1 
_pdbx_modification_feature.label_comp_id                      CYS 
_pdbx_modification_feature.label_asym_id                      A 
_pdbx_modification_feature.label_seq_id                       34 
_pdbx_modification_feature.label_alt_id                       ? 
_pdbx_modification_feature.modified_residue_label_comp_id     CYS 
_pdbx_modification_feature.modified_residue_label_asym_id     B 
_pdbx_modification_feature.modified_residue_label_seq_id      4 
_pdbx_modification_feature.modified_residue_label_alt_id      ? 
_pdbx_modification_feature.auth_comp_id                       CYS 
_pdbx_modification_feature.auth_asym_id                       A 
_pdbx_modification_feature.auth_seq_id                        32 
_pdbx_modification_feature.PDB_ins_code                       ? 
_pdbx_modification_feature.symmetry                           1_555 
_pdbx_modification_feature.modified_residue_auth_comp_id      CYS 
_pdbx_modification_feature.modified_residue_auth_asym_id      B 
_pdbx_modification_feature.modified_residue_auth_seq_id       71 
_pdbx_modification_feature.modified_residue_PDB_ins_code      ? 
_pdbx_modification_feature.modified_residue_symmetry          1_555 
_pdbx_modification_feature.comp_id_linking_atom               SG 
_pdbx_modification_feature.modified_residue_id_linking_atom   SG 
_pdbx_modification_feature.modified_residue_id                . 
_pdbx_modification_feature.ref_pcm_id                         . 
_pdbx_modification_feature.ref_comp_id                        . 
_pdbx_modification_feature.type                               None 
_pdbx_modification_feature.category                           'Disulfide bridge' 
# 
_struct_mon_prot_cis.pdbx_id                1 
_struct_mon_prot_cis.label_comp_id          MET 
_struct_mon_prot_cis.label_seq_id           76 
_struct_mon_prot_cis.label_asym_id          A 
_struct_mon_prot_cis.label_alt_id           . 
_struct_mon_prot_cis.pdbx_PDB_ins_code      ? 
_struct_mon_prot_cis.auth_comp_id           MET 
_struct_mon_prot_cis.auth_seq_id            74 
_struct_mon_prot_cis.auth_asym_id           A 
_struct_mon_prot_cis.pdbx_label_comp_id_2   PRO 
_struct_mon_prot_cis.pdbx_label_seq_id_2    77 
_struct_mon_prot_cis.pdbx_label_asym_id_2   A 
_struct_mon_prot_cis.pdbx_PDB_ins_code_2    ? 
_struct_mon_prot_cis.pdbx_auth_comp_id_2    PRO 
_struct_mon_prot_cis.pdbx_auth_seq_id_2     75 
_struct_mon_prot_cis.pdbx_auth_asym_id_2    A 
_struct_mon_prot_cis.pdbx_PDB_model_num     1 
_struct_mon_prot_cis.pdbx_omega_angle       -3.41 
# 
loop_
_struct_sheet.id 
_struct_sheet.type 
_struct_sheet.number_strands 
_struct_sheet.details 
AA1 ? 4 ? 
AA2 ? 2 ? 
# 
loop_
_struct_sheet_order.sheet_id 
_struct_sheet_order.range_id_1 
_struct_sheet_order.range_id_2 
_struct_sheet_order.offset 
_struct_sheet_order.sense 
AA1 1 2 ? parallel      
AA1 2 3 ? anti-parallel 
AA1 3 4 ? anti-parallel 
AA2 1 2 ? anti-parallel 
# 
loop_
_struct_sheet_range.sheet_id 
_struct_sheet_range.id 
_struct_sheet_range.beg_label_comp_id 
_struct_sheet_range.beg_label_asym_id 
_struct_sheet_range.beg_label_seq_id 
_struct_sheet_range.pdbx_beg_PDB_ins_code 
_struct_sheet_range.end_label_comp_id 
_struct_sheet_range.end_label_asym_id 
_struct_sheet_range.end_label_seq_id 
_struct_sheet_range.pdbx_end_PDB_ins_code 
_struct_sheet_range.beg_auth_comp_id 
_struct_sheet_range.beg_auth_asym_id 
_struct_sheet_range.beg_auth_seq_id 
_struct_sheet_range.end_auth_comp_id 
_struct_sheet_range.end_auth_asym_id 
_struct_sheet_range.end_auth_seq_id 
AA1 1 ARG A 55 ? ASP A 60 ? ARG A 53 ASP A 58 
AA1 2 LYS A 24 ? TYR A 30 ? LYS A 22 TYR A 28 
AA1 3 THR A 78 ? LYS A 83 ? THR A 76 LYS A 81 
AA1 4 GLN A 86 ? ILE A 92 ? GLN A 84 ILE A 90 
AA2 1 ALA A 75 ? MET A 76 ? ALA A 73 MET A 74 
AA2 2 CYS B 4  ? THR B 5  ? CYS B 71 THR B 72 
# 
loop_
_pdbx_struct_sheet_hbond.sheet_id 
_pdbx_struct_sheet_hbond.range_id_1 
_pdbx_struct_sheet_hbond.range_id_2 
_pdbx_struct_sheet_hbond.range_1_label_atom_id 
_pdbx_struct_sheet_hbond.range_1_label_comp_id 
_pdbx_struct_sheet_hbond.range_1_label_asym_id 
_pdbx_struct_sheet_hbond.range_1_label_seq_id 
_pdbx_struct_sheet_hbond.range_1_PDB_ins_code 
_pdbx_struct_sheet_hbond.range_1_auth_atom_id 
_pdbx_struct_sheet_hbond.range_1_auth_comp_id 
_pdbx_struct_sheet_hbond.range_1_auth_asym_id 
_pdbx_struct_sheet_hbond.range_1_auth_seq_id 
_pdbx_struct_sheet_hbond.range_2_label_atom_id 
_pdbx_struct_sheet_hbond.range_2_label_comp_id 
_pdbx_struct_sheet_hbond.range_2_label_asym_id 
_pdbx_struct_sheet_hbond.range_2_label_seq_id 
_pdbx_struct_sheet_hbond.range_2_PDB_ins_code 
_pdbx_struct_sheet_hbond.range_2_auth_atom_id 
_pdbx_struct_sheet_hbond.range_2_auth_comp_id 
_pdbx_struct_sheet_hbond.range_2_auth_asym_id 
_pdbx_struct_sheet_hbond.range_2_auth_seq_id 
AA1 1 2 O ARG A 55 ? O ARG A 53 N VAL A 26 ? N VAL A 24 
AA1 2 3 N PHE A 29 ? N PHE A 27 O THR A 78 ? O THR A 76 
AA1 3 4 N PHE A 79 ? N PHE A 77 O ILE A 91 ? O ILE A 89 
AA2 1 2 N MET A 76 ? N MET A 74 O CYS B 4  ? O CYS B 71 
# 
_pdbx_entry_details.entry_id                   5YKW 
_pdbx_entry_details.compound_details           ? 
_pdbx_entry_details.source_details             ? 
_pdbx_entry_details.nonpolymer_details         ? 
_pdbx_entry_details.sequence_details           ? 
_pdbx_entry_details.has_ligand_of_interest     ? 
_pdbx_entry_details.has_protein_modification   Y 
# 
_pdbx_refine_tls.pdbx_refine_id   'X-RAY DIFFRACTION' 
_pdbx_refine_tls.id               1 
_pdbx_refine_tls.details          ? 
_pdbx_refine_tls.method           refined 
_pdbx_refine_tls.origin_x         -0.2608 
_pdbx_refine_tls.origin_y         0.2242 
_pdbx_refine_tls.origin_z         -0.1067 
_pdbx_refine_tls.T[1][1]          0.1808 
_pdbx_refine_tls.T[2][2]          0.2062 
_pdbx_refine_tls.T[3][3]          0.2069 
_pdbx_refine_tls.T[1][2]          -0.0072 
_pdbx_refine_tls.T[1][3]          -0.0264 
_pdbx_refine_tls.T[2][3]          -0.0053 
_pdbx_refine_tls.L[1][1]          2.9233 
_pdbx_refine_tls.L[2][2]          2.9403 
_pdbx_refine_tls.L[3][3]          3.6690 
_pdbx_refine_tls.L[1][2]          -0.3366 
_pdbx_refine_tls.L[1][3]          -0.0831 
_pdbx_refine_tls.L[2][3]          0.0044 
_pdbx_refine_tls.S[1][1]          -0.0329 
_pdbx_refine_tls.S[1][2]          0.0752 
_pdbx_refine_tls.S[1][3]          0.0226 
_pdbx_refine_tls.S[2][1]          -0.0428 
_pdbx_refine_tls.S[2][2]          -0.0191 
_pdbx_refine_tls.S[2][3]          -0.0175 
_pdbx_refine_tls.S[3][1]          0.0042 
_pdbx_refine_tls.S[3][2]          -0.1660 
_pdbx_refine_tls.S[3][3]          0.0398 
# 
_pdbx_refine_tls_group.pdbx_refine_id      'X-RAY DIFFRACTION' 
_pdbx_refine_tls_group.id                  1 
_pdbx_refine_tls_group.refine_tls_id       1 
_pdbx_refine_tls_group.beg_auth_asym_id    ? 
_pdbx_refine_tls_group.beg_auth_seq_id     ? 
_pdbx_refine_tls_group.beg_label_asym_id   ? 
_pdbx_refine_tls_group.beg_label_seq_id    ? 
_pdbx_refine_tls_group.end_auth_asym_id    ? 
_pdbx_refine_tls_group.end_auth_seq_id     ? 
_pdbx_refine_tls_group.end_label_asym_id   ? 
_pdbx_refine_tls_group.end_label_seq_id    ? 
_pdbx_refine_tls_group.selection           ? 
_pdbx_refine_tls_group.selection_details   ALL 
# 
loop_
_chem_comp_atom.comp_id 
_chem_comp_atom.atom_id 
_chem_comp_atom.type_symbol 
_chem_comp_atom.pdbx_aromatic_flag 
_chem_comp_atom.pdbx_stereo_config 
_chem_comp_atom.pdbx_ordinal 
ALA N    N N N 1   
ALA CA   C N S 2   
ALA C    C N N 3   
ALA O    O N N 4   
ALA CB   C N N 5   
ALA OXT  O N N 6   
ALA H    H N N 7   
ALA H2   H N N 8   
ALA HA   H N N 9   
ALA HB1  H N N 10  
ALA HB2  H N N 11  
ALA HB3  H N N 12  
ALA HXT  H N N 13  
ARG N    N N N 14  
ARG CA   C N S 15  
ARG C    C N N 16  
ARG O    O N N 17  
ARG CB   C N N 18  
ARG CG   C N N 19  
ARG CD   C N N 20  
ARG NE   N N N 21  
ARG CZ   C N N 22  
ARG NH1  N N N 23  
ARG NH2  N N N 24  
ARG OXT  O N N 25  
ARG H    H N N 26  
ARG H2   H N N 27  
ARG HA   H N N 28  
ARG HB2  H N N 29  
ARG HB3  H N N 30  
ARG HG2  H N N 31  
ARG HG3  H N N 32  
ARG HD2  H N N 33  
ARG HD3  H N N 34  
ARG HE   H N N 35  
ARG HH11 H N N 36  
ARG HH12 H N N 37  
ARG HH21 H N N 38  
ARG HH22 H N N 39  
ARG HXT  H N N 40  
ASN N    N N N 41  
ASN CA   C N S 42  
ASN C    C N N 43  
ASN O    O N N 44  
ASN CB   C N N 45  
ASN CG   C N N 46  
ASN OD1  O N N 47  
ASN ND2  N N N 48  
ASN OXT  O N N 49  
ASN H    H N N 50  
ASN H2   H N N 51  
ASN HA   H N N 52  
ASN HB2  H N N 53  
ASN HB3  H N N 54  
ASN HD21 H N N 55  
ASN HD22 H N N 56  
ASN HXT  H N N 57  
ASP N    N N N 58  
ASP CA   C N S 59  
ASP C    C N N 60  
ASP O    O N N 61  
ASP CB   C N N 62  
ASP CG   C N N 63  
ASP OD1  O N N 64  
ASP OD2  O N N 65  
ASP OXT  O N N 66  
ASP H    H N N 67  
ASP H2   H N N 68  
ASP HA   H N N 69  
ASP HB2  H N N 70  
ASP HB3  H N N 71  
ASP HD2  H N N 72  
ASP HXT  H N N 73  
CYS N    N N N 74  
CYS CA   C N R 75  
CYS C    C N N 76  
CYS O    O N N 77  
CYS CB   C N N 78  
CYS SG   S N N 79  
CYS OXT  O N N 80  
CYS H    H N N 81  
CYS H2   H N N 82  
CYS HA   H N N 83  
CYS HB2  H N N 84  
CYS HB3  H N N 85  
CYS HG   H N N 86  
CYS HXT  H N N 87  
GLN N    N N N 88  
GLN CA   C N S 89  
GLN C    C N N 90  
GLN O    O N N 91  
GLN CB   C N N 92  
GLN CG   C N N 93  
GLN CD   C N N 94  
GLN OE1  O N N 95  
GLN NE2  N N N 96  
GLN OXT  O N N 97  
GLN H    H N N 98  
GLN H2   H N N 99  
GLN HA   H N N 100 
GLN HB2  H N N 101 
GLN HB3  H N N 102 
GLN HG2  H N N 103 
GLN HG3  H N N 104 
GLN HE21 H N N 105 
GLN HE22 H N N 106 
GLN HXT  H N N 107 
GLU N    N N N 108 
GLU CA   C N S 109 
GLU C    C N N 110 
GLU O    O N N 111 
GLU CB   C N N 112 
GLU CG   C N N 113 
GLU CD   C N N 114 
GLU OE1  O N N 115 
GLU OE2  O N N 116 
GLU OXT  O N N 117 
GLU H    H N N 118 
GLU H2   H N N 119 
GLU HA   H N N 120 
GLU HB2  H N N 121 
GLU HB3  H N N 122 
GLU HG2  H N N 123 
GLU HG3  H N N 124 
GLU HE2  H N N 125 
GLU HXT  H N N 126 
GLY N    N N N 127 
GLY CA   C N N 128 
GLY C    C N N 129 
GLY O    O N N 130 
GLY OXT  O N N 131 
GLY H    H N N 132 
GLY H2   H N N 133 
GLY HA2  H N N 134 
GLY HA3  H N N 135 
GLY HXT  H N N 136 
HIS N    N N N 137 
HIS CA   C N S 138 
HIS C    C N N 139 
HIS O    O N N 140 
HIS CB   C N N 141 
HIS CG   C Y N 142 
HIS ND1  N Y N 143 
HIS CD2  C Y N 144 
HIS CE1  C Y N 145 
HIS NE2  N Y N 146 
HIS OXT  O N N 147 
HIS H    H N N 148 
HIS H2   H N N 149 
HIS HA   H N N 150 
HIS HB2  H N N 151 
HIS HB3  H N N 152 
HIS HD1  H N N 153 
HIS HD2  H N N 154 
HIS HE1  H N N 155 
HIS HE2  H N N 156 
HIS HXT  H N N 157 
HOH O    O N N 158 
HOH H1   H N N 159 
HOH H2   H N N 160 
ILE N    N N N 161 
ILE CA   C N S 162 
ILE C    C N N 163 
ILE O    O N N 164 
ILE CB   C N S 165 
ILE CG1  C N N 166 
ILE CG2  C N N 167 
ILE CD1  C N N 168 
ILE OXT  O N N 169 
ILE H    H N N 170 
ILE H2   H N N 171 
ILE HA   H N N 172 
ILE HB   H N N 173 
ILE HG12 H N N 174 
ILE HG13 H N N 175 
ILE HG21 H N N 176 
ILE HG22 H N N 177 
ILE HG23 H N N 178 
ILE HD11 H N N 179 
ILE HD12 H N N 180 
ILE HD13 H N N 181 
ILE HXT  H N N 182 
LEU N    N N N 183 
LEU CA   C N S 184 
LEU C    C N N 185 
LEU O    O N N 186 
LEU CB   C N N 187 
LEU CG   C N N 188 
LEU CD1  C N N 189 
LEU CD2  C N N 190 
LEU OXT  O N N 191 
LEU H    H N N 192 
LEU H2   H N N 193 
LEU HA   H N N 194 
LEU HB2  H N N 195 
LEU HB3  H N N 196 
LEU HG   H N N 197 
LEU HD11 H N N 198 
LEU HD12 H N N 199 
LEU HD13 H N N 200 
LEU HD21 H N N 201 
LEU HD22 H N N 202 
LEU HD23 H N N 203 
LEU HXT  H N N 204 
LYS N    N N N 205 
LYS CA   C N S 206 
LYS C    C N N 207 
LYS O    O N N 208 
LYS CB   C N N 209 
LYS CG   C N N 210 
LYS CD   C N N 211 
LYS CE   C N N 212 
LYS NZ   N N N 213 
LYS OXT  O N N 214 
LYS H    H N N 215 
LYS H2   H N N 216 
LYS HA   H N N 217 
LYS HB2  H N N 218 
LYS HB3  H N N 219 
LYS HG2  H N N 220 
LYS HG3  H N N 221 
LYS HD2  H N N 222 
LYS HD3  H N N 223 
LYS HE2  H N N 224 
LYS HE3  H N N 225 
LYS HZ1  H N N 226 
LYS HZ2  H N N 227 
LYS HZ3  H N N 228 
LYS HXT  H N N 229 
MET N    N N N 230 
MET CA   C N S 231 
MET C    C N N 232 
MET O    O N N 233 
MET CB   C N N 234 
MET CG   C N N 235 
MET SD   S N N 236 
MET CE   C N N 237 
MET OXT  O N N 238 
MET H    H N N 239 
MET H2   H N N 240 
MET HA   H N N 241 
MET HB2  H N N 242 
MET HB3  H N N 243 
MET HG2  H N N 244 
MET HG3  H N N 245 
MET HE1  H N N 246 
MET HE2  H N N 247 
MET HE3  H N N 248 
MET HXT  H N N 249 
PHE N    N N N 250 
PHE CA   C N S 251 
PHE C    C N N 252 
PHE O    O N N 253 
PHE CB   C N N 254 
PHE CG   C Y N 255 
PHE CD1  C Y N 256 
PHE CD2  C Y N 257 
PHE CE1  C Y N 258 
PHE CE2  C Y N 259 
PHE CZ   C Y N 260 
PHE OXT  O N N 261 
PHE H    H N N 262 
PHE H2   H N N 263 
PHE HA   H N N 264 
PHE HB2  H N N 265 
PHE HB3  H N N 266 
PHE HD1  H N N 267 
PHE HD2  H N N 268 
PHE HE1  H N N 269 
PHE HE2  H N N 270 
PHE HZ   H N N 271 
PHE HXT  H N N 272 
PRO N    N N N 273 
PRO CA   C N S 274 
PRO C    C N N 275 
PRO O    O N N 276 
PRO CB   C N N 277 
PRO CG   C N N 278 
PRO CD   C N N 279 
PRO OXT  O N N 280 
PRO H    H N N 281 
PRO HA   H N N 282 
PRO HB2  H N N 283 
PRO HB3  H N N 284 
PRO HG2  H N N 285 
PRO HG3  H N N 286 
PRO HD2  H N N 287 
PRO HD3  H N N 288 
PRO HXT  H N N 289 
SER N    N N N 290 
SER CA   C N S 291 
SER C    C N N 292 
SER O    O N N 293 
SER CB   C N N 294 
SER OG   O N N 295 
SER OXT  O N N 296 
SER H    H N N 297 
SER H2   H N N 298 
SER HA   H N N 299 
SER HB2  H N N 300 
SER HB3  H N N 301 
SER HG   H N N 302 
SER HXT  H N N 303 
THR N    N N N 304 
THR CA   C N S 305 
THR C    C N N 306 
THR O    O N N 307 
THR CB   C N R 308 
THR OG1  O N N 309 
THR CG2  C N N 310 
THR OXT  O N N 311 
THR H    H N N 312 
THR H2   H N N 313 
THR HA   H N N 314 
THR HB   H N N 315 
THR HG1  H N N 316 
THR HG21 H N N 317 
THR HG22 H N N 318 
THR HG23 H N N 319 
THR HXT  H N N 320 
TRP N    N N N 321 
TRP CA   C N S 322 
TRP C    C N N 323 
TRP O    O N N 324 
TRP CB   C N N 325 
TRP CG   C Y N 326 
TRP CD1  C Y N 327 
TRP CD2  C Y N 328 
TRP NE1  N Y N 329 
TRP CE2  C Y N 330 
TRP CE3  C Y N 331 
TRP CZ2  C Y N 332 
TRP CZ3  C Y N 333 
TRP CH2  C Y N 334 
TRP OXT  O N N 335 
TRP H    H N N 336 
TRP H2   H N N 337 
TRP HA   H N N 338 
TRP HB2  H N N 339 
TRP HB3  H N N 340 
TRP HD1  H N N 341 
TRP HE1  H N N 342 
TRP HE3  H N N 343 
TRP HZ2  H N N 344 
TRP HZ3  H N N 345 
TRP HH2  H N N 346 
TRP HXT  H N N 347 
TYR N    N N N 348 
TYR CA   C N S 349 
TYR C    C N N 350 
TYR O    O N N 351 
TYR CB   C N N 352 
TYR CG   C Y N 353 
TYR CD1  C Y N 354 
TYR CD2  C Y N 355 
TYR CE1  C Y N 356 
TYR CE2  C Y N 357 
TYR CZ   C Y N 358 
TYR OH   O N N 359 
TYR OXT  O N N 360 
TYR H    H N N 361 
TYR H2   H N N 362 
TYR HA   H N N 363 
TYR HB2  H N N 364 
TYR HB3  H N N 365 
TYR HD1  H N N 366 
TYR HD2  H N N 367 
TYR HE1  H N N 368 
TYR HE2  H N N 369 
TYR HH   H N N 370 
TYR HXT  H N N 371 
VAL N    N N N 372 
VAL CA   C N S 373 
VAL C    C N N 374 
VAL O    O N N 375 
VAL CB   C N N 376 
VAL CG1  C N N 377 
VAL CG2  C N N 378 
VAL OXT  O N N 379 
VAL H    H N N 380 
VAL H2   H N N 381 
VAL HA   H N N 382 
VAL HB   H N N 383 
VAL HG11 H N N 384 
VAL HG12 H N N 385 
VAL HG13 H N N 386 
VAL HG21 H N N 387 
VAL HG22 H N N 388 
VAL HG23 H N N 389 
VAL HXT  H N N 390 
# 
loop_
_chem_comp_bond.comp_id 
_chem_comp_bond.atom_id_1 
_chem_comp_bond.atom_id_2 
_chem_comp_bond.value_order 
_chem_comp_bond.pdbx_aromatic_flag 
_chem_comp_bond.pdbx_stereo_config 
_chem_comp_bond.pdbx_ordinal 
ALA N   CA   sing N N 1   
ALA N   H    sing N N 2   
ALA N   H2   sing N N 3   
ALA CA  C    sing N N 4   
ALA CA  CB   sing N N 5   
ALA CA  HA   sing N N 6   
ALA C   O    doub N N 7   
ALA C   OXT  sing N N 8   
ALA CB  HB1  sing N N 9   
ALA CB  HB2  sing N N 10  
ALA CB  HB3  sing N N 11  
ALA OXT HXT  sing N N 12  
ARG N   CA   sing N N 13  
ARG N   H    sing N N 14  
ARG N   H2   sing N N 15  
ARG CA  C    sing N N 16  
ARG CA  CB   sing N N 17  
ARG CA  HA   sing N N 18  
ARG C   O    doub N N 19  
ARG C   OXT  sing N N 20  
ARG CB  CG   sing N N 21  
ARG CB  HB2  sing N N 22  
ARG CB  HB3  sing N N 23  
ARG CG  CD   sing N N 24  
ARG CG  HG2  sing N N 25  
ARG CG  HG3  sing N N 26  
ARG CD  NE   sing N N 27  
ARG CD  HD2  sing N N 28  
ARG CD  HD3  sing N N 29  
ARG NE  CZ   sing N N 30  
ARG NE  HE   sing N N 31  
ARG CZ  NH1  sing N N 32  
ARG CZ  NH2  doub N N 33  
ARG NH1 HH11 sing N N 34  
ARG NH1 HH12 sing N N 35  
ARG NH2 HH21 sing N N 36  
ARG NH2 HH22 sing N N 37  
ARG OXT HXT  sing N N 38  
ASN N   CA   sing N N 39  
ASN N   H    sing N N 40  
ASN N   H2   sing N N 41  
ASN CA  C    sing N N 42  
ASN CA  CB   sing N N 43  
ASN CA  HA   sing N N 44  
ASN C   O    doub N N 45  
ASN C   OXT  sing N N 46  
ASN CB  CG   sing N N 47  
ASN CB  HB2  sing N N 48  
ASN CB  HB3  sing N N 49  
ASN CG  OD1  doub N N 50  
ASN CG  ND2  sing N N 51  
ASN ND2 HD21 sing N N 52  
ASN ND2 HD22 sing N N 53  
ASN OXT HXT  sing N N 54  
ASP N   CA   sing N N 55  
ASP N   H    sing N N 56  
ASP N   H2   sing N N 57  
ASP CA  C    sing N N 58  
ASP CA  CB   sing N N 59  
ASP CA  HA   sing N N 60  
ASP C   O    doub N N 61  
ASP C   OXT  sing N N 62  
ASP CB  CG   sing N N 63  
ASP CB  HB2  sing N N 64  
ASP CB  HB3  sing N N 65  
ASP CG  OD1  doub N N 66  
ASP CG  OD2  sing N N 67  
ASP OD2 HD2  sing N N 68  
ASP OXT HXT  sing N N 69  
CYS N   CA   sing N N 70  
CYS N   H    sing N N 71  
CYS N   H2   sing N N 72  
CYS CA  C    sing N N 73  
CYS CA  CB   sing N N 74  
CYS CA  HA   sing N N 75  
CYS C   O    doub N N 76  
CYS C   OXT  sing N N 77  
CYS CB  SG   sing N N 78  
CYS CB  HB2  sing N N 79  
CYS CB  HB3  sing N N 80  
CYS SG  HG   sing N N 81  
CYS OXT HXT  sing N N 82  
GLN N   CA   sing N N 83  
GLN N   H    sing N N 84  
GLN N   H2   sing N N 85  
GLN CA  C    sing N N 86  
GLN CA  CB   sing N N 87  
GLN CA  HA   sing N N 88  
GLN C   O    doub N N 89  
GLN C   OXT  sing N N 90  
GLN CB  CG   sing N N 91  
GLN CB  HB2  sing N N 92  
GLN CB  HB3  sing N N 93  
GLN CG  CD   sing N N 94  
GLN CG  HG2  sing N N 95  
GLN CG  HG3  sing N N 96  
GLN CD  OE1  doub N N 97  
GLN CD  NE2  sing N N 98  
GLN NE2 HE21 sing N N 99  
GLN NE2 HE22 sing N N 100 
GLN OXT HXT  sing N N 101 
GLU N   CA   sing N N 102 
GLU N   H    sing N N 103 
GLU N   H2   sing N N 104 
GLU CA  C    sing N N 105 
GLU CA  CB   sing N N 106 
GLU CA  HA   sing N N 107 
GLU C   O    doub N N 108 
GLU C   OXT  sing N N 109 
GLU CB  CG   sing N N 110 
GLU CB  HB2  sing N N 111 
GLU CB  HB3  sing N N 112 
GLU CG  CD   sing N N 113 
GLU CG  HG2  sing N N 114 
GLU CG  HG3  sing N N 115 
GLU CD  OE1  doub N N 116 
GLU CD  OE2  sing N N 117 
GLU OE2 HE2  sing N N 118 
GLU OXT HXT  sing N N 119 
GLY N   CA   sing N N 120 
GLY N   H    sing N N 121 
GLY N   H2   sing N N 122 
GLY CA  C    sing N N 123 
GLY CA  HA2  sing N N 124 
GLY CA  HA3  sing N N 125 
GLY C   O    doub N N 126 
GLY C   OXT  sing N N 127 
GLY OXT HXT  sing N N 128 
HIS N   CA   sing N N 129 
HIS N   H    sing N N 130 
HIS N   H2   sing N N 131 
HIS CA  C    sing N N 132 
HIS CA  CB   sing N N 133 
HIS CA  HA   sing N N 134 
HIS C   O    doub N N 135 
HIS C   OXT  sing N N 136 
HIS CB  CG   sing N N 137 
HIS CB  HB2  sing N N 138 
HIS CB  HB3  sing N N 139 
HIS CG  ND1  sing Y N 140 
HIS CG  CD2  doub Y N 141 
HIS ND1 CE1  doub Y N 142 
HIS ND1 HD1  sing N N 143 
HIS CD2 NE2  sing Y N 144 
HIS CD2 HD2  sing N N 145 
HIS CE1 NE2  sing Y N 146 
HIS CE1 HE1  sing N N 147 
HIS NE2 HE2  sing N N 148 
HIS OXT HXT  sing N N 149 
HOH O   H1   sing N N 150 
HOH O   H2   sing N N 151 
ILE N   CA   sing N N 152 
ILE N   H    sing N N 153 
ILE N   H2   sing N N 154 
ILE CA  C    sing N N 155 
ILE CA  CB   sing N N 156 
ILE CA  HA   sing N N 157 
ILE C   O    doub N N 158 
ILE C   OXT  sing N N 159 
ILE CB  CG1  sing N N 160 
ILE CB  CG2  sing N N 161 
ILE CB  HB   sing N N 162 
ILE CG1 CD1  sing N N 163 
ILE CG1 HG12 sing N N 164 
ILE CG1 HG13 sing N N 165 
ILE CG2 HG21 sing N N 166 
ILE CG2 HG22 sing N N 167 
ILE CG2 HG23 sing N N 168 
ILE CD1 HD11 sing N N 169 
ILE CD1 HD12 sing N N 170 
ILE CD1 HD13 sing N N 171 
ILE OXT HXT  sing N N 172 
LEU N   CA   sing N N 173 
LEU N   H    sing N N 174 
LEU N   H2   sing N N 175 
LEU CA  C    sing N N 176 
LEU CA  CB   sing N N 177 
LEU CA  HA   sing N N 178 
LEU C   O    doub N N 179 
LEU C   OXT  sing N N 180 
LEU CB  CG   sing N N 181 
LEU CB  HB2  sing N N 182 
LEU CB  HB3  sing N N 183 
LEU CG  CD1  sing N N 184 
LEU CG  CD2  sing N N 185 
LEU CG  HG   sing N N 186 
LEU CD1 HD11 sing N N 187 
LEU CD1 HD12 sing N N 188 
LEU CD1 HD13 sing N N 189 
LEU CD2 HD21 sing N N 190 
LEU CD2 HD22 sing N N 191 
LEU CD2 HD23 sing N N 192 
LEU OXT HXT  sing N N 193 
LYS N   CA   sing N N 194 
LYS N   H    sing N N 195 
LYS N   H2   sing N N 196 
LYS CA  C    sing N N 197 
LYS CA  CB   sing N N 198 
LYS CA  HA   sing N N 199 
LYS C   O    doub N N 200 
LYS C   OXT  sing N N 201 
LYS CB  CG   sing N N 202 
LYS CB  HB2  sing N N 203 
LYS CB  HB3  sing N N 204 
LYS CG  CD   sing N N 205 
LYS CG  HG2  sing N N 206 
LYS CG  HG3  sing N N 207 
LYS CD  CE   sing N N 208 
LYS CD  HD2  sing N N 209 
LYS CD  HD3  sing N N 210 
LYS CE  NZ   sing N N 211 
LYS CE  HE2  sing N N 212 
LYS CE  HE3  sing N N 213 
LYS NZ  HZ1  sing N N 214 
LYS NZ  HZ2  sing N N 215 
LYS NZ  HZ3  sing N N 216 
LYS OXT HXT  sing N N 217 
MET N   CA   sing N N 218 
MET N   H    sing N N 219 
MET N   H2   sing N N 220 
MET CA  C    sing N N 221 
MET CA  CB   sing N N 222 
MET CA  HA   sing N N 223 
MET C   O    doub N N 224 
MET C   OXT  sing N N 225 
MET CB  CG   sing N N 226 
MET CB  HB2  sing N N 227 
MET CB  HB3  sing N N 228 
MET CG  SD   sing N N 229 
MET CG  HG2  sing N N 230 
MET CG  HG3  sing N N 231 
MET SD  CE   sing N N 232 
MET CE  HE1  sing N N 233 
MET CE  HE2  sing N N 234 
MET CE  HE3  sing N N 235 
MET OXT HXT  sing N N 236 
PHE N   CA   sing N N 237 
PHE N   H    sing N N 238 
PHE N   H2   sing N N 239 
PHE CA  C    sing N N 240 
PHE CA  CB   sing N N 241 
PHE CA  HA   sing N N 242 
PHE C   O    doub N N 243 
PHE C   OXT  sing N N 244 
PHE CB  CG   sing N N 245 
PHE CB  HB2  sing N N 246 
PHE CB  HB3  sing N N 247 
PHE CG  CD1  doub Y N 248 
PHE CG  CD2  sing Y N 249 
PHE CD1 CE1  sing Y N 250 
PHE CD1 HD1  sing N N 251 
PHE CD2 CE2  doub Y N 252 
PHE CD2 HD2  sing N N 253 
PHE CE1 CZ   doub Y N 254 
PHE CE1 HE1  sing N N 255 
PHE CE2 CZ   sing Y N 256 
PHE CE2 HE2  sing N N 257 
PHE CZ  HZ   sing N N 258 
PHE OXT HXT  sing N N 259 
PRO N   CA   sing N N 260 
PRO N   CD   sing N N 261 
PRO N   H    sing N N 262 
PRO CA  C    sing N N 263 
PRO CA  CB   sing N N 264 
PRO CA  HA   sing N N 265 
PRO C   O    doub N N 266 
PRO C   OXT  sing N N 267 
PRO CB  CG   sing N N 268 
PRO CB  HB2  sing N N 269 
PRO CB  HB3  sing N N 270 
PRO CG  CD   sing N N 271 
PRO CG  HG2  sing N N 272 
PRO CG  HG3  sing N N 273 
PRO CD  HD2  sing N N 274 
PRO CD  HD3  sing N N 275 
PRO OXT HXT  sing N N 276 
SER N   CA   sing N N 277 
SER N   H    sing N N 278 
SER N   H2   sing N N 279 
SER CA  C    sing N N 280 
SER CA  CB   sing N N 281 
SER CA  HA   sing N N 282 
SER C   O    doub N N 283 
SER C   OXT  sing N N 284 
SER CB  OG   sing N N 285 
SER CB  HB2  sing N N 286 
SER CB  HB3  sing N N 287 
SER OG  HG   sing N N 288 
SER OXT HXT  sing N N 289 
THR N   CA   sing N N 290 
THR N   H    sing N N 291 
THR N   H2   sing N N 292 
THR CA  C    sing N N 293 
THR CA  CB   sing N N 294 
THR CA  HA   sing N N 295 
THR C   O    doub N N 296 
THR C   OXT  sing N N 297 
THR CB  OG1  sing N N 298 
THR CB  CG2  sing N N 299 
THR CB  HB   sing N N 300 
THR OG1 HG1  sing N N 301 
THR CG2 HG21 sing N N 302 
THR CG2 HG22 sing N N 303 
THR CG2 HG23 sing N N 304 
THR OXT HXT  sing N N 305 
TRP N   CA   sing N N 306 
TRP N   H    sing N N 307 
TRP N   H2   sing N N 308 
TRP CA  C    sing N N 309 
TRP CA  CB   sing N N 310 
TRP CA  HA   sing N N 311 
TRP C   O    doub N N 312 
TRP C   OXT  sing N N 313 
TRP CB  CG   sing N N 314 
TRP CB  HB2  sing N N 315 
TRP CB  HB3  sing N N 316 
TRP CG  CD1  doub Y N 317 
TRP CG  CD2  sing Y N 318 
TRP CD1 NE1  sing Y N 319 
TRP CD1 HD1  sing N N 320 
TRP CD2 CE2  doub Y N 321 
TRP CD2 CE3  sing Y N 322 
TRP NE1 CE2  sing Y N 323 
TRP NE1 HE1  sing N N 324 
TRP CE2 CZ2  sing Y N 325 
TRP CE3 CZ3  doub Y N 326 
TRP CE3 HE3  sing N N 327 
TRP CZ2 CH2  doub Y N 328 
TRP CZ2 HZ2  sing N N 329 
TRP CZ3 CH2  sing Y N 330 
TRP CZ3 HZ3  sing N N 331 
TRP CH2 HH2  sing N N 332 
TRP OXT HXT  sing N N 333 
TYR N   CA   sing N N 334 
TYR N   H    sing N N 335 
TYR N   H2   sing N N 336 
TYR CA  C    sing N N 337 
TYR CA  CB   sing N N 338 
TYR CA  HA   sing N N 339 
TYR C   O    doub N N 340 
TYR C   OXT  sing N N 341 
TYR CB  CG   sing N N 342 
TYR CB  HB2  sing N N 343 
TYR CB  HB3  sing N N 344 
TYR CG  CD1  doub Y N 345 
TYR CG  CD2  sing Y N 346 
TYR CD1 CE1  sing Y N 347 
TYR CD1 HD1  sing N N 348 
TYR CD2 CE2  doub Y N 349 
TYR CD2 HD2  sing N N 350 
TYR CE1 CZ   doub Y N 351 
TYR CE1 HE1  sing N N 352 
TYR CE2 CZ   sing Y N 353 
TYR CE2 HE2  sing N N 354 
TYR CZ  OH   sing N N 355 
TYR OH  HH   sing N N 356 
TYR OXT HXT  sing N N 357 
VAL N   CA   sing N N 358 
VAL N   H    sing N N 359 
VAL N   H2   sing N N 360 
VAL CA  C    sing N N 361 
VAL CA  CB   sing N N 362 
VAL CA  HA   sing N N 363 
VAL C   O    doub N N 364 
VAL C   OXT  sing N N 365 
VAL CB  CG1  sing N N 366 
VAL CB  CG2  sing N N 367 
VAL CB  HB   sing N N 368 
VAL CG1 HG11 sing N N 369 
VAL CG1 HG12 sing N N 370 
VAL CG1 HG13 sing N N 371 
VAL CG2 HG21 sing N N 372 
VAL CG2 HG22 sing N N 373 
VAL CG2 HG23 sing N N 374 
VAL OXT HXT  sing N N 375 
# 
_atom_sites.entry_id                    5YKW 
_atom_sites.fract_transf_matrix[1][1]   0.00649381 
_atom_sites.fract_transf_matrix[1][2]   -0.01216626 
_atom_sites.fract_transf_matrix[1][3]   -0.01891152 
_atom_sites.fract_transf_matrix[2][1]   -0.01447735 
_atom_sites.fract_transf_matrix[2][2]   -0.01591535 
_atom_sites.fract_transf_matrix[2][3]   -0.00921677 
_atom_sites.fract_transf_matrix[3][1]   -0.00786464 
_atom_sites.fract_transf_matrix[3][2]   0.01389444 
_atom_sites.fract_transf_matrix[3][3]   -0.01163919 
_atom_sites.fract_transf_vector[1]      0.212301 
_atom_sites.fract_transf_vector[2]      1.286777 
_atom_sites.fract_transf_vector[3]      -0.130400 
# 
loop_
_atom_type.symbol 
C 
N 
O 
S 
# 
loop_
_atom_site.group_PDB 
_atom_site.id 
_atom_site.type_symbol 
_atom_site.label_atom_id 
_atom_site.label_alt_id 
_atom_site.label_comp_id 
_atom_site.label_asym_id 
_atom_site.label_entity_id 
_atom_site.label_seq_id 
_atom_site.pdbx_PDB_ins_code 
_atom_site.Cartn_x 
_atom_site.Cartn_y 
_atom_site.Cartn_z 
_atom_site.occupancy 
_atom_site.B_iso_or_equiv 
_atom_site.pdbx_formal_charge 
_atom_site.auth_seq_id 
_atom_site.auth_comp_id 
_atom_site.auth_asym_id 
_atom_site.auth_atom_id 
_atom_site.pdbx_PDB_model_num 
ATOM   1   N N   . SER A 1 1   ? -4.381  -9.596  -12.430 1.00 61.57 ? -1  SER A N   1 
ATOM   2   C CA  . SER A 1 1   ? -4.457  -8.146  -12.348 1.00 57.17 ? -1  SER A CA  1 
ATOM   3   C C   . SER A 1 1   ? -3.111  -7.452  -12.114 1.00 51.95 ? -1  SER A C   1 
ATOM   4   O O   . SER A 1 1   ? -2.092  -8.090  -12.072 1.00 49.69 ? -1  SER A O   1 
ATOM   5   C CB  . SER A 1 1   ? -5.612  -7.638  -11.470 1.00 53.66 ? -1  SER A CB  1 
ATOM   6   O OG  . SER A 1 1   ? -5.559  -8.079  -10.155 1.00 56.37 ? -1  SER A OG  1 
ATOM   7   N N   . SER A 1 2   ? -3.140  -6.139  -12.009 1.00 39.62 ? 0   SER A N   1 
ATOM   8   C CA  . SER A 1 2   ? -1.943  -5.349  -11.914 1.00 41.90 ? 0   SER A CA  1 
ATOM   9   C C   . SER A 1 2   ? -2.069  -4.090  -11.102 1.00 39.66 ? 0   SER A C   1 
ATOM   10  O O   . SER A 1 2   ? -3.102  -3.777  -10.599 1.00 36.70 ? 0   SER A O   1 
ATOM   11  C CB  . SER A 1 2   ? -1.562  -4.909  -13.304 1.00 47.33 ? 0   SER A CB  1 
ATOM   12  O OG  . SER A 1 2   ? -2.539  -4.018  -13.771 1.00 47.49 ? 0   SER A OG  1 
ATOM   13  N N   . TYR A 1 3   ? -0.982  -3.351  -11.044 1.00 31.77 ? 1   TYR A N   1 
ATOM   14  C CA  . TYR A 1 3   ? -0.973  -2.127  -10.308 1.00 34.18 ? 1   TYR A CA  1 
ATOM   15  C C   . TYR A 1 3   ? -2.023  -1.215  -10.908 1.00 36.37 ? 1   TYR A C   1 
ATOM   16  O O   . TYR A 1 3   ? -2.725  -0.539  -10.213 1.00 31.36 ? 1   TYR A O   1 
ATOM   17  C CB  . TYR A 1 3   ? 0.396   -1.455  -10.334 1.00 39.37 ? 1   TYR A CB  1 
ATOM   18  C CG  . TYR A 1 3   ? 0.332   -0.034  -9.844  1.00 41.21 ? 1   TYR A CG  1 
ATOM   19  C CD1 . TYR A 1 3   ? 0.018   0.986   -10.704 1.00 40.44 ? 1   TYR A CD1 1 
ATOM   20  C CD2 . TYR A 1 3   ? 0.524   0.285   -8.525  1.00 38.64 ? 1   TYR A CD2 1 
ATOM   21  C CE1 . TYR A 1 3   ? -0.079  2.280   -10.275 1.00 35.38 ? 1   TYR A CE1 1 
ATOM   22  C CE2 . TYR A 1 3   ? 0.405   1.578   -8.086  1.00 33.92 ? 1   TYR A CE2 1 
ATOM   23  C CZ  . TYR A 1 3   ? 0.112   2.568   -8.970  1.00 37.69 ? 1   TYR A CZ  1 
ATOM   24  O OH  . TYR A 1 3   ? 0.010   3.849   -8.591  1.00 39.81 ? 1   TYR A OH  1 
ATOM   25  N N   . THR A 1 4   ? -2.109  -1.219  -12.210 1.00 32.39 ? 2   THR A N   1 
ATOM   26  C CA  . THR A 1 4   ? -3.067  -0.388  -12.870 1.00 42.52 ? 2   THR A CA  1 
ATOM   27  C C   . THR A 1 4   ? -4.502  -0.755  -12.548 1.00 43.67 ? 2   THR A C   1 
ATOM   28  O O   . THR A 1 4   ? -5.309  0.108   -12.414 1.00 43.10 ? 2   THR A O   1 
ATOM   29  C CB  . THR A 1 4   ? -2.792  -0.249  -14.366 1.00 43.56 ? 2   THR A CB  1 
ATOM   30  O OG1 . THR A 1 4   ? -2.313  -1.477  -14.863 1.00 55.05 ? 2   THR A OG1 1 
ATOM   31  C CG2 . THR A 1 4   ? -1.709  0.676   -14.570 1.00 45.25 ? 2   THR A CG2 1 
ATOM   32  N N   . SER A 1 5   ? -4.785  -2.030  -12.412 1.00 39.44 ? 3   SER A N   1 
ATOM   33  C CA  . SER A 1 5   ? -6.125  -2.503  -12.149 1.00 45.17 ? 3   SER A CA  1 
ATOM   34  C C   . SER A 1 5   ? -6.669  -2.654  -10.737 1.00 43.32 ? 3   SER A C   1 
ATOM   35  O O   . SER A 1 5   ? -7.817  -2.953  -10.591 1.00 43.34 ? 3   SER A O   1 
ATOM   36  C CB  . SER A 1 5   ? -6.304  -3.840  -12.830 1.00 44.83 ? 3   SER A CB  1 
ATOM   37  O OG  . SER A 1 5   ? -5.435  -4.794  -12.319 1.00 49.64 ? 3   SER A OG  1 
ATOM   38  N N   . ILE A 1 6   ? -5.859  -2.490  -9.715  1.00 37.31 ? 4   ILE A N   1 
ATOM   39  C CA  . ILE A 1 6   ? -6.355  -2.639  -8.362  1.00 38.33 ? 4   ILE A CA  1 
ATOM   40  C C   . ILE A 1 6   ? -7.140  -1.428  -7.927  1.00 38.46 ? 4   ILE A C   1 
ATOM   41  O O   . ILE A 1 6   ? -6.999  -0.391  -8.479  1.00 36.75 ? 4   ILE A O   1 
ATOM   42  C CB  . ILE A 1 6   ? -5.253  -2.986  -7.354  1.00 31.39 ? 4   ILE A CB  1 
ATOM   43  C CG1 . ILE A 1 6   ? -4.152  -1.954  -7.376  1.00 28.75 ? 4   ILE A CG1 1 
ATOM   44  C CG2 . ILE A 1 6   ? -4.691  -4.357  -7.632  1.00 33.86 ? 4   ILE A CG2 1 
ATOM   45  C CD1 . ILE A 1 6   ? -2.976  -2.349  -6.551  1.00 29.47 ? 4   ILE A CD1 1 
ATOM   46  N N   . THR A 1 7   ? -7.961  -1.606  -6.920  1.00 34.49 ? 5   THR A N   1 
ATOM   47  C CA  . THR A 1 7   ? -8.787  -0.568  -6.392  1.00 27.12 ? 5   THR A CA  1 
ATOM   48  C C   . THR A 1 7   ? -7.945  0.553   -5.829  1.00 29.47 ? 5   THR A C   1 
ATOM   49  O O   . THR A 1 7   ? -6.946  0.301   -5.220  1.00 31.77 ? 5   THR A O   1 
ATOM   50  C CB  . THR A 1 7   ? -9.665  -1.121  -5.245  1.00 38.41 ? 5   THR A CB  1 
ATOM   51  O OG1 . THR A 1 7   ? -10.397 -2.263  -5.658  1.00 38.50 ? 5   THR A OG1 1 
ATOM   52  C CG2 . THR A 1 7   ? -10.608 -0.101  -4.767  1.00 36.63 ? 5   THR A CG2 1 
ATOM   53  N N   . LYS A 1 8   ? -8.361  1.788   -6.058  1.00 32.11 ? 6   LYS A N   1 
ATOM   54  C CA  . LYS A 1 8   ? -7.692  2.951   -5.525  1.00 36.99 ? 6   LYS A CA  1 
ATOM   55  C C   . LYS A 1 8   ? -8.667  3.498   -4.519  1.00 36.28 ? 6   LYS A C   1 
ATOM   56  O O   . LYS A 1 8   ? -9.722  3.917   -4.878  1.00 37.33 ? 6   LYS A O   1 
ATOM   57  C CB  . LYS A 1 8   ? -7.415  4.000   -6.586  1.00 40.33 ? 6   LYS A CB  1 
ATOM   58  C CG  . LYS A 1 8   ? -6.961  5.314   -6.017  1.00 40.18 ? 6   LYS A CG  1 
ATOM   59  C CD  . LYS A 1 8   ? -6.632  6.373   -7.040  1.00 46.18 ? 6   LYS A CD  1 
ATOM   60  C CE  . LYS A 1 8   ? -7.864  6.901   -7.740  1.00 52.37 ? 6   LYS A CE  1 
ATOM   61  N NZ  . LYS A 1 8   ? -7.584  8.146   -8.480  1.00 61.83 ? 6   LYS A NZ  1 
ATOM   62  N N   . LEU A 1 9   ? -8.313  3.478   -3.255  1.00 35.58 ? 7   LEU A N   1 
ATOM   63  C CA  . LEU A 1 9   ? -9.174  3.962   -2.204  1.00 39.13 ? 7   LEU A CA  1 
ATOM   64  C C   . LEU A 1 9   ? -9.365  5.457   -2.223  1.00 40.43 ? 7   LEU A C   1 
ATOM   65  O O   . LEU A 1 9   ? -8.430  6.178   -2.360  1.00 38.07 ? 7   LEU A O   1 
ATOM   66  C CB  . LEU A 1 9   ? -8.601  3.586   -0.853  1.00 35.05 ? 7   LEU A CB  1 
ATOM   67  C CG  . LEU A 1 9   ? -8.375  2.128   -0.531  1.00 42.80 ? 7   LEU A CG  1 
ATOM   68  C CD1 . LEU A 1 9   ? -7.619  1.964   0.753   1.00 37.49 ? 7   LEU A CD1 1 
ATOM   69  C CD2 . LEU A 1 9   ? -9.683  1.393   -0.492  1.00 43.16 ? 7   LEU A CD2 1 
ATOM   70  N N   . THR A 1 10  ? -10.599 5.896   -2.087  1.00 36.83 ? 8   THR A N   1 
ATOM   71  C CA  . THR A 1 10  ? -10.926 7.293   -2.050  1.00 39.97 ? 8   THR A CA  1 
ATOM   72  C C   . THR A 1 10  ? -11.744 7.716   -0.821  1.00 46.49 ? 8   THR A C   1 
ATOM   73  O O   . THR A 1 10  ? -11.948 8.882   -0.614  1.00 49.80 ? 8   THR A O   1 
ATOM   74  C CB  . THR A 1 10  ? -11.707 7.673   -3.303  1.00 41.99 ? 8   THR A CB  1 
ATOM   75  O OG1 . THR A 1 10  ? -12.990 7.080   -3.245  1.00 49.75 ? 8   THR A OG1 1 
ATOM   76  C CG2 . THR A 1 10  ? -11.053 7.150   -4.509  1.00 42.34 ? 8   THR A CG2 1 
ATOM   77  N N   . ASN A 1 11  ? -12.224 6.764   -0.035  1.00 29.10 ? 9   ASN A N   1 
ATOM   78  C CA  . ASN A 1 11  ? -13.064 7.032   1.128   1.00 35.35 ? 9   ASN A CA  1 
ATOM   79  C C   . ASN A 1 11  ? -12.685 6.289   2.412   1.00 35.95 ? 9   ASN A C   1 
ATOM   80  O O   . ASN A 1 11  ? -12.317 5.163   2.373   1.00 34.45 ? 9   ASN A O   1 
ATOM   81  C CB  . ASN A 1 11  ? -14.541 6.774   0.737   1.00 33.66 ? 9   ASN A CB  1 
ATOM   82  C CG  . ASN A 1 11  ? -15.520 6.937   1.882   1.00 41.92 ? 9   ASN A CG  1 
ATOM   83  O OD1 . ASN A 1 11  ? -15.748 6.044   2.644   1.00 42.20 ? 9   ASN A OD1 1 
ATOM   84  N ND2 . ASN A 1 11  ? -16.123 8.078   1.960   1.00 40.07 ? 9   ASN A ND2 1 
ATOM   85  N N   . LEU A 1 12  ? -12.817 6.964   3.540   1.00 36.52 ? 10  LEU A N   1 
ATOM   86  C CA  . LEU A 1 12  ? -12.484 6.445   4.860   1.00 35.96 ? 10  LEU A CA  1 
ATOM   87  C C   . LEU A 1 12  ? -13.269 5.243   5.310   1.00 44.13 ? 10  LEU A C   1 
ATOM   88  O O   . LEU A 1 12  ? -12.712 4.338   5.857   1.00 40.76 ? 10  LEU A O   1 
ATOM   89  C CB  . LEU A 1 12  ? -12.647 7.517   5.915   1.00 41.57 ? 10  LEU A CB  1 
ATOM   90  C CG  . LEU A 1 12  ? -11.485 8.383   6.344   1.00 45.38 ? 10  LEU A CG  1 
ATOM   91  C CD1 . LEU A 1 12  ? -11.966 9.410   7.337   1.00 47.86 ? 10  LEU A CD1 1 
ATOM   92  C CD2 . LEU A 1 12  ? -10.371 7.569   6.949   1.00 41.84 ? 10  LEU A CD2 1 
ATOM   93  N N   . THR A 1 13  ? -14.568 5.263   5.094   1.00 38.85 ? 11  THR A N   1 
ATOM   94  C CA  . THR A 1 13  ? -15.431 4.160   5.424   1.00 36.57 ? 11  THR A CA  1 
ATOM   95  C C   . THR A 1 13  ? -15.069 2.946   4.560   1.00 39.80 ? 11  THR A C   1 
ATOM   96  O O   . THR A 1 13  ? -15.060 1.826   5.012   1.00 37.89 ? 11  THR A O   1 
ATOM   97  C CB  . THR A 1 13  ? -16.887 4.567   5.221   1.00 40.07 ? 11  THR A CB  1 
ATOM   98  O OG1 . THR A 1 13  ? -17.205 5.622   6.111   1.00 45.55 ? 11  THR A OG1 1 
ATOM   99  C CG2 . THR A 1 13  ? -17.793 3.441   5.442   1.00 44.51 ? 11  THR A CG2 1 
ATOM   100 N N   . GLU A 1 14  ? -14.772 3.206   3.301   1.00 36.24 ? 12  GLU A N   1 
ATOM   101 C CA  . GLU A 1 14  ? -14.378 2.173   2.365   1.00 39.24 ? 12  GLU A CA  1 
ATOM   102 C C   . GLU A 1 14  ? -13.072 1.566   2.860   1.00 40.84 ? 12  GLU A C   1 
ATOM   103 O O   . GLU A 1 14  ? -12.896 0.380   2.831   1.00 42.18 ? 12  GLU A O   1 
ATOM   104 C CB  . GLU A 1 14  ? -14.220 2.750   0.970   1.00 37.02 ? 12  GLU A CB  1 
ATOM   105 C CG  . GLU A 1 14  ? -13.411 1.911   0.005   1.00 35.80 ? 12  GLU A CG  1 
ATOM   106 C CD  . GLU A 1 14  ? -12.858 2.703   -1.162  1.00 39.97 ? 12  GLU A CD  1 
ATOM   107 O OE1 . GLU A 1 14  ? -12.583 2.106   -2.173  1.00 38.62 ? 12  GLU A OE1 1 
ATOM   108 O OE2 . GLU A 1 14  ? -12.695 3.915   -1.058  1.00 38.10 ? 12  GLU A OE2 1 
ATOM   109 N N   . PHE A 1 15  ? -12.174 2.426   3.314   1.00 28.75 ? 13  PHE A N   1 
ATOM   110 C CA  . PHE A 1 15  ? -10.890 2.024   3.855   1.00 32.27 ? 13  PHE A CA  1 
ATOM   111 C C   . PHE A 1 15  ? -11.075 1.184   5.111   1.00 33.93 ? 13  PHE A C   1 
ATOM   112 O O   . PHE A 1 15  ? -10.497 0.145   5.235   1.00 33.17 ? 13  PHE A O   1 
ATOM   113 C CB  . PHE A 1 15  ? -10.039 3.273   4.114   1.00 33.69 ? 13  PHE A CB  1 
ATOM   114 C CG  . PHE A 1 15  ? -8.928  3.090   5.100   1.00 34.32 ? 13  PHE A CG  1 
ATOM   115 C CD1 . PHE A 1 15  ? -7.752  2.508   4.739   1.00 28.47 ? 13  PHE A CD1 1 
ATOM   116 C CD2 . PHE A 1 15  ? -9.058  3.546   6.374   1.00 38.54 ? 13  PHE A CD2 1 
ATOM   117 C CE1 . PHE A 1 15  ? -6.728  2.367   5.628   1.00 33.27 ? 13  PHE A CE1 1 
ATOM   118 C CE2 . PHE A 1 15  ? -8.041  3.401   7.279   1.00 41.31 ? 13  PHE A CE2 1 
ATOM   119 C CZ  . PHE A 1 15  ? -6.873  2.805   6.902   1.00 37.82 ? 13  PHE A CZ  1 
ATOM   120 N N   . ARG A 1 16  ? -11.900 1.635   6.028   1.00 30.21 ? 14  ARG A N   1 
ATOM   121 C CA  . ARG A 1 16  ? -12.142 0.883   7.238   1.00 34.35 ? 14  ARG A CA  1 
ATOM   122 C C   . ARG A 1 16  ? -12.807 -0.450  6.962   1.00 41.33 ? 14  ARG A C   1 
ATOM   123 O O   . ARG A 1 16  ? -12.426 -1.443  7.516   1.00 39.92 ? 14  ARG A O   1 
ATOM   124 C CB  . ARG A 1 16  ? -12.903 1.710   8.257   1.00 32.17 ? 14  ARG A CB  1 
ATOM   125 C CG  . ARG A 1 16  ? -12.110 2.887   8.806   1.00 38.02 ? 14  ARG A CG  1 
ATOM   126 C CD  . ARG A 1 16  ? -12.955 3.839   9.625   1.00 43.39 ? 14  ARG A CD  1 
ATOM   127 N NE  . ARG A 1 16  ? -12.226 5.009   10.075  1.00 44.31 ? 14  ARG A NE  1 
ATOM   128 C CZ  . ARG A 1 16  ? -12.758 6.200   10.302  1.00 49.50 ? 14  ARG A CZ  1 
ATOM   129 N NH1 . ARG A 1 16  ? -14.036 6.416   10.139  1.00 54.48 ? 14  ARG A NH1 1 
ATOM   130 N NH2 . ARG A 1 16  ? -12.003 7.184   10.690  1.00 47.73 ? 14  ARG A NH2 1 
ATOM   131 N N   . ASN A 1 17  ? -13.779 -0.467  6.071   1.00 32.43 ? 15  ASN A N   1 
ATOM   132 C CA  . ASN A 1 17  ? -14.442 -1.684  5.735   1.00 37.77 ? 15  ASN A CA  1 
ATOM   133 C C   . ASN A 1 17  ? -13.476 -2.660  5.133   1.00 36.47 ? 15  ASN A C   1 
ATOM   134 O O   . ASN A 1 17  ? -13.551 -3.838  5.388   1.00 36.78 ? 15  ASN A O   1 
ATOM   135 C CB  . ASN A 1 17  ? -15.561 -1.457  4.731   1.00 40.25 ? 15  ASN A CB  1 
ATOM   136 C CG  . ASN A 1 17  ? -16.812 -0.936  5.360   1.00 45.78 ? 15  ASN A CG  1 
ATOM   137 O OD1 . ASN A 1 17  ? -17.034 -1.088  6.524   1.00 48.71 ? 15  ASN A OD1 1 
ATOM   138 N ND2 . ASN A 1 17  ? -17.607 -0.298  4.588   1.00 50.81 ? 15  ASN A ND2 1 
ATOM   139 N N   . LEU A 1 18  ? -12.559 -2.153  4.338   1.00 27.76 ? 16  LEU A N   1 
ATOM   140 C CA  . LEU A 1 18  ? -11.606 -2.998  3.691   1.00 33.82 ? 16  LEU A CA  1 
ATOM   141 C C   . LEU A 1 18  ? -10.791 -3.751  4.720   1.00 36.60 ? 16  LEU A C   1 
ATOM   142 O O   . LEU A 1 18  ? -10.576 -4.906  4.564   1.00 34.11 ? 16  LEU A O   1 
ATOM   143 C CB  . LEU A 1 18  ? -10.664 -2.178  2.828   1.00 37.97 ? 16  LEU A CB  1 
ATOM   144 C CG  . LEU A 1 18  ? -9.657  -2.992  2.035   1.00 45.82 ? 16  LEU A CG  1 
ATOM   145 C CD1 . LEU A 1 18  ? -10.223 -3.237  0.664   1.00 44.96 ? 16  LEU A CD1 1 
ATOM   146 C CD2 . LEU A 1 18  ? -8.333  -2.269  1.928   1.00 48.76 ? 16  LEU A CD2 1 
ATOM   147 N N   . ILE A 1 19  ? -10.373 -3.097  5.772   1.00 38.58 ? 17  ILE A N   1 
ATOM   148 C CA  . ILE A 1 19  ? -9.629  -3.783  6.782   1.00 39.34 ? 17  ILE A CA  1 
ATOM   149 C C   . ILE A 1 19  ? -10.460 -4.885  7.424   1.00 36.89 ? 17  ILE A C   1 
ATOM   150 O O   . ILE A 1 19  ? -9.986  -5.956  7.646   1.00 44.73 ? 17  ILE A O   1 
ATOM   151 C CB  . ILE A 1 19  ? -9.106  -2.788  7.812   1.00 37.55 ? 17  ILE A CB  1 
ATOM   152 C CG1 . ILE A 1 19  ? -8.082  -1.879  7.155   1.00 35.37 ? 17  ILE A CG1 1 
ATOM   153 C CG2 . ILE A 1 19  ? -8.511  -3.503  8.992   1.00 38.77 ? 17  ILE A CG2 1 
ATOM   154 C CD1 . ILE A 1 19  ? -7.844  -0.580  7.857   1.00 38.83 ? 17  ILE A CD1 1 
ATOM   155 N N   . LYS A 1 20  ? -11.699 -4.610  7.722   1.00 37.28 ? 18  LYS A N   1 
ATOM   156 C CA  . LYS A 1 20  ? -12.576 -5.599  8.315   1.00 41.48 ? 18  LYS A CA  1 
ATOM   157 C C   . LYS A 1 20  ? -12.933 -6.787  7.446   1.00 50.55 ? 18  LYS A C   1 
ATOM   158 O O   . LYS A 1 20  ? -13.118 -7.874  7.932   1.00 56.41 ? 18  LYS A O   1 
ATOM   159 C CB  . LYS A 1 20  ? -13.843 -4.961  8.842   1.00 49.74 ? 18  LYS A CB  1 
ATOM   160 C CG  . LYS A 1 20  ? -13.601 -3.859  9.820   1.00 51.03 ? 18  LYS A CG  1 
ATOM   161 C CD  . LYS A 1 20  ? -14.877 -3.466  10.524  1.00 64.41 ? 18  LYS A CD  1 
ATOM   162 C CE  . LYS A 1 20  ? -15.631 -2.314  9.880   1.00 69.34 ? 18  LYS A CE  1 
ATOM   163 N NZ  . LYS A 1 20  ? -16.585 -1.659  10.820  1.00 73.92 ? 18  LYS A NZ  1 
ATOM   164 N N   . GLN A 1 21  ? -13.066 -6.554  6.159   1.00 51.29 ? 19  GLN A N   1 
ATOM   165 C CA  . GLN A 1 21  ? -13.504 -7.549  5.221   1.00 49.39 ? 19  GLN A CA  1 
ATOM   166 C C   . GLN A 1 21  ? -12.482 -8.372  4.497   1.00 51.78 ? 19  GLN A C   1 
ATOM   167 O O   . GLN A 1 21  ? -12.853 -9.237  3.749   1.00 52.94 ? 19  GLN A O   1 
ATOM   168 C CB  . GLN A 1 21  ? -14.499 -6.915  4.248   1.00 53.52 ? 19  GLN A CB  1 
ATOM   169 C CG  . GLN A 1 21  ? -15.413 -5.910  4.948   1.00 60.60 ? 19  GLN A CG  1 
ATOM   170 C CD  . GLN A 1 21  ? -16.823 -5.880  4.449   1.00 65.06 ? 19  GLN A CD  1 
ATOM   171 O OE1 . GLN A 1 21  ? -17.725 -6.380  5.087   1.00 69.53 ? 19  GLN A OE1 1 
ATOM   172 N NE2 . GLN A 1 21  ? -17.019 -5.278  3.320   1.00 70.43 ? 19  GLN A NE2 1 
ATOM   173 N N   . ASN A 1 22  ? -11.208 -8.117  4.702   1.00 39.62 ? 20  ASN A N   1 
ATOM   174 C CA  . ASN A 1 22  ? -10.209 -8.897  4.020   1.00 45.14 ? 20  ASN A CA  1 
ATOM   175 C C   . ASN A 1 22  ? -9.253  -9.546  4.976   1.00 49.62 ? 20  ASN A C   1 
ATOM   176 O O   . ASN A 1 22  ? -8.722  -8.904  5.852   1.00 52.75 ? 20  ASN A O   1 
ATOM   177 C CB  . ASN A 1 22  ? -9.457  -8.067  3.006   1.00 43.48 ? 20  ASN A CB  1 
ATOM   178 C CG  . ASN A 1 22  ? -10.330 -7.566  1.916   1.00 46.01 ? 20  ASN A CG  1 
ATOM   179 O OD1 . ASN A 1 22  ? -10.361 -8.132  0.868   1.00 51.07 ? 20  ASN A OD1 1 
ATOM   180 N ND2 . ASN A 1 22  ? -11.026 -6.488  2.157   1.00 42.23 ? 20  ASN A ND2 1 
ATOM   181 N N   . ASP A 1 23  ? -9.081  -10.838 4.798   1.00 41.55 ? 21  ASP A N   1 
ATOM   182 C CA  . ASP A 1 23  ? -8.230  -11.636 5.626   1.00 38.42 ? 21  ASP A CA  1 
ATOM   183 C C   . ASP A 1 23  ? -6.783  -11.217 5.546   1.00 35.71 ? 21  ASP A C   1 
ATOM   184 O O   . ASP A 1 23  ? -6.151  -11.119 6.540   1.00 41.74 ? 21  ASP A O   1 
ATOM   185 C CB  . ASP A 1 23  ? -8.361  -13.091 5.203   1.00 49.55 ? 21  ASP A CB  1 
ATOM   186 C CG  . ASP A 1 23  ? -9.777  -13.598 5.299   1.00 69.20 ? 21  ASP A CG  1 
ATOM   187 O OD1 . ASP A 1 23  ? -10.623 -13.217 4.463   1.00 78.09 ? 21  ASP A OD1 1 
ATOM   188 O OD2 . ASP A 1 23  ? -10.056 -14.389 6.201   1.00 74.50 ? 21  ASP A OD2 1 
ATOM   189 N N   . LYS A 1 24  ? -6.280  -11.002 4.344   1.00 26.18 ? 22  LYS A N   1 
ATOM   190 C CA  . LYS A 1 24  ? -4.923  -10.571 4.095   1.00 32.54 ? 22  LYS A CA  1 
ATOM   191 C C   . LYS A 1 24  ? -4.974  -9.392  3.145   1.00 33.22 ? 22  LYS A C   1 
ATOM   192 O O   . LYS A 1 24  ? -5.619  -9.442  2.142   1.00 30.30 ? 22  LYS A O   1 
ATOM   193 C CB  . LYS A 1 24  ? -4.084  -11.692 3.515   1.00 39.38 ? 22  LYS A CB  1 
ATOM   194 C CG  . LYS A 1 24  ? -4.047  -12.934 4.348   1.00 43.33 ? 22  LYS A CG  1 
ATOM   195 C CD  . LYS A 1 24  ? -3.486  -14.057 3.544   1.00 53.93 ? 22  LYS A CD  1 
ATOM   196 C CE  . LYS A 1 24  ? -3.188  -15.246 4.413   1.00 62.17 ? 22  LYS A CE  1 
ATOM   197 N NZ  . LYS A 1 24  ? -4.255  -15.439 5.406   1.00 66.78 ? 22  LYS A NZ  1 
ATOM   198 N N   . LEU A 1 25  ? -4.282  -8.329  3.496   1.00 31.02 ? 23  LEU A N   1 
ATOM   199 C CA  . LEU A 1 25  ? -4.320  -7.119  2.734   1.00 34.44 ? 23  LEU A CA  1 
ATOM   200 C C   . LEU A 1 25  ? -3.041  -6.298  2.654   1.00 33.86 ? 23  LEU A C   1 
ATOM   201 O O   . LEU A 1 25  ? -2.283  -6.298  3.556   1.00 26.29 ? 23  LEU A O   1 
ATOM   202 C CB  . LEU A 1 25  ? -5.376  -6.276  3.411   1.00 42.30 ? 23  LEU A CB  1 
ATOM   203 C CG  . LEU A 1 25  ? -5.521  -4.819  3.121   1.00 44.91 ? 23  LEU A CG  1 
ATOM   204 C CD1 . LEU A 1 25  ? -6.160  -4.650  1.786   1.00 42.99 ? 23  LEU A CD1 1 
ATOM   205 C CD2 . LEU A 1 25  ? -6.376  -4.192  4.163   1.00 45.97 ? 23  LEU A CD2 1 
ATOM   206 N N   . VAL A 1 26  ? -2.843  -5.601  1.558   1.00 27.96 ? 24  VAL A N   1 
ATOM   207 C CA  . VAL A 1 26  ? -1.734  -4.686  1.375   1.00 31.67 ? 24  VAL A CA  1 
ATOM   208 C C   . VAL A 1 26  ? -2.242  -3.387  0.771   1.00 30.81 ? 24  VAL A C   1 
ATOM   209 O O   . VAL A 1 26  ? -2.944  -3.427  -0.179  1.00 26.76 ? 24  VAL A O   1 
ATOM   210 C CB  . VAL A 1 26  ? -0.644  -5.260  0.460   1.00 30.94 ? 24  VAL A CB  1 
ATOM   211 C CG1 . VAL A 1 26  ? 0.384   -4.224  0.074   1.00 23.73 ? 24  VAL A CG1 1 
ATOM   212 C CG2 . VAL A 1 26  ? -0.031  -6.499  1.060   1.00 31.15 ? 24  VAL A CG2 1 
ATOM   213 N N   . ILE A 1 27  ? -1.858  -2.259  1.312   1.00 21.91 ? 25  ILE A N   1 
ATOM   214 C CA  . ILE A 1 27  ? -2.222  -0.985  0.761   1.00 25.62 ? 25  ILE A CA  1 
ATOM   215 C C   . ILE A 1 27  ? -0.951  -0.234  0.327   1.00 31.55 ? 25  ILE A C   1 
ATOM   216 O O   . ILE A 1 27  ? -0.064  -0.037  1.103   1.00 20.68 ? 25  ILE A O   1 
ATOM   217 C CB  . ILE A 1 27  ? -2.947  -0.105  1.763   1.00 28.73 ? 25  ILE A CB  1 
ATOM   218 C CG1 . ILE A 1 27  ? -4.211  -0.749  2.269   1.00 30.35 ? 25  ILE A CG1 1 
ATOM   219 C CG2 . ILE A 1 27  ? -3.279  1.229   1.158   1.00 26.76 ? 25  ILE A CG2 1 
ATOM   220 C CD1 . ILE A 1 27  ? -4.714  -0.085  3.504   1.00 32.79 ? 25  ILE A CD1 1 
ATOM   221 N N   . ASP A 1 28  ? -0.896  0.178   -0.918  1.00 27.28 ? 26  ASP A N   1 
ATOM   222 C CA  . ASP A 1 28  ? 0.220   0.913   -1.441  1.00 23.37 ? 26  ASP A CA  1 
ATOM   223 C C   . ASP A 1 28  ? -0.087  2.403   -1.410  1.00 24.69 ? 26  ASP A C   1 
ATOM   224 O O   . ASP A 1 28  ? -0.803  2.884   -2.227  1.00 23.90 ? 26  ASP A O   1 
ATOM   225 C CB  . ASP A 1 28  ? 0.461   0.453   -2.884  1.00 21.41 ? 26  ASP A CB  1 
ATOM   226 C CG  . ASP A 1 28  ? 1.508   1.284   -3.643  1.00 31.99 ? 26  ASP A CG  1 
ATOM   227 O OD1 . ASP A 1 28  ? 2.164   2.112   -3.081  1.00 34.84 ? 26  ASP A OD1 1 
ATOM   228 O OD2 . ASP A 1 28  ? 1.696   1.109   -4.826  1.00 34.05 ? 26  ASP A OD2 1 
ATOM   229 N N   . PHE A 1 29  ? 0.481   3.120   -0.462  1.00 23.91 ? 27  PHE A N   1 
ATOM   230 C CA  . PHE A 1 29  ? 0.313   4.561   -0.387  1.00 25.66 ? 27  PHE A CA  1 
ATOM   231 C C   . PHE A 1 29  ? 1.420   5.173   -1.241  1.00 32.79 ? 27  PHE A C   1 
ATOM   232 O O   . PHE A 1 29  ? 2.581   4.930   -1.032  1.00 32.66 ? 27  PHE A O   1 
ATOM   233 C CB  . PHE A 1 29  ? 0.407   5.081   1.024   1.00 25.97 ? 27  PHE A CB  1 
ATOM   234 C CG  . PHE A 1 29  ? -0.765  4.761   1.899   1.00 26.48 ? 27  PHE A CG  1 
ATOM   235 C CD1 . PHE A 1 29  ? -0.781  3.627   2.662   1.00 29.01 ? 27  PHE A CD1 1 
ATOM   236 C CD2 . PHE A 1 29  ? -1.824  5.616   1.977   1.00 28.04 ? 27  PHE A CD2 1 
ATOM   237 C CE1 . PHE A 1 29  ? -1.823  3.350   3.475   1.00 28.86 ? 27  PHE A CE1 1 
ATOM   238 C CE2 . PHE A 1 29  ? -2.877  5.346   2.778   1.00 31.91 ? 27  PHE A CE2 1 
ATOM   239 C CZ  . PHE A 1 29  ? -2.873  4.210   3.536   1.00 32.55 ? 27  PHE A CZ  1 
ATOM   240 N N   . TYR A 1 30  ? 1.020   5.951   -2.222  1.00 25.83 ? 28  TYR A N   1 
ATOM   241 C CA  . TYR A 1 30  ? 1.889   6.566   -3.185  1.00 30.31 ? 28  TYR A CA  1 
ATOM   242 C C   . TYR A 1 30  ? 1.532   7.994   -3.517  1.00 29.09 ? 28  TYR A C   1 
ATOM   243 O O   . TYR A 1 30  ? 0.542   8.492   -3.089  1.00 31.05 ? 28  TYR A O   1 
ATOM   244 C CB  . TYR A 1 30  ? 1.859   5.773   -4.489  1.00 26.62 ? 28  TYR A CB  1 
ATOM   245 C CG  . TYR A 1 30  ? 0.557   5.893   -5.226  1.00 27.42 ? 28  TYR A CG  1 
ATOM   246 C CD1 . TYR A 1 30  ? -0.511  5.141   -4.865  1.00 25.89 ? 28  TYR A CD1 1 
ATOM   247 C CD2 . TYR A 1 30  ? 0.410   6.776   -6.247  1.00 28.16 ? 28  TYR A CD2 1 
ATOM   248 C CE1 . TYR A 1 30  ? -1.684  5.238   -5.513  1.00 30.74 ? 28  TYR A CE1 1 
ATOM   249 C CE2 . TYR A 1 30  ? -0.765  6.894   -6.904  1.00 33.94 ? 28  TYR A CE2 1 
ATOM   250 C CZ  . TYR A 1 30  ? -1.811  6.121   -6.526  1.00 36.05 ? 28  TYR A CZ  1 
ATOM   251 O OH  . TYR A 1 30  ? -2.993  6.239   -7.151  1.00 39.13 ? 28  TYR A OH  1 
ATOM   252 N N   . ALA A 1 31  ? 2.397   8.614   -4.302  1.00 35.84 ? 29  ALA A N   1 
ATOM   253 C CA  . ALA A 1 31  ? 2.230   9.935   -4.854  1.00 35.44 ? 29  ALA A CA  1 
ATOM   254 C C   . ALA A 1 31  ? 2.600   9.845   -6.346  1.00 33.37 ? 29  ALA A C   1 
ATOM   255 O O   . ALA A 1 31  ? 3.552   9.223   -6.709  1.00 27.61 ? 29  ALA A O   1 
ATOM   256 C CB  . ALA A 1 31  ? 3.059   10.946  -4.136  1.00 32.32 ? 29  ALA A CB  1 
ATOM   257 N N   . THR A 1 32  ? 1.829   10.491  -7.183  1.00 31.49 ? 30  THR A N   1 
ATOM   258 C CA  . THR A 1 32  ? 2.024   10.483  -8.623  1.00 33.25 ? 30  THR A CA  1 
ATOM   259 C C   . THR A 1 32  ? 3.364   11.078  -9.043  1.00 39.53 ? 30  THR A C   1 
ATOM   260 O O   . THR A 1 32  ? 3.907   10.706  -10.031 1.00 42.15 ? 30  THR A O   1 
ATOM   261 C CB  . THR A 1 32  ? 0.849   11.148  -9.378  1.00 36.36 ? 30  THR A CB  1 
ATOM   262 O OG1 . THR A 1 32  ? 0.795   12.528  -9.097  1.00 34.87 ? 30  THR A OG1 1 
ATOM   263 C CG2 . THR A 1 32  ? -0.440  10.577  -8.953  1.00 35.55 ? 30  THR A CG2 1 
ATOM   264 N N   . TRP A 1 33  ? 3.870   12.014  -8.270  1.00 31.29 ? 31  TRP A N   1 
ATOM   265 C CA  . TRP A 1 33  ? 5.126   12.663  -8.551  1.00 39.68 ? 31  TRP A CA  1 
ATOM   266 C C   . TRP A 1 33  ? 6.388   11.980  -8.002  1.00 39.84 ? 31  TRP A C   1 
ATOM   267 O O   . TRP A 1 33  ? 7.461   12.281  -8.429  1.00 39.95 ? 31  TRP A O   1 
ATOM   268 C CB  . TRP A 1 33  ? 5.050   14.092  -8.052  1.00 35.85 ? 31  TRP A CB  1 
ATOM   269 C CG  . TRP A 1 33  ? 4.657   14.200  -6.663  1.00 40.02 ? 31  TRP A CG  1 
ATOM   270 C CD1 . TRP A 1 33  ? 3.434   14.410  -6.201  1.00 40.78 ? 31  TRP A CD1 1 
ATOM   271 C CD2 . TRP A 1 33  ? 5.501   14.098  -5.527  1.00 36.39 ? 31  TRP A CD2 1 
ATOM   272 N NE1 . TRP A 1 33  ? 3.438   14.452  -4.863  1.00 39.99 ? 31  TRP A NE1 1 
ATOM   273 C CE2 . TRP A 1 33  ? 4.707   14.271  -4.418  1.00 34.18 ? 31  TRP A CE2 1 
ATOM   274 C CE3 . TRP A 1 33  ? 6.858   13.898  -5.348  1.00 38.67 ? 31  TRP A CE3 1 
ATOM   275 C CZ2 . TRP A 1 33  ? 5.207   14.234  -3.145  1.00 30.87 ? 31  TRP A CZ2 1 
ATOM   276 C CZ3 . TRP A 1 33  ? 7.352   13.875  -4.085  1.00 40.79 ? 31  TRP A CZ3 1 
ATOM   277 C CH2 . TRP A 1 33  ? 6.536   14.030  -3.002  1.00 36.02 ? 31  TRP A CH2 1 
ATOM   278 N N   . CYS A 1 34  ? 6.230   11.082  -7.048  1.00 30.06 ? 32  CYS A N   1 
ATOM   279 C CA  . CYS A 1 34  ? 7.330   10.384  -6.409  1.00 30.50 ? 32  CYS A CA  1 
ATOM   280 C C   . CYS A 1 34  ? 7.979   9.358   -7.313  1.00 35.23 ? 32  CYS A C   1 
ATOM   281 O O   . CYS A 1 34  ? 7.321   8.481   -7.797  1.00 38.04 ? 32  CYS A O   1 
ATOM   282 C CB  . CYS A 1 34  ? 6.773   9.681   -5.174  1.00 34.63 ? 32  CYS A CB  1 
ATOM   283 S SG  . CYS A 1 34  ? 7.888   8.781   -4.135  1.00 38.43 ? 32  CYS A SG  1 
ATOM   284 N N   . GLY A 1 35  ? 9.275   9.486   -7.545  1.00 34.58 ? 33  GLY A N   1 
ATOM   285 C CA  . GLY A 1 35  ? 9.988   8.548   -8.381  1.00 30.91 ? 33  GLY A CA  1 
ATOM   286 C C   . GLY A 1 35  ? 10.050  7.149   -7.815  1.00 31.27 ? 33  GLY A C   1 
ATOM   287 O O   . GLY A 1 35  ? 9.790   6.194   -8.487  1.00 37.39 ? 33  GLY A O   1 
ATOM   288 N N   . PRO A 1 36  ? 10.370  7.037   -6.543  1.00 30.96 ? 34  PRO A N   1 
ATOM   289 C CA  . PRO A 1 36  ? 10.442  5.725   -5.910  1.00 32.48 ? 34  PRO A CA  1 
ATOM   290 C C   . PRO A 1 36  ? 9.112   4.986   -5.948  1.00 32.77 ? 34  PRO A C   1 
ATOM   291 O O   . PRO A 1 36  ? 9.126   3.816   -6.210  1.00 30.17 ? 34  PRO A O   1 
ATOM   292 C CB  . PRO A 1 36  ? 10.858  6.054   -4.491  1.00 39.21 ? 34  PRO A CB  1 
ATOM   293 C CG  . PRO A 1 36  ? 11.627  7.301   -4.616  1.00 36.96 ? 34  PRO A CG  1 
ATOM   294 C CD  . PRO A 1 36  ? 10.990  8.070   -5.711  1.00 36.17 ? 34  PRO A CD  1 
ATOM   295 N N   . SER A 1 37  ? 8.002   5.659   -5.713  1.00 32.59 ? 35  SER A N   1 
ATOM   296 C CA  . SER A 1 37  ? 6.755   4.968   -5.790  1.00 33.38 ? 35  SER A CA  1 
ATOM   297 C C   . SER A 1 37  ? 6.493   4.514   -7.202  1.00 30.92 ? 35  SER A C   1 
ATOM   298 O O   . SER A 1 37  ? 6.024   3.448   -7.398  1.00 40.02 ? 35  SER A O   1 
ATOM   299 C CB  . SER A 1 37  ? 5.592   5.651   -5.092  1.00 36.50 ? 35  SER A CB  1 
ATOM   300 O OG  . SER A 1 37  ? 5.371   6.926   -5.522  1.00 44.36 ? 35  SER A OG  1 
ATOM   301 N N   . LYS A 1 38  ? 6.860   5.306   -8.181  1.00 27.74 ? 36  LYS A N   1 
ATOM   302 C CA  . LYS A 1 38  ? 6.682   4.922   -9.555  1.00 36.13 ? 36  LYS A CA  1 
ATOM   303 C C   . LYS A 1 38  ? 7.470   3.656   -9.866  1.00 43.12 ? 36  LYS A C   1 
ATOM   304 O O   . LYS A 1 38  ? 7.001   2.808   -10.560 1.00 36.99 ? 36  LYS A O   1 
ATOM   305 C CB  . LYS A 1 38  ? 7.108   6.034   -10.507 1.00 40.37 ? 36  LYS A CB  1 
ATOM   306 C CG  . LYS A 1 38  ? 6.099   7.129   -10.673 1.00 44.15 ? 36  LYS A CG  1 
ATOM   307 C CD  . LYS A 1 38  ? 6.362   7.962   -11.894 1.00 48.05 ? 36  LYS A CD  1 
ATOM   308 C CE  . LYS A 1 38  ? 6.934   9.299   -11.528 1.00 50.83 ? 36  LYS A CE  1 
ATOM   309 N NZ  . LYS A 1 38  ? 6.003   9.984   -10.625 1.00 54.71 ? 36  LYS A NZ  1 
ATOM   310 N N   . MET A 1 39  ? 8.663   3.553   -9.324  1.00 38.69 ? 37  MET A N   1 
ATOM   311 C CA  . MET A 1 39  ? 9.550   2.435   -9.533  1.00 45.52 ? 37  MET A CA  1 
ATOM   312 C C   . MET A 1 39  ? 8.999   1.133   -9.023  1.00 44.08 ? 37  MET A C   1 
ATOM   313 O O   . MET A 1 39  ? 9.332   0.108   -9.511  1.00 38.69 ? 37  MET A O   1 
ATOM   314 C CB  . MET A 1 39  ? 10.929  2.697   -8.927  1.00 49.92 ? 37  MET A CB  1 
ATOM   315 C CG  . MET A 1 39  ? 11.823  3.582   -9.772  1.00 53.18 ? 37  MET A CG  1 
ATOM   316 S SD  . MET A 1 39  ? 13.521  3.634   -9.201  1.00 90.51 ? 37  MET A SD  1 
ATOM   317 C CE  . MET A 1 39  ? 13.403  4.596   -7.719  1.00 44.22 ? 37  MET A CE  1 
ATOM   318 N N   . MET A 1 40  ? 8.155   1.206   -8.022  1.00 39.84 ? 38  MET A N   1 
ATOM   319 C CA  . MET A 1 40  ? 7.590   0.024   -7.449  1.00 34.71 ? 38  MET A CA  1 
ATOM   320 C C   . MET A 1 40  ? 6.390   -0.509  -8.160  1.00 39.69 ? 38  MET A C   1 
ATOM   321 O O   . MET A 1 40  ? 5.960   -1.561  -7.834  1.00 36.69 ? 38  MET A O   1 
ATOM   322 C CB  . MET A 1 40  ? 7.193   0.251   -6.013  1.00 30.49 ? 38  MET A CB  1 
ATOM   323 C CG  . MET A 1 40  ? 8.345   0.443   -5.063  1.00 39.06 ? 38  MET A CG  1 
ATOM   324 S SD  . MET A 1 40  ? 9.396   -0.972  -4.854  1.00 40.51 ? 38  MET A SD  1 
ATOM   325 C CE  . MET A 1 40  ? 8.284   -2.144  -4.156  1.00 33.83 ? 38  MET A CE  1 
ATOM   326 N N   . GLN A 1 41  ? 5.857   0.215   -9.109  1.00 34.17 ? 39  GLN A N   1 
ATOM   327 C CA  . GLN A 1 41  ? 4.671   -0.253  -9.774  1.00 32.25 ? 39  GLN A CA  1 
ATOM   328 C C   . GLN A 1 41  ? 4.852   -1.608  -10.462 1.00 42.37 ? 39  GLN A C   1 
ATOM   329 O O   . GLN A 1 41  ? 4.027   -2.449  -10.301 1.00 39.18 ? 39  GLN A O   1 
ATOM   330 C CB  . GLN A 1 41  ? 4.158   0.798   -10.759 1.00 39.08 ? 39  GLN A CB  1 
ATOM   331 C CG  . GLN A 1 41  ? 3.721   2.104   -10.132 1.00 35.79 ? 39  GLN A CG  1 
ATOM   332 C CD  . GLN A 1 41  ? 3.256   3.134   -11.135 1.00 38.68 ? 39  GLN A CD  1 
ATOM   333 O OE1 . GLN A 1 41  ? 3.181   2.875   -12.302 1.00 38.55 ? 39  GLN A OE1 1 
ATOM   334 N NE2 . GLN A 1 41  ? 2.932   4.286   -10.664 1.00 31.48 ? 39  GLN A NE2 1 
ATOM   335 N N   . PRO A 1 42  ? 5.924   -1.850  -11.201 1.00 34.98 ? 40  PRO A N   1 
ATOM   336 C CA  . PRO A 1 42  ? 6.104   -3.166  -11.833 1.00 39.10 ? 40  PRO A CA  1 
ATOM   337 C C   . PRO A 1 42  ? 6.230   -4.295  -10.814 1.00 39.03 ? 40  PRO A C   1 
ATOM   338 O O   . PRO A 1 42  ? 5.749   -5.363  -11.031 1.00 34.16 ? 40  PRO A O   1 
ATOM   339 C CB  . PRO A 1 42  ? 7.388   -3.019  -12.640 1.00 36.99 ? 40  PRO A CB  1 
ATOM   340 C CG  . PRO A 1 42  ? 7.642   -1.586  -12.686 1.00 38.31 ? 40  PRO A CG  1 
ATOM   341 C CD  . PRO A 1 42  ? 7.065   -0.988  -11.461 1.00 32.84 ? 40  PRO A CD  1 
ATOM   342 N N   . HIS A 1 43  ? 6.888   -4.015  -9.715  1.00 31.21 ? 41  HIS A N   1 
ATOM   343 C CA  . HIS A 1 43  ? 7.052   -4.965  -8.673  1.00 33.06 ? 41  HIS A CA  1 
ATOM   344 C C   . HIS A 1 43  ? 5.737   -5.355  -8.037  1.00 41.03 ? 41  HIS A C   1 
ATOM   345 O O   . HIS A 1 43  ? 5.508   -6.498  -7.776  1.00 33.44 ? 41  HIS A O   1 
ATOM   346 C CB  . HIS A 1 43  ? 8.000   -4.424  -7.634  1.00 36.11 ? 41  HIS A CB  1 
ATOM   347 C CG  . HIS A 1 43  ? 9.420   -4.443  -8.067  1.00 42.30 ? 41  HIS A CG  1 
ATOM   348 N ND1 . HIS A 1 43  ? 10.164  -3.306  -8.208  1.00 50.88 ? 41  HIS A ND1 1 
ATOM   349 C CD2 . HIS A 1 43  ? 10.223  -5.465  -8.412  1.00 45.84 ? 41  HIS A CD2 1 
ATOM   350 C CE1 . HIS A 1 43  ? 11.375  -3.627  -8.605  1.00 54.93 ? 41  HIS A CE1 1 
ATOM   351 N NE2 . HIS A 1 43  ? 11.438  -4.933  -8.731  1.00 53.82 ? 41  HIS A NE2 1 
ATOM   352 N N   . LEU A 1 44  ? 4.875   -4.394  -7.807  1.00 39.53 ? 42  LEU A N   1 
ATOM   353 C CA  . LEU A 1 44  ? 3.605   -4.669  -7.210  1.00 37.39 ? 42  LEU A CA  1 
ATOM   354 C C   . LEU A 1 44  ? 2.786   -5.605  -8.100  1.00 33.91 ? 42  LEU A C   1 
ATOM   355 O O   . LEU A 1 44  ? 2.129   -6.493  -7.621  1.00 35.86 ? 42  LEU A O   1 
ATOM   356 C CB  . LEU A 1 44  ? 2.865   -3.385  -6.887  1.00 43.30 ? 42  LEU A CB  1 
ATOM   357 C CG  . LEU A 1 44  ? 1.856   -3.546  -5.767  1.00 42.51 ? 42  LEU A CG  1 
ATOM   358 C CD1 . LEU A 1 44  ? 2.476   -3.550  -4.399  1.00 32.12 ? 42  LEU A CD1 1 
ATOM   359 C CD2 . LEU A 1 44  ? 0.779   -2.506  -5.855  1.00 42.02 ? 42  LEU A CD2 1 
ATOM   360 N N   . THR A 1 45  ? 2.879   -5.398  -9.396  1.00 35.34 ? 43  THR A N   1 
ATOM   361 C CA  . THR A 1 45  ? 2.165   -6.215  -10.348 1.00 35.36 ? 43  THR A CA  1 
ATOM   362 C C   . THR A 1 45  ? 2.611   -7.660  -10.227 1.00 36.05 ? 43  THR A C   1 
ATOM   363 O O   . THR A 1 45  ? 1.813   -8.542  -10.298 1.00 36.25 ? 43  THR A O   1 
ATOM   364 C CB  . THR A 1 45  ? 2.351   -5.700  -11.783 1.00 35.48 ? 43  THR A CB  1 
ATOM   365 O OG1 . THR A 1 45  ? 1.647   -4.476  -11.940 1.00 36.68 ? 43  THR A OG1 1 
ATOM   366 C CG2 . THR A 1 45  ? 1.835   -6.675  -12.781 1.00 31.86 ? 43  THR A CG2 1 
ATOM   367 N N   . LYS A 1 46  ? 3.901   -7.870  -10.062 1.00 32.63 ? 44  LYS A N   1 
ATOM   368 C CA  . LYS A 1 46  ? 4.420   -9.196  -9.897  1.00 42.99 ? 44  LYS A CA  1 
ATOM   369 C C   . LYS A 1 46  ? 3.899   -9.814  -8.598  1.00 39.69 ? 44  LYS A C   1 
ATOM   370 O O   . LYS A 1 46  ? 3.505   -10.930 -8.572  1.00 32.07 ? 44  LYS A O   1 
ATOM   371 C CB  . LYS A 1 46  ? 5.942   -9.182  -9.933  1.00 49.17 ? 44  LYS A CB  1 
ATOM   372 C CG  . LYS A 1 46  ? 6.546   -9.126  -11.308 1.00 51.90 ? 44  LYS A CG  1 
ATOM   373 C CD  . LYS A 1 46  ? 8.039   -8.926  -11.207 1.00 59.21 ? 44  LYS A CD  1 
ATOM   374 C CE  . LYS A 1 46  ? 8.724   -8.923  -12.563 1.00 69.02 ? 44  LYS A CE  1 
ATOM   375 N NZ  . LYS A 1 46  ? 9.993   -8.156  -12.528 1.00 73.69 ? 44  LYS A NZ  1 
ATOM   376 N N   . LEU A 1 47  ? 3.911   -9.051  -7.530  1.00 33.67 ? 45  LEU A N   1 
ATOM   377 C CA  . LEU A 1 47  ? 3.426   -9.497  -6.249  1.00 30.81 ? 45  LEU A CA  1 
ATOM   378 C C   . LEU A 1 47  ? 1.942   -9.805  -6.231  1.00 35.73 ? 45  LEU A C   1 
ATOM   379 O O   . LEU A 1 47  ? 1.527   -10.736 -5.615  1.00 39.90 ? 45  LEU A O   1 
ATOM   380 C CB  . LEU A 1 47  ? 3.800   -8.512  -5.168  1.00 27.99 ? 45  LEU A CB  1 
ATOM   381 C CG  . LEU A 1 47  ? 5.280   -8.461  -4.832  1.00 38.00 ? 45  LEU A CG  1 
ATOM   382 C CD1 . LEU A 1 47  ? 5.637   -7.236  -4.043  1.00 34.42 ? 45  LEU A CD1 1 
ATOM   383 C CD2 . LEU A 1 47  ? 5.797   -9.681  -4.129  1.00 34.62 ? 45  LEU A CD2 1 
ATOM   384 N N   . ILE A 1 48  ? 1.157   -9.026  -6.939  1.00 30.70 ? 46  ILE A N   1 
ATOM   385 C CA  . ILE A 1 48  ? -0.261  -9.237  -7.005  1.00 27.47 ? 46  ILE A CA  1 
ATOM   386 C C   . ILE A 1 48  ? -0.582  -10.625 -7.604  1.00 36.05 ? 46  ILE A C   1 
ATOM   387 O O   . ILE A 1 48  ? -1.406  -11.318 -7.113  1.00 35.73 ? 46  ILE A O   1 
ATOM   388 C CB  . ILE A 1 48  ? -0.894  -8.122  -7.857  1.00 31.69 ? 46  ILE A CB  1 
ATOM   389 C CG1 . ILE A 1 48  ? -0.886  -6.801  -7.111  1.00 38.04 ? 46  ILE A CG1 1 
ATOM   390 C CG2 . ILE A 1 48  ? -2.299  -8.447  -8.282  1.00 29.61 ? 46  ILE A CG2 1 
ATOM   391 C CD1 . ILE A 1 48  ? -1.248  -5.640  -7.978  1.00 37.80 ? 46  ILE A CD1 1 
ATOM   392 N N   . GLN A 1 49  ? 0.096   -10.972 -8.678  1.00 33.49 ? 47  GLN A N   1 
ATOM   393 C CA  . GLN A 1 49  ? -0.005  -12.262 -9.351  1.00 37.70 ? 47  GLN A CA  1 
ATOM   394 C C   . GLN A 1 49  ? 0.561   -13.406 -8.511  0.81 36.43 ? 47  GLN A C   1 
ATOM   395 O O   . GLN A 1 49  ? 0.052   -14.482 -8.526  0.87 37.43 ? 47  GLN A O   1 
ATOM   396 C CB  . GLN A 1 49  ? 0.621   -12.172 -10.737 1.00 40.24 ? 47  GLN A CB  1 
ATOM   397 C CG  . GLN A 1 49  ? -0.190  -11.279 -11.652 1.00 44.30 ? 47  GLN A CG  1 
ATOM   398 C CD  . GLN A 1 49  ? 0.500   -10.941 -12.939 1.00 47.71 ? 47  GLN A CD  1 
ATOM   399 O OE1 . GLN A 1 49  ? 1.321   -11.685 -13.410 0.60 46.27 ? 47  GLN A OE1 1 
ATOM   400 N NE2 . GLN A 1 49  ? 0.153   -9.819  -13.514 1.00 49.87 ? 47  GLN A NE2 1 
ATOM   401 N N   . ALA A 1 50  ? 1.643   -13.135 -7.803  1.00 38.04 ? 48  ALA A N   1 
ATOM   402 C CA  . ALA A 1 50  ? 2.304   -14.101 -6.953  1.00 38.72 ? 48  ALA A CA  1 
ATOM   403 C C   . ALA A 1 50  ? 1.601   -14.480 -5.676  1.00 38.73 ? 48  ALA A C   1 
ATOM   404 O O   . ALA A 1 50  ? 1.791   -15.556 -5.192  1.00 32.34 ? 48  ALA A O   1 
ATOM   405 C CB  . ALA A 1 50  ? 3.727   -13.701 -6.677  1.00 40.79 ? 48  ALA A CB  1 
ATOM   406 N N   . TYR A 1 51  ? 0.796   -13.577 -5.150  1.00 27.03 ? 49  TYR A N   1 
ATOM   407 C CA  . TYR A 1 51  ? 0.089   -13.770 -3.900  1.00 36.54 ? 49  TYR A CA  1 
ATOM   408 C C   . TYR A 1 51  ? -1.391  -13.481 -4.068  1.00 36.10 ? 49  TYR A C   1 
ATOM   409 O O   . TYR A 1 51  ? -1.909  -12.540 -3.554  1.00 35.96 ? 49  TYR A O   1 
ATOM   410 C CB  . TYR A 1 51  ? 0.723   -12.896 -2.802  1.00 31.70 ? 49  TYR A CB  1 
ATOM   411 C CG  . TYR A 1 51  ? 2.149   -13.256 -2.509  1.00 37.95 ? 49  TYR A CG  1 
ATOM   412 C CD1 . TYR A 1 51  ? 2.456   -14.190 -1.570  1.00 33.97 ? 49  TYR A CD1 1 
ATOM   413 C CD2 . TYR A 1 51  ? 3.173   -12.692 -3.198  1.00 31.71 ? 49  TYR A CD2 1 
ATOM   414 C CE1 . TYR A 1 51  ? 3.744   -14.550 -1.319  1.00 35.11 ? 49  TYR A CE1 1 
ATOM   415 C CE2 . TYR A 1 51  ? 4.474   -13.047 -2.957  1.00 35.09 ? 49  TYR A CE2 1 
ATOM   416 C CZ  . TYR A 1 51  ? 4.749   -13.992 -2.022  1.00 40.14 ? 49  TYR A CZ  1 
ATOM   417 O OH  . TYR A 1 51  ? 6.027   -14.351 -1.779  1.00 40.53 ? 49  TYR A OH  1 
ATOM   418 N N   . PRO A 1 52  ? -2.095  -14.339 -4.789  1.00 39.66 ? 50  PRO A N   1 
ATOM   419 C CA  . PRO A 1 52  ? -3.524  -14.156 -5.057  1.00 40.79 ? 50  PRO A CA  1 
ATOM   420 C C   . PRO A 1 52  ? -4.413  -14.213 -3.836  1.00 44.22 ? 50  PRO A C   1 
ATOM   421 O O   . PRO A 1 52  ? -5.503  -13.703 -3.906  1.00 50.20 ? 50  PRO A O   1 
ATOM   422 C CB  . PRO A 1 52  ? -3.853  -15.262 -6.051  1.00 41.69 ? 50  PRO A CB  1 
ATOM   423 C CG  . PRO A 1 52  ? -2.565  -15.815 -6.474  1.00 42.55 ? 50  PRO A CG  1 
ATOM   424 C CD  . PRO A 1 52  ? -1.622  -15.595 -5.357  1.00 30.86 ? 50  PRO A CD  1 
ATOM   425 N N   . ASP A 1 53  ? -3.950  -14.806 -2.755  1.00 44.17 ? 51  ASP A N   1 
ATOM   426 C CA  . ASP A 1 53  ? -4.686  -14.861 -1.494  1.00 45.53 ? 51  ASP A CA  1 
ATOM   427 C C   . ASP A 1 53  ? -4.704  -13.512 -0.743  1.00 39.61 ? 51  ASP A C   1 
ATOM   428 O O   . ASP A 1 53  ? -5.386  -13.367 0.229   1.00 35.19 ? 51  ASP A O   1 
ATOM   429 C CB  . ASP A 1 53  ? -4.162  -15.957 -0.575  1.00 52.88 ? 51  ASP A CB  1 
ATOM   430 C CG  . ASP A 1 53  ? -2.665  -15.898 -0.385  1.00 68.84 ? 51  ASP A CG  1 
ATOM   431 O OD1 . ASP A 1 53  ? -1.932  -15.611 -1.352  1.00 63.28 ? 51  ASP A OD1 1 
ATOM   432 O OD2 . ASP A 1 53  ? -2.212  -16.179 0.732   1.00 77.38 ? 51  ASP A OD2 1 
ATOM   433 N N   . VAL A 1 54  ? -3.947  -12.542 -1.222  1.00 34.30 ? 52  VAL A N   1 
ATOM   434 C CA  . VAL A 1 54  ? -3.858  -11.230 -0.609  1.00 33.58 ? 52  VAL A CA  1 
ATOM   435 C C   . VAL A 1 54  ? -4.509  -10.128 -1.443  1.00 37.11 ? 52  VAL A C   1 
ATOM   436 O O   . VAL A 1 54  ? -4.319  -10.047 -2.619  1.00 29.89 ? 52  VAL A O   1 
ATOM   437 C CB  . VAL A 1 54  ? -2.393  -10.862 -0.362  1.00 36.57 ? 52  VAL A CB  1 
ATOM   438 C CG1 . VAL A 1 54  ? -2.263  -9.586  0.435   1.00 34.86 ? 52  VAL A CG1 1 
ATOM   439 C CG2 . VAL A 1 54  ? -1.683  -11.986 0.329   1.00 39.35 ? 52  VAL A CG2 1 
ATOM   440 N N   . ARG A 1 55  ? -5.262  -9.268  -0.792  1.00 30.78 ? 53  ARG A N   1 
ATOM   441 C CA  . ARG A 1 55  ? -5.890  -8.180  -1.464  1.00 30.17 ? 53  ARG A CA  1 
ATOM   442 C C   . ARG A 1 55  ? -4.961  -6.971  -1.499  1.00 31.94 ? 53  ARG A C   1 
ATOM   443 O O   . ARG A 1 55  ? -4.542  -6.454  -0.491  1.00 30.09 ? 53  ARG A O   1 
ATOM   444 C CB  . ARG A 1 55  ? -7.195  -7.827  -0.786  1.00 35.02 ? 53  ARG A CB  1 
ATOM   445 C CG  . ARG A 1 55  ? -7.854  -6.562  -1.294  1.00 40.25 ? 53  ARG A CG  1 
ATOM   446 C CD  . ARG A 1 55  ? -8.640  -6.855  -2.557  1.00 41.06 ? 53  ARG A CD  1 
ATOM   447 N NE  . ARG A 1 55  ? -9.251  -5.709  -3.206  1.00 43.65 ? 53  ARG A NE  1 
ATOM   448 C CZ  . ARG A 1 55  ? -10.487 -5.297  -2.984  1.00 50.18 ? 53  ARG A CZ  1 
ATOM   449 N NH1 . ARG A 1 55  ? -11.231 -5.904  -2.101  1.00 47.45 ? 53  ARG A NH1 1 
ATOM   450 N NH2 . ARG A 1 55  ? -10.972 -4.265  -3.617  1.00 47.83 ? 53  ARG A NH2 1 
ATOM   451 N N   . PHE A 1 56  ? -4.665  -6.542  -2.700  1.00 26.23 ? 54  PHE A N   1 
ATOM   452 C CA  . PHE A 1 56  ? -3.834  -5.407  -2.927  1.00 23.25 ? 54  PHE A CA  1 
ATOM   453 C C   . PHE A 1 56  ? -4.680  -4.222  -3.407  1.00 27.99 ? 54  PHE A C   1 
ATOM   454 O O   . PHE A 1 56  ? -5.489  -4.337  -4.291  1.00 28.07 ? 54  PHE A O   1 
ATOM   455 C CB  . PHE A 1 56  ? -2.810  -5.691  -4.004  1.00 27.46 ? 54  PHE A CB  1 
ATOM   456 C CG  . PHE A 1 56  ? -1.723  -6.635  -3.621  1.00 33.66 ? 54  PHE A CG  1 
ATOM   457 C CD1 . PHE A 1 56  ? -1.933  -7.977  -3.652  1.00 29.48 ? 54  PHE A CD1 1 
ATOM   458 C CD2 . PHE A 1 56  ? -0.467  -6.184  -3.329  1.00 34.09 ? 54  PHE A CD2 1 
ATOM   459 C CE1 . PHE A 1 56  ? -0.942  -8.853  -3.347  1.00 29.65 ? 54  PHE A CE1 1 
ATOM   460 C CE2 . PHE A 1 56  ? 0.534   -7.054  -3.034  1.00 29.06 ? 54  PHE A CE2 1 
ATOM   461 C CZ  . PHE A 1 56  ? 0.293   -8.396  -3.047  1.00 31.25 ? 54  PHE A CZ  1 
ATOM   462 N N   . VAL A 1 57  ? -4.463  -3.093  -2.795  1.00 23.87 ? 55  VAL A N   1 
ATOM   463 C CA  . VAL A 1 57  ? -5.104  -1.844  -3.138  1.00 24.93 ? 55  VAL A CA  1 
ATOM   464 C C   . VAL A 1 57  ? -4.075  -0.723  -3.017  1.00 24.93 ? 55  VAL A C   1 
ATOM   465 O O   . VAL A 1 57  ? -3.031  -0.905  -2.452  1.00 25.19 ? 55  VAL A O   1 
ATOM   466 C CB  . VAL A 1 57  ? -6.359  -1.527  -2.326  1.00 22.83 ? 55  VAL A CB  1 
ATOM   467 C CG1 . VAL A 1 57  ? -7.332  -2.676  -2.303  1.00 22.95 ? 55  VAL A CG1 1 
ATOM   468 C CG2 . VAL A 1 57  ? -6.005  -1.086  -0.945  1.00 24.25 ? 55  VAL A CG2 1 
ATOM   469 N N   . LYS A 1 58  ? -4.389  0.416   -3.584  1.00 22.91 ? 56  LYS A N   1 
ATOM   470 C CA  . LYS A 1 58  ? -3.525  1.577   -3.574  1.00 30.84 ? 56  LYS A CA  1 
ATOM   471 C C   . LYS A 1 58  ? -4.278  2.833   -3.174  1.00 29.09 ? 56  LYS A C   1 
ATOM   472 O O   . LYS A 1 58  ? -5.450  2.896   -3.320  1.00 28.68 ? 56  LYS A O   1 
ATOM   473 C CB  . LYS A 1 58  ? -2.885  1.772   -4.932  1.00 23.98 ? 56  LYS A CB  1 
ATOM   474 C CG  . LYS A 1 58  ? -3.870  1.966   -6.055  1.00 26.51 ? 56  LYS A CG  1 
ATOM   475 C CD  . LYS A 1 58  ? -3.240  2.065   -7.420  1.00 30.75 ? 56  LYS A CD  1 
ATOM   476 C CE  . LYS A 1 58  ? -4.319  2.230   -8.467  1.00 26.83 ? 56  LYS A CE  1 
ATOM   477 N NZ  . LYS A 1 58  ? -3.916  2.059   -9.857  1.00 33.07 ? 56  LYS A NZ  1 
ATOM   478 N N   . CYS A 1 59  ? -3.567  3.802   -2.652  1.00 25.34 ? 57  CYS A N   1 
ATOM   479 C CA  . CYS A 1 59  ? -4.112  5.072   -2.234  1.00 18.62 ? 57  CYS A CA  1 
ATOM   480 C C   . CYS A 1 59  ? -3.165  6.229   -2.557  1.00 25.47 ? 57  CYS A C   1 
ATOM   481 O O   . CYS A 1 59  ? -2.013  6.194   -2.230  1.00 27.74 ? 57  CYS A O   1 
ATOM   482 C CB  . CYS A 1 59  ? -4.446  5.029   -0.750  1.00 26.18 ? 57  CYS A CB  1 
ATOM   483 S SG  . CYS A 1 59  ? -5.137  6.487   0.024   1.00 27.49 ? 57  CYS A SG  1 
ATOM   484 N N   . ASP A 1 60  ? -3.684  7.264   -3.179  1.00 26.26 ? 58  ASP A N   1 
ATOM   485 C CA  . ASP A 1 60  ? -2.922  8.434   -3.547  1.00 21.76 ? 58  ASP A CA  1 
ATOM   486 C C   . ASP A 1 60  ? -2.990  9.354   -2.376  1.00 29.80 ? 58  ASP A C   1 
ATOM   487 O O   . ASP A 1 60  ? -4.028  9.811   -2.038  1.00 33.60 ? 58  ASP A O   1 
ATOM   488 C CB  . ASP A 1 60  ? -3.572  9.070   -4.747  1.00 27.37 ? 58  ASP A CB  1 
ATOM   489 C CG  . ASP A 1 60  ? -2.820  10.249  -5.296  1.00 40.18 ? 58  ASP A CG  1 
ATOM   490 O OD1 . ASP A 1 60  ? -2.225  10.991  -4.564  1.00 37.42 ? 58  ASP A OD1 1 
ATOM   491 O OD2 . ASP A 1 60  ? -2.872  10.453  -6.500  1.00 43.95 ? 58  ASP A OD2 1 
ATOM   492 N N   . VAL A 1 61  ? -1.860  9.621   -1.765  1.00 31.69 ? 59  VAL A N   1 
ATOM   493 C CA  . VAL A 1 61  ? -1.805  10.474  -0.595  1.00 31.94 ? 59  VAL A CA  1 
ATOM   494 C C   . VAL A 1 61  ? -2.272  11.908  -0.853  1.00 35.77 ? 59  VAL A C   1 
ATOM   495 O O   . VAL A 1 61  ? -2.817  12.532  0.004   1.00 37.17 ? 59  VAL A O   1 
ATOM   496 C CB  . VAL A 1 61  ? -0.458  10.413  0.146   1.00 35.06 ? 59  VAL A CB  1 
ATOM   497 C CG1 . VAL A 1 61  ? 0.009   8.998   0.337   1.00 27.49 ? 59  VAL A CG1 1 
ATOM   498 C CG2 . VAL A 1 61  ? 0.590   11.205  -0.555  1.00 40.46 ? 59  VAL A CG2 1 
ATOM   499 N N   . ASP A 1 62  ? -2.012  12.425  -2.034  1.00 31.58 ? 60  ASP A N   1 
ATOM   500 C CA  . ASP A 1 62  ? -2.457  13.754  -2.388  1.00 36.97 ? 60  ASP A CA  1 
ATOM   501 C C   . ASP A 1 62  ? -3.968  13.826  -2.538  1.00 37.66 ? 60  ASP A C   1 
ATOM   502 O O   . ASP A 1 62  ? -4.574  14.761  -2.118  1.00 38.35 ? 60  ASP A O   1 
ATOM   503 C CB  . ASP A 1 62  ? -1.728  14.241  -3.612  1.00 41.83 ? 60  ASP A CB  1 
ATOM   504 C CG  . ASP A 1 62  ? -0.277  14.477  -3.337  1.00 45.87 ? 60  ASP A CG  1 
ATOM   505 O OD1 . ASP A 1 62  ? -0.011  15.097  -2.330  1.00 40.62 ? 60  ASP A OD1 1 
ATOM   506 O OD2 . ASP A 1 62  ? 0.569   14.014  -4.100  1.00 46.08 ? 60  ASP A OD2 1 
ATOM   507 N N   . GLU A 1 63  ? -4.544  12.827  -3.181  1.00 37.08 ? 61  GLU A N   1 
ATOM   508 C CA  . GLU A 1 63  ? -5.970  12.692  -3.360  1.00 36.11 ? 61  GLU A CA  1 
ATOM   509 C C   . GLU A 1 63  ? -6.748  12.369  -2.085  1.00 38.71 ? 61  GLU A C   1 
ATOM   510 O O   . GLU A 1 63  ? -7.812  12.870  -1.881  1.00 35.99 ? 61  GLU A O   1 
ATOM   511 C CB  . GLU A 1 63  ? -6.253  11.685  -4.452  1.00 42.22 ? 61  GLU A CB  1 
ATOM   512 C CG  . GLU A 1 63  ? -7.663  11.138  -4.488  1.00 58.61 ? 61  GLU A CG  1 
ATOM   513 C CD  . GLU A 1 63  ? -7.916  10.237  -5.674  1.00 68.76 ? 61  GLU A CD  1 
ATOM   514 O OE1 . GLU A 1 63  ? -8.875  10.489  -6.389  1.00 79.72 ? 61  GLU A OE1 1 
ATOM   515 O OE2 . GLU A 1 63  ? -7.190  9.275   -5.903  1.00 66.34 ? 61  GLU A OE2 1 
ATOM   516 N N   . SER A 1 64  ? -6.194  11.525  -1.232  1.00 35.22 ? 62  SER A N   1 
ATOM   517 C CA  . SER A 1 64  ? -6.861  11.115  -0.016  1.00 32.44 ? 62  SER A CA  1 
ATOM   518 C C   . SER A 1 64  ? -6.013  11.309  1.240   1.00 30.34 ? 62  SER A C   1 
ATOM   519 O O   . SER A 1 64  ? -5.628  10.370  1.885   1.00 32.48 ? 62  SER A O   1 
ATOM   520 C CB  . SER A 1 64  ? -7.260  9.653   -0.136  1.00 44.39 ? 62  SER A CB  1 
ATOM   521 O OG  . SER A 1 64  ? -8.007  9.414   -1.268  1.00 41.62 ? 62  SER A OG  1 
ATOM   522 N N   . PRO A 1 65  ? -5.766  12.546  1.616   1.00 33.37 ? 63  PRO A N   1 
ATOM   523 C CA  . PRO A 1 65  ? -4.962  12.853  2.798   1.00 35.51 ? 63  PRO A CA  1 
ATOM   524 C C   . PRO A 1 65  ? -5.544  12.290  4.086   1.00 37.33 ? 63  PRO A C   1 
ATOM   525 O O   . PRO A 1 65  ? -4.812  11.891  4.916   1.00 38.63 ? 63  PRO A O   1 
ATOM   526 C CB  . PRO A 1 65  ? -4.931  14.362  2.826   1.00 37.77 ? 63  PRO A CB  1 
ATOM   527 C CG  . PRO A 1 65  ? -6.089  14.784  2.011   1.00 39.76 ? 63  PRO A CG  1 
ATOM   528 C CD  . PRO A 1 65  ? -6.248  13.757  0.953   1.00 38.62 ? 63  PRO A CD  1 
ATOM   529 N N   . ASP A 1 66  ? -6.845  12.234  4.211   1.00 37.24 ? 64  ASP A N   1 
ATOM   530 C CA  . ASP A 1 66  ? -7.460  11.722  5.408   1.00 40.02 ? 64  ASP A CA  1 
ATOM   531 C C   . ASP A 1 66  ? -7.081  10.276  5.662   1.00 37.27 ? 64  ASP A C   1 
ATOM   532 O O   . ASP A 1 66  ? -6.868  9.889   6.769   1.00 32.95 ? 64  ASP A O   1 
ATOM   533 C CB  . ASP A 1 66  ? -8.972  11.883  5.328   1.00 55.36 ? 64  ASP A CB  1 
ATOM   534 C CG  . ASP A 1 66  ? -9.532  11.619  3.923   1.00 76.12 ? 64  ASP A CG  1 
ATOM   535 O OD1 . ASP A 1 66  ? -8.923  11.998  2.891   1.00 75.27 ? 64  ASP A OD1 1 
ATOM   536 O OD2 . ASP A 1 66  ? -10.621 11.042  3.850   1.00 85.75 ? 64  ASP A OD2 1 
ATOM   537 N N   . ILE A 1 67  ? -7.030  9.486   4.613   1.00 33.88 ? 65  ILE A N   1 
ATOM   538 C CA  . ILE A 1 67  ? -6.650  8.090   4.705   1.00 33.11 ? 65  ILE A CA  1 
ATOM   539 C C   . ILE A 1 67  ? -5.188  7.900   5.056   1.00 37.81 ? 65  ILE A C   1 
ATOM   540 O O   . ILE A 1 67  ? -4.848  7.060   5.826   1.00 34.69 ? 65  ILE A O   1 
ATOM   541 C CB  . ILE A 1 67  ? -7.006  7.329   3.440   1.00 30.21 ? 65  ILE A CB  1 
ATOM   542 C CG1 . ILE A 1 67  ? -8.502  7.422   3.217   1.00 29.60 ? 65  ILE A CG1 1 
ATOM   543 C CG2 . ILE A 1 67  ? -6.581  5.899   3.573   1.00 34.45 ? 65  ILE A CG2 1 
ATOM   544 C CD1 . ILE A 1 67  ? -8.992  6.783   1.971   1.00 30.80 ? 65  ILE A CD1 1 
ATOM   545 N N   . ALA A 1 68  ? -4.346  8.713   4.459   1.00 32.13 ? 66  ALA A N   1 
ATOM   546 C CA  . ALA A 1 68  ? -2.946  8.677   4.683   1.00 26.53 ? 66  ALA A CA  1 
ATOM   547 C C   . ALA A 1 68  ? -2.651  9.000   6.147   1.00 30.47 ? 66  ALA A C   1 
ATOM   548 O O   . ALA A 1 68  ? -1.839  8.384   6.746   1.00 31.09 ? 66  ALA A O   1 
ATOM   549 C CB  . ALA A 1 68  ? -2.276  9.662   3.771   1.00 30.05 ? 66  ALA A CB  1 
ATOM   550 N N   . LYS A 1 69  ? -3.347  9.979   6.687   1.00 29.11 ? 67  LYS A N   1 
ATOM   551 C CA  . LYS A 1 69  ? -3.200  10.436  8.061   1.00 33.84 ? 67  LYS A CA  1 
ATOM   552 C C   . LYS A 1 69  ? -3.564  9.375   9.067   1.00 38.18 ? 67  LYS A C   1 
ATOM   553 O O   . LYS A 1 69  ? -2.961  9.254   10.089  1.00 36.25 ? 67  LYS A O   1 
ATOM   554 C CB  . LYS A 1 69  ? -4.027  11.692  8.298   1.00 32.09 ? 67  LYS A CB  1 
ATOM   555 C CG  . LYS A 1 69  ? -3.999  12.245  9.701   1.00 35.49 ? 67  LYS A CG  1 
ATOM   556 C CD  . LYS A 1 69  ? -2.610  12.641  10.125  1.00 44.72 ? 67  LYS A CD  1 
ATOM   557 C CE  . LYS A 1 69  ? -2.585  13.165  11.550  1.00 54.93 ? 67  LYS A CE  1 
ATOM   558 N NZ  . LYS A 1 69  ? -1.222  13.450  12.058  1.00 57.59 ? 67  LYS A NZ  1 
ATOM   559 N N   . GLU A 1 70  ? -4.582  8.635   8.724   1.00 33.82 ? 68  GLU A N   1 
ATOM   560 C CA  . GLU A 1 70  ? -5.095  7.577   9.513   1.00 35.10 ? 68  GLU A CA  1 
ATOM   561 C C   . GLU A 1 70  ? -4.039  6.490   9.644   1.00 36.64 ? 68  GLU A C   1 
ATOM   562 O O   . GLU A 1 70  ? -3.999  5.795   10.596  1.00 37.71 ? 68  GLU A O   1 
ATOM   563 C CB  . GLU A 1 70  ? -6.368  7.093   8.885   1.00 42.19 ? 68  GLU A CB  1 
ATOM   564 C CG  . GLU A 1 70  ? -7.147  6.175   9.750   1.00 50.94 ? 68  GLU A CG  1 
ATOM   565 C CD  . GLU A 1 70  ? -8.330  6.814   10.410  1.00 65.73 ? 68  GLU A CD  1 
ATOM   566 O OE1 . GLU A 1 70  ? -8.421  8.043   10.481  1.00 68.95 ? 68  GLU A OE1 1 
ATOM   567 O OE2 . GLU A 1 70  ? -9.173  6.044   10.853  1.00 70.85 ? 68  GLU A OE2 1 
ATOM   568 N N   . CYS A 1 71  ? -3.191  6.361   8.654   1.00 33.19 ? 69  CYS A N   1 
ATOM   569 C CA  . CYS A 1 71  ? -2.122  5.399   8.667   1.00 25.80 ? 69  CYS A CA  1 
ATOM   570 C C   . CYS A 1 71  ? -0.769  6.043   8.997   1.00 25.90 ? 69  CYS A C   1 
ATOM   571 O O   . CYS A 1 71  ? 0.247   5.419   8.944   1.00 31.20 ? 69  CYS A O   1 
ATOM   572 C CB  . CYS A 1 71  ? -2.080  4.683   7.323   1.00 33.06 ? 69  CYS A CB  1 
ATOM   573 S SG  . CYS A 1 71  ? -3.497  3.651   6.966   1.00 34.21 ? 69  CYS A SG  1 
ATOM   574 N N   . GLU A 1 72  ? -0.791  7.315   9.325   1.00 28.45 ? 70  GLU A N   1 
ATOM   575 C CA  . GLU A 1 72  ? 0.412   8.061   9.650   1.00 31.69 ? 70  GLU A CA  1 
ATOM   576 C C   . GLU A 1 72  ? 1.445   8.011   8.542   1.00 26.98 ? 70  GLU A C   1 
ATOM   577 O O   . GLU A 1 72  ? 2.590   7.816   8.781   1.00 27.87 ? 70  GLU A O   1 
ATOM   578 C CB  . GLU A 1 72  ? 0.996   7.567   10.954  1.00 31.55 ? 70  GLU A CB  1 
ATOM   579 C CG  . GLU A 1 72  ? 0.012   7.547   12.091  1.00 40.41 ? 70  GLU A CG  1 
ATOM   580 C CD  . GLU A 1 72  ? -0.291  8.914   12.657  1.00 54.14 ? 70  GLU A CD  1 
ATOM   581 O OE1 . GLU A 1 72  ? -1.267  9.054   13.382  1.00 53.83 ? 70  GLU A OE1 1 
ATOM   582 O OE2 . GLU A 1 72  ? 0.453   9.854   12.401  1.00 56.57 ? 70  GLU A OE2 1 
ATOM   583 N N   . VAL A 1 73  ? 0.994   8.191   7.317   1.00 31.49 ? 71  VAL A N   1 
ATOM   584 C CA  . VAL A 1 73  ? 1.875   8.121   6.180   1.00 33.75 ? 71  VAL A CA  1 
ATOM   585 C C   . VAL A 1 73  ? 2.518   9.459   5.864   1.00 35.23 ? 71  VAL A C   1 
ATOM   586 O O   . VAL A 1 73  ? 1.894   10.371  5.437   1.00 36.58 ? 71  VAL A O   1 
ATOM   587 C CB  . VAL A 1 73  ? 1.176   7.555   4.936   1.00 33.81 ? 71  VAL A CB  1 
ATOM   588 C CG1 . VAL A 1 73  ? 2.155   7.442   3.792   1.00 30.40 ? 71  VAL A CG1 1 
ATOM   589 C CG2 . VAL A 1 73  ? 0.542   6.219   5.215   1.00 28.55 ? 71  VAL A CG2 1 
ATOM   590 N N   . THR A 1 74  ? 3.807   9.506   6.112   1.00 45.18 ? 72  THR A N   1 
ATOM   591 C CA  . THR A 1 74  ? 4.667   10.649  5.921   1.00 56.50 ? 72  THR A CA  1 
ATOM   592 C C   . THR A 1 74  ? 5.622   10.526  4.778   1.00 51.33 ? 72  THR A C   1 
ATOM   593 O O   . THR A 1 74  ? 6.204   11.513  4.375   1.00 58.75 ? 72  THR A O   1 
ATOM   594 C CB  . THR A 1 74  ? 5.627   10.698  7.105   1.00 63.93 ? 72  THR A CB  1 
ATOM   595 O OG1 . THR A 1 74  ? 5.978   9.352   7.434   1.00 72.49 ? 72  THR A OG1 1 
ATOM   596 C CG2 . THR A 1 74  ? 4.961   11.269  8.280   1.00 65.36 ? 72  THR A CG2 1 
ATOM   597 N N   . ALA A 1 75  ? 5.822   9.311   4.314   1.00 37.63 ? 73  ALA A N   1 
ATOM   598 C CA  . ALA A 1 75  ? 6.751   9.032   3.256   1.00 31.51 ? 73  ALA A CA  1 
ATOM   599 C C   . ALA A 1 75  ? 6.196   8.019   2.279   1.00 29.86 ? 73  ALA A C   1 
ATOM   600 O O   . ALA A 1 75  ? 5.385   7.240   2.624   1.00 29.37 ? 73  ALA A O   1 
ATOM   601 C CB  . ALA A 1 75  ? 8.033   8.548   3.846   1.00 33.25 ? 73  ALA A CB  1 
ATOM   602 N N   . MET A 1 76  ? 6.645   8.050   1.046   1.00 22.67 ? 74  MET A N   1 
ATOM   603 C CA  . MET A 1 76  ? 6.148   7.177   0.032   1.00 25.75 ? 74  MET A CA  1 
ATOM   604 C C   . MET A 1 76  ? 7.271   6.516   -0.751  1.00 30.52 ? 74  MET A C   1 
ATOM   605 O O   . MET A 1 76  ? 8.256   7.116   -0.956  1.00 33.27 ? 74  MET A O   1 
ATOM   606 C CB  . MET A 1 76  ? 5.264   7.962   -0.934  1.00 22.45 ? 74  MET A CB  1 
ATOM   607 C CG  . MET A 1 76  ? 3.991   8.549   -0.383  1.00 35.40 ? 74  MET A CG  1 
ATOM   608 S SD  . MET A 1 76  ? 4.112   9.915   0.770   1.00 44.66 ? 74  MET A SD  1 
ATOM   609 C CE  . MET A 1 76  ? 4.748   11.197  -0.257  1.00 32.38 ? 74  MET A CE  1 
ATOM   610 N N   . PRO A 1 77  ? 7.069   5.297   -1.215  1.00 32.24 ? 75  PRO A N   1 
ATOM   611 C CA  . PRO A 1 77  ? 5.848   4.552   -0.938  1.00 30.50 ? 75  PRO A CA  1 
ATOM   612 C C   . PRO A 1 77  ? 5.802   3.914   0.437   1.00 29.54 ? 75  PRO A C   1 
ATOM   613 O O   . PRO A 1 77  ? 6.823   3.555   0.932   1.00 29.35 ? 75  PRO A O   1 
ATOM   614 C CB  . PRO A 1 77  ? 5.888   3.454   -1.972  1.00 33.29 ? 75  PRO A CB  1 
ATOM   615 C CG  . PRO A 1 77  ? 7.302   3.249   -2.257  1.00 30.93 ? 75  PRO A CG  1 
ATOM   616 C CD  . PRO A 1 77  ? 7.982   4.550   -2.077  1.00 30.19 ? 75  PRO A CD  1 
ATOM   617 N N   . THR A 1 78  ? 4.629   3.780   1.019   1.00 28.07 ? 76  THR A N   1 
ATOM   618 C CA  . THR A 1 78  ? 4.448   3.085   2.269   1.00 23.80 ? 76  THR A CA  1 
ATOM   619 C C   . THR A 1 78  ? 3.443   1.982   2.022   1.00 27.14 ? 76  THR A C   1 
ATOM   620 O O   . THR A 1 78  ? 2.371   2.211   1.525   1.00 28.46 ? 76  THR A O   1 
ATOM   621 C CB  . THR A 1 78  ? 4.002   3.968   3.451   1.00 25.97 ? 76  THR A CB  1 
ATOM   622 O OG1 . THR A 1 78  ? 5.066   4.794   3.865   1.00 28.19 ? 76  THR A OG1 1 
ATOM   623 C CG2 . THR A 1 78  ? 3.594   3.149   4.609   1.00 21.10 ? 76  THR A CG2 1 
ATOM   624 N N   . PHE A 1 79  ? 3.819   0.781   2.385   1.00 23.87 ? 77  PHE A N   1 
ATOM   625 C CA  . PHE A 1 79  ? 2.950   -0.341  2.207   1.00 24.38 ? 77  PHE A CA  1 
ATOM   626 C C   . PHE A 1 79  ? 2.450   -0.767  3.573   1.00 27.01 ? 77  PHE A C   1 
ATOM   627 O O   . PHE A 1 79  ? 3.213   -1.109  4.427   1.00 29.00 ? 77  PHE A O   1 
ATOM   628 C CB  . PHE A 1 79  ? 3.656   -1.481  1.464   1.00 23.52 ? 77  PHE A CB  1 
ATOM   629 C CG  . PHE A 1 79  ? 4.330   -1.067  0.182   1.00 27.08 ? 77  PHE A CG  1 
ATOM   630 C CD1 . PHE A 1 79  ? 3.660   -1.086  -1.002  1.00 27.14 ? 77  PHE A CD1 1 
ATOM   631 C CD2 . PHE A 1 79  ? 5.635   -0.679  0.167   1.00 32.30 ? 77  PHE A CD2 1 
ATOM   632 C CE1 . PHE A 1 79  ? 4.258   -0.724  -2.163  1.00 23.18 ? 77  PHE A CE1 1 
ATOM   633 C CE2 . PHE A 1 79  ? 6.250   -0.309  -0.995  1.00 30.42 ? 77  PHE A CE2 1 
ATOM   634 C CZ  . PHE A 1 79  ? 5.558   -0.334  -2.158  1.00 27.72 ? 77  PHE A CZ  1 
ATOM   635 N N   . VAL A 1 80  ? 1.158   -0.714  3.754   1.00 24.38 ? 78  VAL A N   1 
ATOM   636 C CA  . VAL A 1 80  ? 0.551   -1.063  4.989   1.00 25.40 ? 78  VAL A CA  1 
ATOM   637 C C   . VAL A 1 80  ? -0.048  -2.432  4.817   1.00 25.93 ? 78  VAL A C   1 
ATOM   638 O O   . VAL A 1 80  ? -0.717  -2.686  3.871   1.00 24.77 ? 78  VAL A O   1 
ATOM   639 C CB  . VAL A 1 80  ? -0.525  -0.061  5.399   1.00 30.96 ? 78  VAL A CB  1 
ATOM   640 C CG1 . VAL A 1 80  ? -1.311  -0.565  6.568   1.00 34.39 ? 78  VAL A CG1 1 
ATOM   641 C CG2 . VAL A 1 80  ? 0.054   1.289   5.691   1.00 28.32 ? 78  VAL A CG2 1 
ATOM   642 N N   . LEU A 1 81  ? 0.228   -3.291  5.765   1.00 25.42 ? 79  LEU A N   1 
ATOM   643 C CA  . LEU A 1 81  ? -0.218  -4.658  5.743   1.00 27.32 ? 79  LEU A CA  1 
ATOM   644 C C   . LEU A 1 81  ? -1.256  -4.910  6.766   1.00 34.64 ? 79  LEU A C   1 
ATOM   645 O O   . LEU A 1 81  ? -1.150  -4.455  7.839   1.00 31.50 ? 79  LEU A O   1 
ATOM   646 C CB  . LEU A 1 81  ? 0.945   -5.614  5.946   1.00 30.05 ? 79  LEU A CB  1 
ATOM   647 C CG  . LEU A 1 81  ? 2.173   -5.638  5.033   1.00 38.56 ? 79  LEU A CG  1 
ATOM   648 C CD1 . LEU A 1 81  ? 2.838   -6.984  4.971   1.00 43.87 ? 79  LEU A CD1 1 
ATOM   649 C CD2 . LEU A 1 81  ? 1.941   -5.138  3.641   1.00 42.80 ? 79  LEU A CD2 1 
ATOM   650 N N   . GLY A 1 82  ? -2.278  -5.638  6.408   1.00 30.37 ? 80  GLY A N   1 
ATOM   651 C CA  . GLY A 1 82  ? -3.334  -5.964  7.319   1.00 24.95 ? 80  GLY A CA  1 
ATOM   652 C C   . GLY A 1 82  ? -3.666  -7.435  7.365   1.00 32.52 ? 80  GLY A C   1 
ATOM   653 O O   . GLY A 1 82  ? -3.656  -8.100  6.361   1.00 26.97 ? 80  GLY A O   1 
ATOM   654 N N   . LYS A 1 83  ? -3.947  -7.932  8.553   1.00 32.75 ? 81  LYS A N   1 
ATOM   655 C CA  . LYS A 1 83  ? -4.322  -9.317  8.756   1.00 35.04 ? 81  LYS A CA  1 
ATOM   656 C C   . LYS A 1 83  ? -5.491  -9.517  9.692   1.00 38.08 ? 81  LYS A C   1 
ATOM   657 O O   . LYS A 1 83  ? -5.553  -8.933  10.721  1.00 38.20 ? 81  LYS A O   1 
ATOM   658 C CB  . LYS A 1 83  ? -3.142  -10.105 9.253   1.00 39.14 ? 81  LYS A CB  1 
ATOM   659 C CG  . LYS A 1 83  ? -3.423  -11.570 9.417   1.00 51.88 ? 81  LYS A CG  1 
ATOM   660 C CD  . LYS A 1 83  ? -2.155  -12.389 9.478   1.00 62.03 ? 81  LYS A CD  1 
ATOM   661 C CE  . LYS A 1 83  ? -2.435  -13.830 9.843   1.00 67.33 ? 81  LYS A CE  1 
ATOM   662 N NZ  . LYS A 1 83  ? -3.781  -14.277 9.390   1.00 71.20 ? 81  LYS A NZ  1 
ATOM   663 N N   . ASP A 1 84  ? -6.436  -10.331 9.300   1.00 38.06 ? 82  ASP A N   1 
ATOM   664 C CA  . ASP A 1 84  ? -7.570  -10.645 10.150  1.00 47.85 ? 82  ASP A CA  1 
ATOM   665 C C   . ASP A 1 84  ? -8.256  -9.492  10.829  1.00 45.27 ? 82  ASP A C   1 
ATOM   666 O O   . ASP A 1 84  ? -8.378  -9.451  12.034  1.00 41.91 ? 82  ASP A O   1 
ATOM   667 C CB  . ASP A 1 84  ? -7.262  -11.783 11.096  1.00 54.14 ? 82  ASP A CB  1 
ATOM   668 C CG  . ASP A 1 84  ? -7.034  -13.075 10.354  1.00 67.83 ? 82  ASP A CG  1 
ATOM   669 O OD1 . ASP A 1 84  ? -7.685  -13.310 9.326   1.00 68.69 ? 82  ASP A OD1 1 
ATOM   670 O OD2 . ASP A 1 84  ? -6.178  -13.846 10.759  1.00 76.01 ? 82  ASP A OD2 1 
ATOM   671 N N   . GLY A 1 85  ? -8.671  -8.535  10.045  1.00 36.88 ? 83  GLY A N   1 
ATOM   672 C CA  . GLY A 1 85  ? -9.334  -7.404  10.604  1.00 38.58 ? 83  GLY A CA  1 
ATOM   673 C C   . GLY A 1 85  ? -8.552  -6.265  11.223  1.00 33.01 ? 83  GLY A C   1 
ATOM   674 O O   . GLY A 1 85  ? -9.168  -5.409  11.733  1.00 40.92 ? 83  GLY A O   1 
ATOM   675 N N   . GLN A 1 86  ? -7.243  -6.254  11.191  1.00 30.86 ? 84  GLN A N   1 
ATOM   676 C CA  . GLN A 1 86  ? -6.511  -5.147  11.759  1.00 37.59 ? 84  GLN A CA  1 
ATOM   677 C C   . GLN A 1 86  ? -5.207  -4.895  11.052  1.00 33.78 ? 84  GLN A C   1 
ATOM   678 O O   . GLN A 1 86  ? -4.703  -5.750  10.402  1.00 35.64 ? 84  GLN A O   1 
ATOM   679 C CB  . GLN A 1 86  ? -6.264  -5.342  13.242  1.00 43.58 ? 84  GLN A CB  1 
ATOM   680 C CG  . GLN A 1 86  ? -5.591  -6.638  13.567  1.00 48.25 ? 84  GLN A CG  1 
ATOM   681 C CD  . GLN A 1 86  ? -5.339  -6.848  15.034  1.00 52.42 ? 84  GLN A CD  1 
ATOM   682 O OE1 . GLN A 1 86  ? -5.815  -6.136  15.885  1.00 51.71 ? 84  GLN A OE1 1 
ATOM   683 N NE2 . GLN A 1 86  ? -4.553  -7.835  15.316  1.00 55.36 ? 84  GLN A NE2 1 
ATOM   684 N N   . LEU A 1 87  ? -4.678  -3.708  11.188  1.00 33.69 ? 85  LEU A N   1 
ATOM   685 C CA  . LEU A 1 87  ? -3.430  -3.380  10.563  1.00 34.13 ? 85  LEU A CA  1 
ATOM   686 C C   . LEU A 1 87  ? -2.300  -3.904  11.422  1.00 34.56 ? 85  LEU A C   1 
ATOM   687 O O   . LEU A 1 87  ? -2.320  -3.733  12.605  1.00 28.97 ? 85  LEU A O   1 
ATOM   688 C CB  . LEU A 1 87  ? -3.327  -1.885  10.335  1.00 31.17 ? 85  LEU A CB  1 
ATOM   689 C CG  . LEU A 1 87  ? -4.363  -1.282  9.388   1.00 35.43 ? 85  LEU A CG  1 
ATOM   690 C CD1 . LEU A 1 87  ? -4.295  0.205   9.238   1.00 29.82 ? 85  LEU A CD1 1 
ATOM   691 C CD2 . LEU A 1 87  ? -4.369  -1.967  8.046   1.00 34.32 ? 85  LEU A CD2 1 
ATOM   692 N N   . ILE A 1 88  ? -1.348  -4.583  10.822  1.00 28.35 ? 86  ILE A N   1 
ATOM   693 C CA  . ILE A 1 88  ? -0.242  -5.145  11.554  1.00 34.78 ? 86  ILE A CA  1 
ATOM   694 C C   . ILE A 1 88  ? 1.166   -4.869  11.092  1.00 35.55 ? 86  ILE A C   1 
ATOM   695 O O   . ILE A 1 88  ? 2.072   -5.392  11.672  1.00 38.43 ? 86  ILE A O   1 
ATOM   696 C CB  . ILE A 1 88  ? -0.350  -6.670  11.665  1.00 50.53 ? 86  ILE A CB  1 
ATOM   697 C CG1 . ILE A 1 88  ? -0.748  -7.265  10.351  1.00 59.51 ? 86  ILE A CG1 1 
ATOM   698 C CG2 . ILE A 1 88  ? -1.299  -7.076  12.747  1.00 42.74 ? 86  ILE A CG2 1 
ATOM   699 C CD1 . ILE A 1 88  ? 0.431   -7.507  9.485   1.00 63.35 ? 86  ILE A CD1 1 
ATOM   700 N N   . GLY A 1 89  ? 1.351   -4.111  10.034  1.00 31.72 ? 87  GLY A N   1 
ATOM   701 C CA  . GLY A 1 89  ? 2.665   -3.847  9.545   1.00 29.34 ? 87  GLY A CA  1 
ATOM   702 C C   . GLY A 1 89  ? 2.825   -2.730  8.561   1.00 37.24 ? 87  GLY A C   1 
ATOM   703 O O   . GLY A 1 89  ? 1.877   -2.273  8.010   1.00 28.91 ? 87  GLY A O   1 
ATOM   704 N N   . LYS A 1 90  ? 4.066   -2.323  8.368   1.00 28.58 ? 88  LYS A N   1 
ATOM   705 C CA  . LYS A 1 90  ? 4.476   -1.300  7.436   1.00 26.48 ? 88  LYS A CA  1 
ATOM   706 C C   . LYS A 1 90  ? 5.822   -1.583  6.799   1.00 30.06 ? 88  LYS A C   1 
ATOM   707 O O   . LYS A 1 90  ? 6.741   -1.957  7.467   1.00 32.57 ? 88  LYS A O   1 
ATOM   708 C CB  . LYS A 1 90  ? 4.597   0.040   8.132   1.00 21.50 ? 88  LYS A CB  1 
ATOM   709 C CG  . LYS A 1 90  ? 3.491   1.017   7.942   1.00 28.56 ? 88  LYS A CG  1 
ATOM   710 C CD  . LYS A 1 90  ? 3.869   2.362   8.521   1.00 27.68 ? 88  LYS A CD  1 
ATOM   711 C CE  . LYS A 1 90  ? 2.718   3.330   8.548   1.00 28.83 ? 88  LYS A CE  1 
ATOM   712 N NZ  . LYS A 1 90  ? 3.092   4.693   8.962   1.00 33.56 ? 88  LYS A NZ  1 
ATOM   713 N N   . ILE A 1 91  ? 5.935   -1.377  5.515   1.00 25.11 ? 89  ILE A N   1 
ATOM   714 C CA  . ILE A 1 91  ? 7.182   -1.452  4.854   1.00 27.82 ? 89  ILE A CA  1 
ATOM   715 C C   . ILE A 1 91  ? 7.273   -0.064  4.239   1.00 35.07 ? 89  ILE A C   1 
ATOM   716 O O   . ILE A 1 91  ? 6.484   0.286   3.386   1.00 25.81 ? 89  ILE A O   1 
ATOM   717 C CB  . ILE A 1 91  ? 7.266   -2.506  3.756   1.00 35.78 ? 89  ILE A CB  1 
ATOM   718 C CG1 . ILE A 1 91  ? 7.313   -3.910  4.313   1.00 36.36 ? 89  ILE A CG1 1 
ATOM   719 C CG2 . ILE A 1 91  ? 8.502   -2.285  2.932   1.00 35.90 ? 89  ILE A CG2 1 
ATOM   720 C CD1 . ILE A 1 91  ? 5.958   -4.450  4.587   1.00 37.07 ? 89  ILE A CD1 1 
ATOM   721 N N   . ILE A 1 92  ? 8.236   0.723   4.697   1.00 32.26 ? 90  ILE A N   1 
ATOM   722 C CA  . ILE A 1 92  ? 8.442   2.066   4.215   1.00 29.73 ? 90  ILE A CA  1 
ATOM   723 C C   . ILE A 1 92  ? 9.616   2.131   3.259   1.00 32.91 ? 90  ILE A C   1 
ATOM   724 O O   . ILE A 1 92  ? 10.716  1.845   3.610   1.00 38.39 ? 90  ILE A O   1 
ATOM   725 C CB  . ILE A 1 92  ? 8.649   3.034   5.378   1.00 37.20 ? 90  ILE A CB  1 
ATOM   726 C CG1 . ILE A 1 92  ? 7.401   3.135   6.226   1.00 32.12 ? 90  ILE A CG1 1 
ATOM   727 C CG2 . ILE A 1 92  ? 8.983   4.404   4.868   1.00 40.74 ? 90  ILE A CG2 1 
ATOM   728 C CD1 . ILE A 1 92  ? 7.634   3.230   7.700   1.00 36.28 ? 90  ILE A CD1 1 
ATOM   729 N N   . GLY A 1 93  ? 9.357   2.515   2.038   1.00 31.23 ? 91  GLY A N   1 
ATOM   730 C CA  . GLY A 1 93  ? 10.388  2.598   1.039   1.00 31.55 ? 91  GLY A CA  1 
ATOM   731 C C   . GLY A 1 93  ? 10.223  1.637   -0.107  1.00 30.58 ? 91  GLY A C   1 
ATOM   732 O O   . GLY A 1 93  ? 9.470   0.723   -0.024  1.00 32.43 ? 91  GLY A O   1 
ATOM   733 N N   . ALA A 1 94  ? 10.927  1.884   -1.186  1.00 31.50 ? 92  ALA A N   1 
ATOM   734 C CA  . ALA A 1 94  ? 10.859  1.023   -2.338  1.00 36.07 ? 92  ALA A CA  1 
ATOM   735 C C   . ALA A 1 94  ? 11.853  -0.105  -2.168  1.00 42.98 ? 92  ALA A C   1 
ATOM   736 O O   . ALA A 1 94  ? 12.919  -0.073  -2.714  1.00 45.58 ? 92  ALA A O   1 
ATOM   737 C CB  . ALA A 1 94  ? 11.122  1.790   -3.607  1.00 36.37 ? 92  ALA A CB  1 
ATOM   738 N N   . ASN A 1 95  ? 11.478  -1.080  -1.361  1.00 38.18 ? 93  ASN A N   1 
ATOM   739 C CA  . ASN A 1 95  ? 12.276  -2.250  -1.127  1.00 38.27 ? 93  ASN A CA  1 
ATOM   740 C C   . ASN A 1 95  ? 11.412  -3.424  -1.463  1.00 40.39 ? 93  ASN A C   1 
ATOM   741 O O   . ASN A 1 95  ? 10.634  -3.866  -0.675  1.00 36.84 ? 93  ASN A O   1 
ATOM   742 C CB  . ASN A 1 95  ? 12.734  -2.355  0.301   1.00 34.98 ? 93  ASN A CB  1 
ATOM   743 C CG  . ASN A 1 95  ? 13.760  -3.442  0.497   1.00 44.95 ? 93  ASN A CG  1 
ATOM   744 O OD1 . ASN A 1 95  ? 13.831  -4.373  -0.251  1.00 46.81 ? 93  ASN A OD1 1 
ATOM   745 N ND2 . ASN A 1 95  ? 14.563  -3.301  1.499   1.00 42.66 ? 93  ASN A ND2 1 
ATOM   746 N N   . PRO A 1 96  ? 11.555  -3.932  -2.656  1.00 40.29 ? 94  PRO A N   1 
ATOM   747 C CA  . PRO A 1 96  ? 10.771  -5.070  -3.090  1.00 43.34 ? 94  PRO A CA  1 
ATOM   748 C C   . PRO A 1 96  ? 11.035  -6.302  -2.235  1.00 44.74 ? 94  PRO A C   1 
ATOM   749 O O   . PRO A 1 96  ? 10.141  -7.031  -1.951  1.00 46.81 ? 94  PRO A O   1 
ATOM   750 C CB  . PRO A 1 96  ? 11.235  -5.292  -4.521  1.00 45.75 ? 94  PRO A CB  1 
ATOM   751 C CG  . PRO A 1 96  ? 11.970  -4.088  -4.890  1.00 41.80 ? 94  PRO A CG  1 
ATOM   752 C CD  . PRO A 1 96  ? 12.491  -3.469  -3.666  1.00 39.54 ? 94  PRO A CD  1 
ATOM   753 N N   . THR A 1 97  ? 12.268  -6.518  -1.849  1.00 43.63 ? 95  THR A N   1 
ATOM   754 C CA  . THR A 1 97  ? 12.635  -7.651  -1.042  1.00 43.07 ? 95  THR A CA  1 
ATOM   755 C C   . THR A 1 97  ? 11.983  -7.632  0.332   1.00 40.99 ? 95  THR A C   1 
ATOM   756 O O   . THR A 1 97  ? 11.416  -8.595  0.738   1.00 36.67 ? 95  THR A O   1 
ATOM   757 C CB  . THR A 1 97  ? 14.159  -7.679  -0.925  1.00 48.68 ? 95  THR A CB  1 
ATOM   758 O OG1 . THR A 1 97  ? 14.703  -7.795  -2.234  1.00 52.91 ? 95  THR A OG1 1 
ATOM   759 C CG2 . THR A 1 97  ? 14.617  -8.833  -0.126  1.00 49.22 ? 95  THR A CG2 1 
ATOM   760 N N   . ALA A 1 98  ? 12.044  -6.523  1.032   1.00 39.29 ? 96  ALA A N   1 
ATOM   761 C CA  . ALA A 1 98  ? 11.399  -6.421  2.319   1.00 33.97 ? 96  ALA A CA  1 
ATOM   762 C C   . ALA A 1 98  ? 9.894   -6.554  2.167   1.00 37.30 ? 96  ALA A C   1 
ATOM   763 O O   . ALA A 1 98  ? 9.264   -7.152  2.977   1.00 34.44 ? 96  ALA A O   1 
ATOM   764 C CB  . ALA A 1 98  ? 11.751  -5.134  3.019   1.00 32.97 ? 96  ALA A CB  1 
ATOM   765 N N   . LEU A 1 99  ? 9.341   -5.984  1.119   1.00 32.79 ? 97  LEU A N   1 
ATOM   766 C CA  . LEU A 1 99  ? 7.924   -6.069  0.910   1.00 28.99 ? 97  LEU A CA  1 
ATOM   767 C C   . LEU A 1 99  ? 7.457   -7.512  0.722   1.00 33.44 ? 97  LEU A C   1 
ATOM   768 O O   . LEU A 1 99  ? 6.515   -7.907  1.328   1.00 28.29 ? 97  LEU A O   1 
ATOM   769 C CB  . LEU A 1 99  ? 7.496   -5.213  -0.279  1.00 24.95 ? 97  LEU A CB  1 
ATOM   770 C CG  . LEU A 1 99  ? 6.041   -5.235  -0.701  1.00 29.10 ? 97  LEU A CG  1 
ATOM   771 C CD1 . LEU A 1 99  ? 5.109   -4.750  0.366   1.00 29.46 ? 97  LEU A CD1 1 
ATOM   772 C CD2 . LEU A 1 99  ? 5.811   -4.452  -1.958  1.00 30.27 ? 97  LEU A CD2 1 
ATOM   773 N N   . GLU A 1 100 ? 8.130   -8.291  -0.104  1.00 31.28 ? 98  GLU A N   1 
ATOM   774 C CA  . GLU A 1 100 ? 7.752   -9.685  -0.317  1.00 37.79 ? 98  GLU A CA  1 
ATOM   775 C C   . GLU A 1 100 ? 7.867   -10.510 0.952   1.00 40.98 ? 98  GLU A C   1 
ATOM   776 O O   . GLU A 1 100 ? 7.031   -11.319 1.218   1.00 37.55 ? 98  GLU A O   1 
ATOM   777 C CB  . GLU A 1 100 ? 8.505   -10.323 -1.466  1.00 40.91 ? 98  GLU A CB  1 
ATOM   778 C CG  . GLU A 1 100 ? 8.193   -11.788 -1.640  1.00 47.51 ? 98  GLU A CG  1 
ATOM   779 C CD  . GLU A 1 100 ? 8.464   -12.315 -3.029  1.00 51.36 ? 98  GLU A CD  1 
ATOM   780 O OE1 . GLU A 1 100 ? 9.306   -11.772 -3.732  1.00 49.00 ? 98  GLU A OE1 1 
ATOM   781 O OE2 . GLU A 1 100 ? 7.821   -13.285 -3.412  1.00 50.56 ? 98  GLU A OE2 1 
ATOM   782 N N   . LYS A 1 101 ? 8.896   -10.258 1.744   1.00 36.34 ? 99  LYS A N   1 
ATOM   783 C CA  . LYS A 1 101 ? 9.089   -10.963 2.994   1.00 37.75 ? 99  LYS A CA  1 
ATOM   784 C C   . LYS A 1 101 ? 7.906   -10.670 3.874   1.00 37.60 ? 99  LYS A C   1 
ATOM   785 O O   . LYS A 1 101 ? 7.374   -11.546 4.474   1.00 36.28 ? 99  LYS A O   1 
ATOM   786 C CB  . LYS A 1 101 ? 10.363  -10.512 3.710   1.00 34.62 ? 99  LYS A CB  1 
ATOM   787 C CG  . LYS A 1 101 ? 11.650  -11.119 3.189   1.00 48.24 ? 99  LYS A CG  1 
ATOM   788 C CD  . LYS A 1 101 ? 12.849  -10.803 4.067   1.00 58.26 ? 99  LYS A CD  1 
ATOM   789 C CE  . LYS A 1 101 ? 14.160  -10.964 3.312   1.00 66.27 ? 99  LYS A CE  1 
ATOM   790 N NZ  . LYS A 1 101 ? 15.379  -10.542 4.049   1.00 69.35 ? 99  LYS A NZ  1 
ATOM   791 N N   . GLY A 1 102 ? 7.487   -9.422  3.932   1.00 33.50 ? 100 GLY A N   1 
ATOM   792 C CA  . GLY A 1 102 ? 6.351   -9.072  4.736   1.00 28.44 ? 100 GLY A CA  1 
ATOM   793 C C   . GLY A 1 102 ? 5.072   -9.744  4.294   1.00 34.43 ? 100 GLY A C   1 
ATOM   794 O O   . GLY A 1 102 ? 4.342   -10.231 5.105   1.00 35.08 ? 100 GLY A O   1 
ATOM   795 N N   . ILE A 1 103 ? 4.826   -9.764  2.996   1.00 33.81 ? 101 ILE A N   1 
ATOM   796 C CA  . ILE A 1 103 ? 3.650   -10.389 2.440   1.00 32.91 ? 101 ILE A CA  1 
ATOM   797 C C   . ILE A 1 103 ? 3.648   -11.891 2.716   1.00 35.92 ? 101 ILE A C   1 
ATOM   798 O O   . ILE A 1 103 ? 2.640   -12.435 3.024   1.00 42.43 ? 101 ILE A O   1 
ATOM   799 C CB  . ILE A 1 103 ? 3.495   -10.087 0.948   1.00 32.87 ? 101 ILE A CB  1 
ATOM   800 C CG1 . ILE A 1 103 ? 3.144   -8.631  0.751   1.00 31.08 ? 101 ILE A CG1 1 
ATOM   801 C CG2 . ILE A 1 103 ? 2.416   -10.937 0.332   1.00 37.13 ? 101 ILE A CG2 1 
ATOM   802 C CD1 . ILE A 1 103 ? 3.388   -8.127  -0.634  1.00 25.63 ? 101 ILE A CD1 1 
ATOM   803 N N   . LYS A 1 104 ? 4.798   -12.526 2.603   1.00 35.10 ? 102 LYS A N   1 
ATOM   804 C CA  . LYS A 1 104 ? 4.915   -13.950 2.854   1.00 41.04 ? 102 LYS A CA  1 
ATOM   805 C C   . LYS A 1 104 ? 4.534   -14.329 4.276   1.00 47.43 ? 102 LYS A C   1 
ATOM   806 O O   . LYS A 1 104 ? 4.021   -15.399 4.513   1.00 43.38 ? 102 LYS A O   1 
ATOM   807 C CB  . LYS A 1 104 ? 6.326   -14.436 2.591   1.00 43.62 ? 102 LYS A CB  1 
ATOM   808 C CG  . LYS A 1 104 ? 6.521   -15.019 1.227   1.00 49.89 ? 102 LYS A CG  1 
ATOM   809 C CD  . LYS A 1 104 ? 7.698   -15.974 1.178   1.00 52.93 ? 102 LYS A CD  1 
ATOM   810 C CE  . LYS A 1 104 ? 8.812   -15.421 0.328   1.00 53.83 ? 102 LYS A CE  1 
ATOM   811 N NZ  . LYS A 1 104 ? 9.941   -16.359 0.212   1.00 60.30 ? 102 LYS A NZ  1 
ATOM   812 N N   . ASP A 1 105 ? 4.795   -13.431 5.209   1.00 38.83 ? 103 ASP A N   1 
ATOM   813 C CA  . ASP A 1 105 ? 4.511   -13.666 6.590   1.00 44.55 ? 103 ASP A CA  1 
ATOM   814 C C   . ASP A 1 105 ? 3.054   -13.467 6.980   1.00 50.92 ? 103 ASP A C   1 
ATOM   815 O O   . ASP A 1 105 ? 2.682   -13.737 8.093   1.00 53.96 ? 103 ASP A O   1 
ATOM   816 C CB  . ASP A 1 105 ? 5.442   -12.866 7.480   1.00 51.75 ? 103 ASP A CB  1 
ATOM   817 C CG  . ASP A 1 105 ? 6.879   -13.320 7.379   1.00 74.84 ? 103 ASP A CG  1 
ATOM   818 O OD1 . ASP A 1 105 ? 7.136   -14.420 6.865   1.00 80.09 ? 103 ASP A OD1 1 
ATOM   819 O OD2 . ASP A 1 105 ? 7.778   -12.591 7.809   1.00 79.37 ? 103 ASP A OD2 1 
ATOM   820 N N   . LEU A 1 106 ? 2.229   -13.006 6.061   1.00 50.91 ? 104 LEU A N   1 
ATOM   821 C CA  . LEU A 1 106 ? 0.818   -12.861 6.353   1.00 52.46 ? 104 LEU A CA  1 
ATOM   822 C C   . LEU A 1 106 ? 0.259   -14.265 6.366   1.00 64.42 ? 104 LEU A C   1 
ATOM   823 O O   . LEU A 1 106 ? -0.028  -14.720 7.496   1.00 67.60 ? 104 LEU A O   1 
ATOM   824 C CB  . LEU A 1 106 ? 0.084   -12.016 5.314   1.00 51.59 ? 104 LEU A CB  1 
ATOM   825 C CG  . LEU A 1 106 ? 0.347   -10.507 5.341   1.00 42.77 ? 104 LEU A CG  1 
ATOM   826 C CD1 . LEU A 1 106 ? -0.478  -9.753  4.344   1.00 39.30 ? 104 LEU A CD1 1 
ATOM   827 C CD2 . LEU A 1 106 ? 0.122   -9.948  6.712   1.00 43.92 ? 104 LEU A CD2 1 
ATOM   828 O OXT . LEU A 1 106 ? 0.147   -14.891 5.269   1.00 68.86 ? 104 LEU A OXT 1 
ATOM   829 N N   . THR B 2 1   ? 17.595  7.043   -4.368  1.00 82.44 ? 68  THR B N   1 
ATOM   830 C CA  . THR B 2 1   ? 16.916  6.960   -3.088  1.00 77.52 ? 68  THR B CA  1 
ATOM   831 C C   . THR B 2 1   ? 15.675  6.096   -3.164  1.00 67.21 ? 68  THR B C   1 
ATOM   832 O O   . THR B 2 1   ? 15.190  5.826   -4.237  1.00 66.52 ? 68  THR B O   1 
ATOM   833 C CB  . THR B 2 1   ? 16.615  8.344   -2.560  1.00 78.84 ? 68  THR B CB  1 
ATOM   834 O OG1 . THR B 2 1   ? 17.836  9.069   -2.528  1.00 85.18 ? 68  THR B OG1 1 
ATOM   835 C CG2 . THR B 2 1   ? 16.061  8.270   -1.164  1.00 76.59 ? 68  THR B CG2 1 
ATOM   836 N N   . PRO B 2 2   ? 15.168  5.645   -2.031  1.00 60.15 ? 69  PRO B N   1 
ATOM   837 C CA  . PRO B 2 2   ? 14.015  4.778   -2.037  1.00 52.96 ? 69  PRO B CA  1 
ATOM   838 C C   . PRO B 2 2   ? 12.821  5.357   -1.347  1.00 45.59 ? 69  PRO B C   1 
ATOM   839 O O   . PRO B 2 2   ? 11.872  4.637   -1.215  1.00 41.44 ? 69  PRO B O   1 
ATOM   840 C CB  . PRO B 2 2   ? 14.516  3.605   -1.228  1.00 52.09 ? 69  PRO B CB  1 
ATOM   841 C CG  . PRO B 2 2   ? 15.260  4.278   -0.145  1.00 55.57 ? 69  PRO B CG  1 
ATOM   842 C CD  . PRO B 2 2   ? 15.847  5.543   -0.738  1.00 63.47 ? 69  PRO B CD  1 
ATOM   843 N N   . VAL B 2 3   ? 12.887  6.602   -0.904  1.00 45.27 ? 70  VAL B N   1 
ATOM   844 C CA  . VAL B 2 3   ? 11.753  7.254   -0.285  1.00 47.39 ? 70  VAL B CA  1 
ATOM   845 C C   . VAL B 2 3   ? 11.600  8.728   -0.603  1.00 46.05 ? 70  VAL B C   1 
ATOM   846 O O   . VAL B 2 3   ? 12.548  9.432   -0.857  1.00 44.08 ? 70  VAL B O   1 
ATOM   847 C CB  . VAL B 2 3   ? 11.675  7.133   1.243   1.00 55.10 ? 70  VAL B CB  1 
ATOM   848 C CG1 . VAL B 2 3   ? 10.679  6.120   1.705   1.00 62.51 ? 70  VAL B CG1 1 
ATOM   849 C CG2 . VAL B 2 3   ? 13.003  7.025   1.902   1.00 54.48 ? 70  VAL B CG2 1 
ATOM   850 N N   . CYS B 2 4   ? 10.362  9.166   -0.560  1.00 38.22 ? 71  CYS B N   1 
ATOM   851 C CA  . CYS B 2 4   ? 10.017  10.532  -0.744  1.00 40.02 ? 71  CYS B CA  1 
ATOM   852 C C   . CYS B 2 4   ? 9.399   10.896  0.531   1.00 33.40 ? 71  CYS B C   1 
ATOM   853 O O   . CYS B 2 4   ? 8.490   10.262  0.951   1.00 40.81 ? 71  CYS B O   1 
ATOM   854 C CB  . CYS B 2 4   ? 8.961   10.738  -1.802  1.00 45.39 ? 71  CYS B CB  1 
ATOM   855 S SG  . CYS B 2 4   ? 9.481   10.181  -3.382  1.00 64.17 ? 71  CYS B SG  1 
ATOM   856 N N   . THR B 2 5   ? 9.887   11.931  1.141   1.00 30.72 ? 72  THR B N   1 
ATOM   857 C CA  . THR B 2 5   ? 9.301   12.387  2.358   1.00 37.62 ? 72  THR B CA  1 
ATOM   858 C C   . THR B 2 5   ? 8.568   13.667  2.097   1.00 39.29 ? 72  THR B C   1 
ATOM   859 O O   . THR B 2 5   ? 8.867   14.391  1.192   1.00 37.17 ? 72  THR B O   1 
ATOM   860 C CB  . THR B 2 5   ? 10.287  12.474  3.520   1.00 48.23 ? 72  THR B CB  1 
ATOM   861 O OG1 . THR B 2 5   ? 10.791  13.784  3.623   1.00 63.56 ? 72  THR B OG1 1 
ATOM   862 C CG2 . THR B 2 5   ? 11.429  11.519  3.350   1.00 52.76 ? 72  THR B CG2 1 
ATOM   863 N N   . THR B 2 6   ? 7.595   13.929  2.918   1.00 35.65 ? 73  THR B N   1 
ATOM   864 C CA  . THR B 2 6   ? 6.840   15.142  2.794   1.00 41.22 ? 73  THR B CA  1 
ATOM   865 C C   . THR B 2 6   ? 6.676   15.807  4.136   1.00 38.05 ? 73  THR B C   1 
ATOM   866 O O   . THR B 2 6   ? 6.181   15.235  5.046   1.00 45.64 ? 73  THR B O   1 
ATOM   867 C CB  . THR B 2 6   ? 5.549   14.927  1.966   1.00 52.58 ? 73  THR B CB  1 
ATOM   868 O OG1 . THR B 2 6   ? 4.565   15.888  2.281   1.00 65.59 ? 73  THR B OG1 1 
ATOM   869 C CG2 . THR B 2 6   ? 4.974   13.582  2.173   1.00 58.41 ? 73  THR B CG2 1 
ATOM   870 N N   . GLU B 2 7   ? 7.148   17.023  4.243   1.00 33.86 ? 74  GLU B N   1 
ATOM   871 C CA  . GLU B 2 7   ? 7.045   17.798  5.461   1.00 45.62 ? 74  GLU B CA  1 
ATOM   872 C C   . GLU B 2 7   ? 5.982   18.836  5.234   1.00 62.45 ? 74  GLU B C   1 
ATOM   873 O O   . GLU B 2 7   ? 6.096   19.634  4.344   1.00 64.09 ? 74  GLU B O   1 
ATOM   874 C CB  . GLU B 2 7   ? 8.348   18.507  5.786   1.00 48.25 ? 74  GLU B CB  1 
ATOM   875 C CG  . GLU B 2 7   ? 8.515   18.920  7.236   1.00 57.13 ? 74  GLU B CG  1 
ATOM   876 C CD  . GLU B 2 7   ? 8.020   20.323  7.554   1.00 71.74 ? 74  GLU B CD  1 
ATOM   877 O OE1 . GLU B 2 7   ? 8.006   20.714  8.739   1.00 73.12 ? 74  GLU B OE1 1 
ATOM   878 O OE2 . GLU B 2 7   ? 7.645   21.041  6.627   1.00 74.88 ? 74  GLU B OE2 1 
ATOM   879 N N   . VAL B 2 8   ? 4.942   18.833  6.045   1.00 66.74 ? 75  VAL B N   1 
ATOM   880 C CA  . VAL B 2 8   ? 3.876   19.808  5.882   1.00 71.73 ? 75  VAL B CA  1 
ATOM   881 C C   . VAL B 2 8   ? 3.844   20.882  6.952   1.00 74.61 ? 75  VAL B C   1 
ATOM   882 O O   . VAL B 2 8   ? 3.412   20.636  8.057   1.00 73.77 ? 75  VAL B O   1 
ATOM   883 C CB  . VAL B 2 8   ? 2.522   19.118  5.817   1.00 67.60 ? 75  VAL B CB  1 
ATOM   884 C CG1 . VAL B 2 8   ? 1.431   20.100  5.487   1.00 69.82 ? 75  VAL B CG1 1 
ATOM   885 C CG2 . VAL B 2 8   ? 2.554   18.047  4.768   1.00 67.22 ? 75  VAL B CG2 1 
HETATM 886 O O   . HOH C 3 .   ? -4.920  -9.137  -14.695 1.00 77.27 ? 202 HOH A O   1 
HETATM 887 O O   . HOH C 3 .   ? 3.365   7.159   -8.041  1.00 46.45 ? 203 HOH A O   1 
HETATM 888 O O   . HOH C 3 .   ? -7.493  -7.512  7.572   1.00 53.16 ? 204 HOH A O   1 
HETATM 889 O O   . HOH C 3 .   ? 11.807  -6.355  -12.523 1.00 86.51 ? 205 HOH A O   1 
HETATM 890 O O   . HOH C 3 .   ? -7.748  -4.264  -5.534  1.00 52.02 ? 206 HOH A O   1 
HETATM 891 O O   . HOH C 3 .   ? 3.267   2.791   -6.017  1.00 43.52 ? 207 HOH A O   1 
HETATM 892 O O   . HOH C 3 .   ? 0.062   12.122  -5.838  1.00 42.06 ? 208 HOH A O   1 
HETATM 893 O O   . HOH C 3 .   ? -12.575 3.613   -4.372  1.00 40.14 ? 209 HOH A O   1 
HETATM 894 O O   . HOH C 3 .   ? 2.548   4.585   -7.767  1.00 39.61 ? 210 HOH A O   1 
HETATM 895 O O   . HOH C 3 .   ? -6.539  7.990   -3.339  1.00 31.51 ? 211 HOH A O   1 
HETATM 896 O O   . HOH C 3 .   ? -5.907  -1.942  13.031  1.00 87.16 ? 212 HOH A O   1 
HETATM 897 O O   . HOH C 3 .   ? 1.823   13.551  -11.543 1.00 42.59 ? 213 HOH A O   1 
HETATM 898 O O   . HOH C 3 .   ? -7.578  -11.979 1.488   1.00 58.42 ? 214 HOH A O   1 
HETATM 899 O O   . HOH C 3 .   ? 5.453   8.082   10.103  1.00 56.75 ? 215 HOH A O   1 
HETATM 900 O O   . HOH C 3 .   ? -16.803 -0.782  1.735   1.00 52.89 ? 216 HOH A O   1 
HETATM 901 O O   . HOH C 3 .   ? -13.487 9.956   3.271   1.00 53.65 ? 217 HOH A O   1 
HETATM 902 O O   . HOH C 3 .   ? 8.678   7.877   7.766   1.00 78.33 ? 218 HOH A O   1 
HETATM 903 O O   . HOH C 3 .   ? 2.097   7.376   -11.418 1.00 49.09 ? 220 HOH A O   1 
HETATM 904 O O   . HOH C 3 .   ? -9.991  -5.345  -9.702  1.00 69.85 ? 221 HOH A O   1 
HETATM 905 O O   . HOH C 3 .   ? 12.189  -13.806 -0.253  1.00 69.73 ? 222 HOH A O   1 
HETATM 906 O O   . HOH C 3 .   ? 3.069   -2.220  -14.119 1.00 58.84 ? 223 HOH A O   1 
HETATM 907 O O   . HOH C 3 .   ? -1.248  5.968   -11.000 1.00 59.06 ? 224 HOH A O   1 
HETATM 908 O O   . HOH C 3 .   ? -19.412 8.573   2.930   1.00 79.58 ? 225 HOH A O   1 
HETATM 909 O O   . HOH C 3 .   ? -13.898 -5.399  0.554   1.00 55.92 ? 226 HOH A O   1 
HETATM 910 O O   . HOH C 3 .   ? -14.747 11.034  -1.203  1.00 70.92 ? 227 HOH A O   1 
HETATM 911 O O   . HOH C 3 .   ? 16.863  -0.363  2.478   1.00 67.09 ? 228 HOH A O   1 
HETATM 912 O O   . HOH C 3 .   ? 9.031   -8.830  -6.928  1.00 58.93 ? 229 HOH A O   1 
HETATM 913 O O   . HOH C 3 .   ? 7.325   13.811  -13.014 1.00 88.83 ? 230 HOH A O   1 
HETATM 914 O O   . HOH D 3 .   ? 11.609  16.830  4.370   1.00 65.00 ? 102 HOH B O   1 
# 
loop_
_atom_site_anisotrop.id 
_atom_site_anisotrop.type_symbol 
_atom_site_anisotrop.pdbx_label_atom_id 
_atom_site_anisotrop.pdbx_label_alt_id 
_atom_site_anisotrop.pdbx_label_comp_id 
_atom_site_anisotrop.pdbx_label_asym_id 
_atom_site_anisotrop.pdbx_label_seq_id 
_atom_site_anisotrop.pdbx_PDB_ins_code 
_atom_site_anisotrop.U[1][1] 
_atom_site_anisotrop.U[2][2] 
_atom_site_anisotrop.U[3][3] 
_atom_site_anisotrop.U[1][2] 
_atom_site_anisotrop.U[1][3] 
_atom_site_anisotrop.U[2][3] 
_atom_site_anisotrop.pdbx_auth_seq_id 
_atom_site_anisotrop.pdbx_auth_comp_id 
_atom_site_anisotrop.pdbx_auth_asym_id 
_atom_site_anisotrop.pdbx_auth_atom_id 
1   N N   . SER A 1   ? 0.8366 0.8084 0.6943 -0.0735 -0.0673 -0.1302 -1  SER A N   
2   C CA  . SER A 1   ? 0.7676 0.7703 0.6342 -0.0629 -0.0686 -0.1119 -1  SER A CA  
3   C C   . SER A 1   ? 0.7042 0.7000 0.5695 -0.0462 -0.0524 -0.0985 -1  SER A C   
4   O O   . SER A 1   ? 0.6859 0.6579 0.5443 -0.0408 -0.0402 -0.1034 -1  SER A O   
5   C CB  . SER A 1   ? 0.7027 0.7339 0.6022 -0.0709 -0.0779 -0.1023 -1  SER A CB  
6   O OG  . SER A 1   ? 0.7323 0.7529 0.6567 -0.0767 -0.0702 -0.0974 -1  SER A OG  
7   N N   . SER A 2   ? 0.5386 0.5554 0.4113 -0.0382 -0.0530 -0.0822 0   SER A N   
8   C CA  . SER A 2   ? 0.5688 0.5823 0.4408 -0.0256 -0.0395 -0.0695 0   SER A CA  
9   C C   . SER A 2   ? 0.5281 0.5564 0.4222 -0.0212 -0.0400 -0.0521 0   SER A C   
10  O O   . SER A 2   ? 0.4806 0.5234 0.3903 -0.0252 -0.0498 -0.0491 0   SER A O   
11  C CB  . SER A 2   ? 0.6477 0.6639 0.4868 -0.0182 -0.0371 -0.0693 0   SER A CB  
12  O OG  . SER A 2   ? 0.6449 0.6816 0.4779 -0.0175 -0.0506 -0.0618 0   SER A OG  
13  N N   . TYR A 3   ? 0.4291 0.4539 0.3240 -0.0130 -0.0286 -0.0412 1   TYR A N   
14  C CA  . TYR A 3   ? 0.4511 0.4836 0.3639 -0.0093 -0.0286 -0.0265 1   TYR A CA  
15  C C   . TYR A 3   ? 0.4771 0.5239 0.3811 -0.0064 -0.0402 -0.0199 1   TYR A C   
16  O O   . TYR A 3   ? 0.4049 0.4606 0.3260 -0.0048 -0.0464 -0.0137 1   TYR A O   
17  C CB  . TYR A 3   ? 0.5184 0.5451 0.4324 -0.0038 -0.0153 -0.0167 1   TYR A CB  
18  C CG  . TYR A 3   ? 0.5366 0.5666 0.4625 -0.0012 -0.0168 -0.0023 1   TYR A CG  
19  C CD1 . TYR A 3   ? 0.5316 0.5637 0.4410 0.0033  -0.0194 0.0082  1   TYR A CD1 
20  C CD2 . TYR A 3   ? 0.4965 0.5247 0.4468 -0.0023 -0.0165 0.0004  1   TYR A CD2 
21  C CE1 . TYR A 3   ? 0.4658 0.4942 0.3844 0.0065  -0.0210 0.0208  1   TYR A CE1 
22  C CE2 . TYR A 3   ? 0.4346 0.4612 0.3930 0.0002  -0.0185 0.0108  1   TYR A CE2 
23  C CZ  . TYR A 3   ? 0.4879 0.5129 0.4312 0.0047  -0.0204 0.0209  1   TYR A CZ  
24  O OH  . TYR A 3   ? 0.5154 0.5324 0.4648 0.0080  -0.0220 0.0309  1   TYR A OH  
25  N N   . THR A 4   ? 0.4355 0.4844 0.3110 -0.0039 -0.0429 -0.0214 2   THR A N   
26  C CA  . THR A 4   ? 0.5630 0.6257 0.4270 0.0012  -0.0556 -0.0138 2   THR A CA  
27  C C   . THR A 4   ? 0.5657 0.6482 0.4454 -0.0036 -0.0720 -0.0215 2   THR A C   
28  O O   . THR A 4   ? 0.5503 0.6476 0.4397 0.0028  -0.0812 -0.0126 2   THR A O   
29  C CB  . THR A 4   ? 0.5900 0.6507 0.4143 0.0060  -0.0552 -0.0118 2   THR A CB  
30  O OG1 . THR A 4   ? 0.7438 0.7962 0.5515 0.0006  -0.0496 -0.0284 2   THR A OG1 
31  C CG2 . THR A 4   ? 0.6180 0.6671 0.4344 0.0118  -0.0404 0.0040  2   THR A CG2 
32  N N   . SER A 5   ? 0.5108 0.5930 0.3947 -0.0148 -0.0747 -0.0378 3   SER A N   
33  C CA  . SER A 5   ? 0.5704 0.6739 0.4719 -0.0236 -0.0891 -0.0461 3   SER A CA  
34  C C   . SER A 5   ? 0.5320 0.6439 0.4700 -0.0296 -0.0874 -0.0452 3   SER A C   
35  O O   . SER A 5   ? 0.5189 0.6541 0.4739 -0.0372 -0.0982 -0.0506 3   SER A O   
36  C CB  . SER A 5   ? 0.5735 0.6710 0.4589 -0.0361 -0.0946 -0.0653 3   SER A CB  
37  O OG  . SER A 5   ? 0.6430 0.7133 0.5298 -0.0418 -0.0813 -0.0730 3   SER A OG  
38  N N   . ILE A 6   ? 0.4573 0.5530 0.4072 -0.0272 -0.0741 -0.0391 4   ILE A N   
39  C CA  . ILE A 6   ? 0.4582 0.5613 0.4370 -0.0321 -0.0715 -0.0379 4   ILE A CA  
40  C C   . ILE A 6   ? 0.4469 0.5721 0.4423 -0.0221 -0.0760 -0.0280 4   ILE A C   
41  O O   . ILE A 6   ? 0.4284 0.5542 0.4137 -0.0100 -0.0786 -0.0195 4   ILE A O   
42  C CB  . ILE A 6   ? 0.3768 0.4558 0.3600 -0.0328 -0.0578 -0.0359 4   ILE A CB  
43  C CG1 . ILE A 6   ? 0.3497 0.4172 0.3254 -0.0209 -0.0506 -0.0258 4   ILE A CG1 
44  C CG2 . ILE A 6   ? 0.4192 0.4766 0.3907 -0.0415 -0.0538 -0.0467 4   ILE A CG2 
45  C CD1 . ILE A 6   ? 0.3638 0.4121 0.3438 -0.0212 -0.0398 -0.0251 4   ILE A CD1 
46  N N   . THR A 7   ? 0.3826 0.5247 0.4033 -0.0270 -0.0756 -0.0291 5   THR A N   
47  C CA  . THR A 7   ? 0.2755 0.4403 0.3149 -0.0161 -0.0782 -0.0221 5   THR A CA  
48  C C   . THR A 7   ? 0.3138 0.4582 0.3479 -0.0026 -0.0699 -0.0128 5   THR A C   
49  O O   . THR A 7   ? 0.3522 0.4736 0.3814 -0.0061 -0.0604 -0.0127 5   THR A O   
50  C CB  . THR A 7   ? 0.4026 0.5875 0.4692 -0.0256 -0.0741 -0.0255 5   THR A CB  
51  O OG1 . THR A 7   ? 0.3958 0.5968 0.4703 -0.0429 -0.0807 -0.0348 5   THR A OG1 
52  C CG2 . THR A 7   ? 0.3639 0.5770 0.4509 -0.0124 -0.0758 -0.0204 5   THR A CG2 
53  N N   . LYS A 8   ? 0.3439 0.4963 0.3798 0.0127  -0.0747 -0.0051 6   LYS A N   
54  C CA  . LYS A 8   ? 0.4144 0.5449 0.4462 0.0244  -0.0681 0.0026  6   LYS A CA  
55  C C   . LYS A 8   ? 0.3918 0.5408 0.4456 0.0333  -0.0672 0.0021  6   LYS A C   
56  O O   . LYS A 8   ? 0.3933 0.5673 0.4578 0.0430  -0.0752 0.0039  6   LYS A O   
57  C CB  . LYS A 8   ? 0.4668 0.5849 0.4805 0.0364  -0.0732 0.0129  6   LYS A CB  
58  C CG  . LYS A 8   ? 0.4730 0.5678 0.4860 0.0478  -0.0678 0.0206  6   LYS A CG  
59  C CD  . LYS A 8   ? 0.5617 0.6378 0.5552 0.0581  -0.0711 0.0336  6   LYS A CD  
60  C CE  . LYS A 8   ? 0.6331 0.7296 0.6273 0.0735  -0.0839 0.0396  6   LYS A CE  
61  N NZ  . LYS A 8   ? 0.7677 0.8388 0.7425 0.0867  -0.0859 0.0553  6   LYS A NZ  
62  N N   . LEU A 9   ? 0.3843 0.5233 0.4442 0.0311  -0.0573 -0.0007 7   LEU A N   
63  C CA  . LEU A 9   ? 0.4181 0.5736 0.4952 0.0401  -0.0532 -0.0027 7   LEU A CA  
64  C C   . LEU A 9   ? 0.4382 0.5841 0.5139 0.0607  -0.0552 0.0021  7   LEU A C   
65  O O   . LEU A 9   ? 0.4244 0.5378 0.4842 0.0641  -0.0541 0.0063  7   LEU A O   
66  C CB  . LEU A 9   ? 0.3714 0.5135 0.4470 0.0331  -0.0422 -0.0068 7   LEU A CB  
67  C CG  . LEU A 9   ? 0.4687 0.6130 0.5447 0.0147  -0.0381 -0.0101 7   LEU A CG  
68  C CD1 . LEU A 9   ? 0.4102 0.5359 0.4784 0.0118  -0.0293 -0.0112 7   LEU A CD1 
69  C CD2 . LEU A 9   ? 0.4545 0.6347 0.5506 0.0074  -0.0385 -0.0128 7   LEU A CD2 
70  N N   . THR A 10  ? 0.3769 0.5516 0.4709 0.0741  -0.0577 0.0017  8   THR A N   
71  C CA  . THR A 10  ? 0.4199 0.5848 0.5141 0.0970  -0.0594 0.0058  8   THR A CA  
72  C C   . THR A 10  ? 0.4910 0.6726 0.6027 0.1099  -0.0507 -0.0010 8   THR A C   
73  O O   . THR A 10  ? 0.5383 0.7053 0.6486 0.1302  -0.0499 -0.0001 8   THR A O   
74  C CB  . THR A 10  ? 0.4374 0.6221 0.5359 0.1096  -0.0731 0.0135  8   THR A CB  
75  O OG1 . THR A 10  ? 0.5091 0.7456 0.6355 0.1098  -0.0768 0.0091  8   THR A OG1 
76  C CG2 . THR A 10  ? 0.4518 0.6261 0.5307 0.0971  -0.0807 0.0187  8   THR A CG2 
77  N N   . ASN A 11  ? 0.2563 0.4668 0.3828 0.0983  -0.0429 -0.0075 9   ASN A N   
78  C CA  . ASN A 11  ? 0.3224 0.5554 0.4652 0.1093  -0.0317 -0.0139 9   ASN A CA  
79  C C   . ASN A 11  ? 0.3337 0.5625 0.4698 0.0946  -0.0180 -0.0198 9   ASN A C   
80  O O   . ASN A 11  ? 0.3153 0.5453 0.4484 0.0737  -0.0174 -0.0187 9   ASN A O   
81  C CB  . ASN A 11  ? 0.2704 0.5613 0.4471 0.1153  -0.0355 -0.0132 9   ASN A CB  
82  C CG  . ASN A 11  ? 0.3564 0.6812 0.5551 0.1261  -0.0214 -0.0195 9   ASN A CG  
83  O OD1 . ASN A 11  ? 0.3505 0.6955 0.5574 0.1101  -0.0102 -0.0225 9   ASN A OD1 
84  N ND2 . ASN A 11  ? 0.3279 0.6588 0.5357 0.1542  -0.0211 -0.0204 9   ASN A ND2 
85  N N   . LEU A 12  ? 0.3448 0.5667 0.4762 0.1078  -0.0072 -0.0262 10  LEU A N   
86  C CA  . LEU A 12  ? 0.3438 0.5598 0.4627 0.0981  0.0058  -0.0314 10  LEU A CA  
87  C C   . LEU A 12  ? 0.4278 0.6846 0.5643 0.0830  0.0153  -0.0299 10  LEU A C   
88  O O   . LEU A 12  ? 0.3932 0.6390 0.5164 0.0656  0.0203  -0.0283 10  LEU A O   
89  C CB  . LEU A 12  ? 0.4222 0.6261 0.5309 0.1184  0.0153  -0.0405 10  LEU A CB  
90  C CG  . LEU A 12  ? 0.4980 0.6494 0.5768 0.1230  0.0124  -0.0464 10  LEU A CG  
91  C CD1 . LEU A 12  ? 0.5339 0.6791 0.6052 0.1451  0.0223  -0.0582 10  LEU A CD1 
92  C CD2 . LEU A 12  ? 0.4669 0.5985 0.5244 0.1024  0.0130  -0.0463 10  LEU A CD2 
93  N N   . THR A 13  ? 0.3348 0.6388 0.5024 0.0903  0.0180  -0.0296 11  THR A N   
94  C CA  . THR A 13  ? 0.2838 0.6315 0.4743 0.0736  0.0273  -0.0274 11  THR A CA  
95  C C   . THR A 13  ? 0.3256 0.6691 0.5175 0.0474  0.0171  -0.0222 11  THR A C   
96  O O   . THR A 13  ? 0.3001 0.6477 0.4919 0.0263  0.0246  -0.0194 11  THR A O   
97  C CB  . THR A 13  ? 0.2962 0.7005 0.5257 0.0883  0.0298  -0.0288 11  THR A CB  
98  O OG1 . THR A 13  ? 0.3664 0.7716 0.5926 0.1140  0.0420  -0.0353 11  THR A OG1 
99  C CG2 . THR A 13  ? 0.3266 0.7794 0.5854 0.0676  0.0386  -0.0261 11  THR A CG2 
100 N N   . GLU A 14  ? 0.2845 0.6171 0.4752 0.0502  0.0001  -0.0206 12  GLU A N   
101 C CA  . GLU A 14  ? 0.3262 0.6510 0.5139 0.0289  -0.0105 -0.0182 12  GLU A CA  
102 C C   . GLU A 14  ? 0.3718 0.6509 0.5293 0.0161  -0.0060 -0.0171 12  GLU A C   
103 O O   . GLU A 14  ? 0.3908 0.6655 0.5466 -0.0043 -0.0047 -0.0158 12  GLU A O   
104 C CB  . GLU A 14  ? 0.3013 0.6196 0.4857 0.0384  -0.0280 -0.0167 12  GLU A CB  
105 C CG  . GLU A 14  ? 0.2996 0.5938 0.4670 0.0210  -0.0378 -0.0159 12  GLU A CG  
106 C CD  . GLU A 14  ? 0.3649 0.6382 0.5155 0.0334  -0.0508 -0.0127 12  GLU A CD  
107 O OE1 . GLU A 14  ? 0.3525 0.6207 0.4942 0.0227  -0.0602 -0.0130 12  GLU A OE1 
108 O OE2 . GLU A 14  ? 0.3481 0.6075 0.4921 0.0535  -0.0508 -0.0097 12  GLU A OE2 
109 N N   . PHE A 15  ? 0.2375 0.4826 0.3724 0.0292  -0.0043 -0.0179 13  PHE A N   
110 C CA  . PHE A 15  ? 0.3038 0.5100 0.4124 0.0208  -0.0018 -0.0171 13  PHE A CA  
111 C C   . PHE A 15  ? 0.3239 0.5362 0.4291 0.0102  0.0117  -0.0157 13  PHE A C   
112 O O   . PHE A 15  ? 0.3231 0.5191 0.4182 -0.0051 0.0125  -0.0121 13  PHE A O   
113 C CB  . PHE A 15  ? 0.3383 0.5134 0.4285 0.0368  -0.0040 -0.0197 13  PHE A CB  
114 C CG  . PHE A 15  ? 0.3639 0.5094 0.4309 0.0321  -0.0001 -0.0207 13  PHE A CG  
115 C CD1 . PHE A 15  ? 0.3017 0.4231 0.3569 0.0214  -0.0058 -0.0178 13  PHE A CD1 
116 C CD2 . PHE A 15  ? 0.4213 0.5653 0.4779 0.0400  0.0088  -0.0254 13  PHE A CD2 
117 C CE1 . PHE A 15  ? 0.3761 0.4751 0.4129 0.0187  -0.0045 -0.0184 13  PHE A CE1 
118 C CE2 . PHE A 15  ? 0.4723 0.5915 0.5058 0.0362  0.0096  -0.0268 13  PHE A CE2 
119 C CZ  . PHE A 15  ? 0.4379 0.5360 0.4632 0.0255  0.0020  -0.0227 13  PHE A CZ  
120 N N   . ARG A 16  ? 0.2668 0.5020 0.3790 0.0194  0.0231  -0.0179 14  ARG A N   
121 C CA  . ARG A 16  ? 0.3189 0.5615 0.4247 0.0096  0.0379  -0.0149 14  ARG A CA  
122 C C   . ARG A 16  ? 0.3937 0.6583 0.5185 -0.0129 0.0416  -0.0088 14  ARG A C   
123 O O   . ARG A 16  ? 0.3859 0.6340 0.4968 -0.0278 0.0475  -0.0027 14  ARG A O   
124 C CB  . ARG A 16  ? 0.2835 0.5478 0.3910 0.0260  0.0517  -0.0197 14  ARG A CB  
125 C CG  . ARG A 16  ? 0.3773 0.6094 0.4580 0.0448  0.0494  -0.0274 14  ARG A CG  
126 C CD  . ARG A 16  ? 0.4377 0.6900 0.5209 0.0650  0.0622  -0.0354 14  ARG A CD  
127 N NE  . ARG A 16  ? 0.4699 0.6866 0.5269 0.0820  0.0583  -0.0454 14  ARG A NE  
128 C CZ  . ARG A 16  ? 0.5339 0.7538 0.5932 0.1052  0.0626  -0.0552 14  ARG A CZ  
129 N NH1 . ARG A 16  ? 0.5732 0.8350 0.6619 0.1171  0.0711  -0.0559 14  ARG A NH1 
130 N NH2 . ARG A 16  ? 0.5331 0.7138 0.5668 0.1168  0.0578  -0.0651 14  ARG A NH2 
131 N N   . ASN A 17  ? 0.2589 0.5586 0.4147 -0.0155 0.0365  -0.0104 15  ASN A N   
132 C CA  . ASN A 17  ? 0.3127 0.6335 0.4891 -0.0394 0.0379  -0.0069 15  ASN A CA  
133 C C   . ASN A 17  ? 0.3154 0.5965 0.4738 -0.0553 0.0285  -0.0050 15  ASN A C   
134 O O   . ASN A 17  ? 0.3219 0.5957 0.4801 -0.0761 0.0343  -0.0002 15  ASN A O   
135 C CB  . ASN A 17  ? 0.3165 0.6832 0.5297 -0.0388 0.0289  -0.0109 15  ASN A CB  
136 C CG  . ASN A 17  ? 0.3592 0.7783 0.6019 -0.0294 0.0414  -0.0115 15  ASN A CG  
137 O OD1 . ASN A 17  ? 0.3953 0.8212 0.6341 -0.0311 0.0598  -0.0083 15  ASN A OD1 
138 N ND2 . ASN A 17  ? 0.4011 0.8575 0.6720 -0.0173 0.0318  -0.0154 15  ASN A ND2 
139 N N   . LEU A 18  ? 0.2192 0.4732 0.3625 -0.0449 0.0153  -0.0084 16  LEU A N   
140 C CA  . LEU A 18  ? 0.3130 0.5319 0.4401 -0.0562 0.0074  -0.0081 16  LEU A CA  
141 C C   . LEU A 18  ? 0.3666 0.5531 0.4710 -0.0628 0.0164  -0.0018 16  LEU A C   
142 O O   . LEU A 18  ? 0.3425 0.5108 0.4426 -0.0787 0.0166  0.0008  16  LEU A O   
143 C CB  . LEU A 18  ? 0.3776 0.5747 0.4904 -0.0416 -0.0045 -0.0113 16  LEU A CB  
144 C CG  . LEU A 18  ? 0.4930 0.6578 0.5902 -0.0505 -0.0115 -0.0123 16  LEU A CG  
145 C CD1 . LEU A 18  ? 0.4732 0.6536 0.5815 -0.0570 -0.0227 -0.0177 16  LEU A CD1 
146 C CD2 . LEU A 18  ? 0.5464 0.6825 0.6239 -0.0370 -0.0150 -0.0117 16  LEU A CD2 
147 N N   . ILE A 19  ? 0.3996 0.5780 0.4884 -0.0501 0.0231  0.0004  17  ILE A N   
148 C CA  . ILE A 19  ? 0.4263 0.5769 0.4916 -0.0546 0.0297  0.0075  17  ILE A CA  
149 C C   . ILE A 19  ? 0.3897 0.5509 0.4611 -0.0730 0.0426  0.0156  17  ILE A C   
150 O O   . ILE A 19  ? 0.5025 0.6363 0.5607 -0.0843 0.0444  0.0226  17  ILE A O   
151 C CB  . ILE A 19  ? 0.4124 0.5562 0.4581 -0.0377 0.0328  0.0063  17  ILE A CB  
152 C CG1 . ILE A 19  ? 0.3932 0.5185 0.4323 -0.0248 0.0199  0.0001  17  ILE A CG1 
153 C CG2 . ILE A 19  ? 0.4438 0.5657 0.4637 -0.0416 0.0395  0.0148  17  ILE A CG2 
154 C CD1 . ILE A 19  ? 0.4414 0.5648 0.4691 -0.0083 0.0202  -0.0057 17  ILE A CD1 
155 N N   . LYS A 20  ? 0.3745 0.5752 0.4669 -0.0752 0.0524  0.0151  18  LYS A N   
156 C CA  . LYS A 20  ? 0.4192 0.6351 0.5218 -0.0952 0.0669  0.0237  18  LYS A CA  
157 C C   . LYS A 20  ? 0.5296 0.7415 0.6497 -0.1196 0.0622  0.0245  18  LYS A C   
158 O O   . LYS A 20  ? 0.6096 0.8083 0.7256 -0.1387 0.0718  0.0339  18  LYS A O   
159 C CB  . LYS A 20  ? 0.4991 0.7659 0.6248 -0.0910 0.0804  0.0225  18  LYS A CB  
160 C CG  . LYS A 20  ? 0.5219 0.7900 0.6272 -0.0678 0.0876  0.0200  18  LYS A CG  
161 C CD  . LYS A 20  ? 0.6682 0.9855 0.7937 -0.0646 0.1061  0.0200  18  LYS A CD  
162 C CE  . LYS A 20  ? 0.7075 1.0636 0.8634 -0.0465 0.1009  0.0088  18  LYS A CE  
163 N NZ  . LYS A 20  ? 0.7487 1.1455 0.9145 -0.0333 0.1207  0.0067  18  LYS A NZ  
164 N N   . GLN A 21  ? 0.5298 0.7519 0.6670 -0.1191 0.0473  0.0143  19  GLN A N   
165 C CA  . GLN A 21  ? 0.4999 0.7225 0.6542 -0.1416 0.0402  0.0108  19  GLN A CA  
166 C C   . GLN A 21  ? 0.5534 0.7269 0.6870 -0.1472 0.0297  0.0079  19  GLN A C   
167 O O   . GLN A 21  ? 0.5660 0.7354 0.7103 -0.1666 0.0240  0.0028  19  GLN A O   
168 C CB  . GLN A 21  ? 0.5250 0.7960 0.7125 -0.1399 0.0300  0.0009  19  GLN A CB  
169 C CG  . GLN A 21  ? 0.5913 0.9116 0.7997 -0.1264 0.0404  0.0025  19  GLN A CG  
170 C CD  . GLN A 21  ? 0.6132 0.9929 0.8658 -0.1363 0.0380  -0.0019 19  GLN A CD  
171 O OE1 . GLN A 21  ? 0.6517 1.0625 0.9275 -0.1529 0.0522  0.0033  19  GLN A OE1 
172 N NE2 . GLN A 21  ? 0.6708 1.0690 0.9360 -0.1261 0.0202  -0.0104 19  GLN A NE2 
173 N N   . ASN A 22  ? 0.4208 0.5585 0.5259 -0.1307 0.0270  0.0099  20  ASN A N   
174 C CA  . ASN A 22  ? 0.5111 0.6053 0.5986 -0.1331 0.0188  0.0069  20  ASN A CA  
175 C C   . ASN A 22  ? 0.5902 0.6434 0.6518 -0.1303 0.0258  0.0179  20  ASN A C   
176 O O   . ASN A 22  ? 0.6348 0.6871 0.6824 -0.1150 0.0294  0.0238  20  ASN A O   
177 C CB  . ASN A 22  ? 0.4931 0.5847 0.5744 -0.1157 0.0060  -0.0023 20  ASN A CB  
178 C CG  . ASN A 22  ? 0.5067 0.6328 0.6086 -0.1179 -0.0035 -0.0119 20  ASN A CG  
179 O OD1 . ASN A 22  ? 0.5733 0.6916 0.6755 -0.1272 -0.0124 -0.0202 20  ASN A OD1 
180 N ND2 . ASN A 22  ? 0.4412 0.6050 0.5584 -0.1077 -0.0025 -0.0113 20  ASN A ND2 
181 N N   . ASP A 23  ? 0.5019 0.5206 0.5564 -0.1451 0.0266  0.0201  21  ASP A N   
182 C CA  . ASP A 23  ? 0.4846 0.4605 0.5147 -0.1424 0.0321  0.0321  21  ASP A CA  
183 C C   . ASP A 23  ? 0.4630 0.4186 0.4750 -0.1189 0.0242  0.0308  21  ASP A C   
184 O O   . ASP A 23  ? 0.5488 0.4932 0.5439 -0.1080 0.0273  0.0411  21  ASP A O   
185 C CB  . ASP A 23  ? 0.6387 0.5770 0.6669 -0.1622 0.0329  0.0322  21  ASP A CB  
186 C CG  . ASP A 23  ? 0.8735 0.8323 0.9235 -0.1901 0.0408  0.0339  21  ASP A CG  
187 O OD1 . ASP A 23  ? 0.9657 0.9610 1.0405 -0.1992 0.0346  0.0214  21  ASP A OD1 
188 O OD2 . ASP A 23  ? 0.9494 0.8890 0.9922 -0.2037 0.0528  0.0486  21  ASP A OD2 
189 N N   . LYS A 24  ? 0.3422 0.2949 0.3577 -0.1123 0.0141  0.0182  22  LYS A N   
190 C CA  . LYS A 24  ? 0.4308 0.3704 0.4350 -0.0920 0.0076  0.0158  22  LYS A CA  
191 C C   . LYS A 24  ? 0.4261 0.3948 0.4413 -0.0843 0.0005  0.0048  22  LYS A C   
192 O O   . LYS A 24  ? 0.3821 0.3620 0.4071 -0.0929 -0.0035 -0.0045 22  LYS A O   
193 C CB  . LYS A 24  ? 0.5346 0.4334 0.5283 -0.0906 0.0053  0.0131  22  LYS A CB  
194 C CG  . LYS A 24  ? 0.6010 0.4632 0.5821 -0.0978 0.0117  0.0252  22  LYS A CG  
195 C CD  . LYS A 24  ? 0.7517 0.5723 0.7252 -0.0979 0.0094  0.0185  22  LYS A CD  
196 C CE  . LYS A 24  ? 0.8760 0.6523 0.8337 -0.0991 0.0149  0.0329  22  LYS A CE  
197 N NZ  . LYS A 24  ? 0.9322 0.7148 0.8901 -0.1174 0.0236  0.0463  22  LYS A NZ  
198 N N   . LEU A 25  ? 0.3956 0.3750 0.4078 -0.0685 -0.0017 0.0065  23  LEU A N   
199 C CA  . LEU A 25  ? 0.4284 0.4312 0.4489 -0.0607 -0.0073 -0.0008 23  LEU A CA  
200 C C   . LEU A 25  ? 0.4243 0.4229 0.4393 -0.0452 -0.0113 -0.0010 23  LEU A C   
201 O O   . LEU A 25  ? 0.3341 0.3232 0.3417 -0.0386 -0.0107 0.0047  23  LEU A O   
202 C CB  . LEU A 25  ? 0.5150 0.5472 0.5448 -0.0614 -0.0038 0.0013  23  LEU A CB  
203 C CG  . LEU A 25  ? 0.5386 0.5929 0.5751 -0.0501 -0.0077 -0.0028 23  LEU A CG  
204 C CD1 . LEU A 25  ? 0.5055 0.5748 0.5529 -0.0534 -0.0139 -0.0095 23  LEU A CD1 
205 C CD2 . LEU A 25  ? 0.5433 0.6188 0.5846 -0.0476 -0.0013 -0.0001 23  LEU A CD2 
206 N N   . VAL A 26  ? 0.3455 0.3526 0.3644 -0.0407 -0.0157 -0.0071 24  VAL A N   
207 C CA  . VAL A 26  ? 0.3928 0.3999 0.4106 -0.0293 -0.0184 -0.0070 24  VAL A CA  
208 C C   . VAL A 26  ? 0.3741 0.3993 0.3972 -0.0258 -0.0213 -0.0093 24  VAL A C   
209 O O   . VAL A 26  ? 0.3193 0.3530 0.3444 -0.0294 -0.0235 -0.0130 24  VAL A O   
210 C CB  . VAL A 26  ? 0.3898 0.3821 0.4038 -0.0257 -0.0184 -0.0100 24  VAL A CB  
211 C CG1 . VAL A 26  ? 0.2953 0.2939 0.3124 -0.0171 -0.0196 -0.0095 24  VAL A CG1 
212 C CG2 . VAL A 26  ? 0.4014 0.3722 0.4101 -0.0248 -0.0161 -0.0070 24  VAL A CG2 
213 N N   . ILE A 27  ? 0.2598 0.2886 0.2840 -0.0185 -0.0224 -0.0074 25  ILE A N   
214 C CA  . ILE A 27  ? 0.3024 0.3410 0.3300 -0.0134 -0.0250 -0.0080 25  ILE A CA  
215 C C   . ILE A 27  ? 0.3811 0.4104 0.4071 -0.0089 -0.0262 -0.0065 25  ILE A C   
216 O O   . ILE A 27  ? 0.2454 0.2683 0.2719 -0.0074 -0.0265 -0.0056 25  ILE A O   
217 C CB  . ILE A 27  ? 0.3381 0.3854 0.3681 -0.0086 -0.0243 -0.0082 25  ILE A CB  
218 C CG1 . ILE A 27  ? 0.3518 0.4143 0.3870 -0.0135 -0.0205 -0.0086 25  ILE A CG1 
219 C CG2 . ILE A 27  ? 0.3110 0.3623 0.3436 -0.0007 -0.0273 -0.0082 25  ILE A CG2 
220 C CD1 . ILE A 27  ? 0.3806 0.4504 0.4150 -0.0078 -0.0164 -0.0091 25  ILE A CD1 
221 N N   . ASP A 28  ? 0.3274 0.3577 0.3514 -0.0076 -0.0269 -0.0057 26  ASP A N   
222 C CA  . ASP A 28  ? 0.2802 0.3037 0.3039 -0.0057 -0.0256 -0.0024 26  ASP A CA  
223 C C   . ASP A 28  ? 0.2977 0.3185 0.3218 -0.0012 -0.0279 0.0008  26  ASP A C   
224 O O   . ASP A 28  ? 0.2883 0.3119 0.3079 0.0023  -0.0297 0.0034  26  ASP A O   
225 C CB  . ASP A 28  ? 0.2578 0.2818 0.2738 -0.0067 -0.0231 -0.0022 26  ASP A CB  
226 C CG  . ASP A 28  ? 0.3936 0.4137 0.4083 -0.0057 -0.0189 0.0033  26  ASP A CG  
227 O OD1 . ASP A 28  ? 0.4282 0.4444 0.4511 -0.0063 -0.0186 0.0065  26  ASP A OD1 
228 O OD2 . ASP A 28  ? 0.4227 0.4437 0.4274 -0.0054 -0.0153 0.0045  26  ASP A OD2 
229 N N   . PHE A 29  ? 0.2890 0.3021 0.3172 -0.0009 -0.0289 0.0002  27  PHE A N   
230 C CA  . PHE A 29  ? 0.3150 0.3176 0.3425 0.0030  -0.0307 0.0019  27  PHE A CA  
231 C C   . PHE A 29  ? 0.4079 0.4013 0.4367 -0.0016 -0.0281 0.0081  27  PHE A C   
232 O O   . PHE A 29  ? 0.4032 0.3978 0.4397 -0.0079 -0.0265 0.0077  27  PHE A O   
233 C CB  . PHE A 29  ? 0.3208 0.3166 0.3494 0.0041  -0.0332 -0.0040 27  PHE A CB  
234 C CG  . PHE A 29  ? 0.3253 0.3302 0.3508 0.0096  -0.0330 -0.0089 27  PHE A CG  
235 C CD1 . PHE A 29  ? 0.3545 0.3687 0.3789 0.0063  -0.0317 -0.0109 27  PHE A CD1 
236 C CD2 . PHE A 29  ? 0.3456 0.3498 0.3699 0.0190  -0.0330 -0.0105 27  PHE A CD2 
237 C CE1 . PHE A 29  ? 0.3503 0.3741 0.3721 0.0095  -0.0290 -0.0138 27  PHE A CE1 
238 C CE2 . PHE A 29  ? 0.3901 0.4077 0.4146 0.0241  -0.0304 -0.0148 27  PHE A CE2 
239 C CZ  . PHE A 29  ? 0.3952 0.4232 0.4181 0.0181  -0.0277 -0.0162 27  PHE A CZ  
240 N N   . TYR A 30  ? 0.3245 0.3107 0.3463 0.0020  -0.0275 0.0150  28  TYR A N   
241 C CA  . TYR A 30  ? 0.3852 0.3619 0.4045 -0.0028 -0.0227 0.0240  28  TYR A CA  
242 C C   . TYR A 30  ? 0.3791 0.3345 0.3916 0.0014  -0.0240 0.0317  28  TYR A C   
243 O O   . TYR A 30  ? 0.4069 0.3564 0.4166 0.0108  -0.0289 0.0293  28  TYR A O   
244 C CB  . TYR A 30  ? 0.3382 0.3260 0.3473 -0.0023 -0.0186 0.0280  28  TYR A CB  
245 C CG  . TYR A 30  ? 0.3518 0.3426 0.3474 0.0065  -0.0235 0.0311  28  TYR A CG  
246 C CD1 . TYR A 30  ? 0.3269 0.3322 0.3247 0.0102  -0.0291 0.0235  28  TYR A CD1 
247 C CD2 . TYR A 30  ? 0.3692 0.3497 0.3511 0.0104  -0.0230 0.0425  28  TYR A CD2 
248 C CE1 . TYR A 30  ? 0.3879 0.4020 0.3781 0.0175  -0.0354 0.0256  28  TYR A CE1 
249 C CE2 . TYR A 30  ? 0.4443 0.4308 0.4145 0.0201  -0.0301 0.0457  28  TYR A CE2 
250 C CZ  . TYR A 30  ? 0.4625 0.4684 0.4391 0.0236  -0.0370 0.0363  28  TYR A CZ  
251 O OH  . TYR A 30  ? 0.4996 0.5175 0.4696 0.0328  -0.0456 0.0389  28  TYR A OH  
252 N N   . ALA A 31  ? 0.4694 0.4132 0.4794 -0.0054 -0.0181 0.0417  29  ALA A N   
253 C CA  . ALA A 31  ? 0.4762 0.3940 0.4763 -0.0029 -0.0175 0.0532  29  ALA A CA  
254 C C   . ALA A 31  ? 0.4537 0.3743 0.4398 -0.0053 -0.0096 0.0670  29  ALA A C   
255 O O   . ALA A 31  ? 0.3744 0.3092 0.3654 -0.0144 -0.0017 0.0673  29  ALA A O   
256 C CB  . ALA A 31  ? 0.4408 0.3357 0.4517 -0.0131 -0.0167 0.0522  29  ALA A CB  
257 N N   . THR A 32  ? 0.4405 0.3481 0.4079 0.0045  -0.0119 0.0785  30  THR A N   
258 C CA  . THR A 32  ? 0.4695 0.3780 0.4158 0.0044  -0.0055 0.0929  30  THR A CA  
259 C C   . THR A 32  ? 0.5528 0.4480 0.5010 -0.0106 0.0079  0.1046  30  THR A C   
260 O O   . THR A 32  ? 0.5864 0.4921 0.5228 -0.0146 0.0178  0.1122  30  THR A O   
261 C CB  . THR A 32  ? 0.5206 0.4169 0.4442 0.0205  -0.0134 0.1046  30  THR A CB  
262 O OG1 . THR A 32  ? 0.5137 0.3747 0.4367 0.0234  -0.0144 0.1144  30  THR A OG1 
263 C CG2 . THR A 32  ? 0.5019 0.4186 0.4304 0.0333  -0.0259 0.0929  30  THR A CG2 
264 N N   . TRP A 33  ? 0.4510 0.3234 0.4143 -0.0193 0.0085  0.1052  31  TRP A N   
265 C CA  . TRP A 33  ? 0.5587 0.4190 0.5300 -0.0370 0.0206  0.1159  31  TRP A CA  
266 C C   . TRP A 33  ? 0.5421 0.4294 0.5422 -0.0525 0.0269  0.1056  31  TRP A C   
267 O O   . TRP A 33  ? 0.5394 0.4294 0.5491 -0.0673 0.0391  0.1148  31  TRP A O   
268 C CB  . TRP A 33  ? 0.5236 0.3416 0.4968 -0.0408 0.0170  0.1215  31  TRP A CB  
269 C CG  . TRP A 33  ? 0.5735 0.3855 0.5615 -0.0371 0.0053  0.1032  31  TRP A CG  
270 C CD1 . TRP A 33  ? 0.5898 0.3909 0.5689 -0.0189 -0.0053 0.0969  31  TRP A CD1 
271 C CD2 . TRP A 33  ? 0.5167 0.3359 0.5302 -0.0512 0.0030  0.0884  31  TRP A CD2 
272 N NE1 . TRP A 33  ? 0.5754 0.3743 0.5696 -0.0206 -0.0122 0.0791  31  TRP A NE1 
273 C CE2 . TRP A 33  ? 0.4920 0.3007 0.5059 -0.0406 -0.0085 0.0736  31  TRP A CE2 
274 C CE3 . TRP A 33  ? 0.5321 0.3685 0.5690 -0.0714 0.0092  0.0865  31  TRP A CE3 
275 C CZ2 . TRP A 33  ? 0.4433 0.2553 0.4743 -0.0493 -0.0147 0.0567  31  TRP A CZ2 
276 C CZ3 . TRP A 33  ? 0.5502 0.3917 0.6080 -0.0799 0.0011  0.0699  31  TRP A CZ3 
277 C CH2 . TRP A 33  ? 0.4960 0.3243 0.5483 -0.0691 -0.0111 0.0553  31  TRP A CH2 
278 N N   . CYS A 34  ? 0.4065 0.3145 0.4210 -0.0482 0.0186  0.0878  32  CYS A N   
279 C CA  . CYS A 34  ? 0.3942 0.3285 0.4360 -0.0585 0.0211  0.0777  32  CYS A CA  
280 C C   . CYS A 34  ? 0.4442 0.4083 0.4861 -0.0584 0.0333  0.0803  32  CYS A C   
281 O O   . CYS A 34  ? 0.4824 0.4559 0.5071 -0.0464 0.0326  0.0769  32  CYS A O   
282 C CB  . CYS A 34  ? 0.4411 0.3846 0.4899 -0.0502 0.0082  0.0604  32  CYS A CB  
283 S SG  . CYS A 34  ? 0.4696 0.4426 0.5480 -0.0574 0.0055  0.0476  32  CYS A SG  
284 N N   . GLY A 35  ? 0.4241 0.4032 0.4867 -0.0721 0.0451  0.0854  33  GLY A N   
285 C CA  . GLY A 35  ? 0.3671 0.3758 0.4318 -0.0704 0.0592  0.0868  33  GLY A CA  
286 C C   . GLY A 35  ? 0.3599 0.3929 0.4352 -0.0601 0.0539  0.0709  33  GLY A C   
287 O O   . GLY A 35  ? 0.4397 0.4823 0.4986 -0.0495 0.0588  0.0675  33  GLY A O   
288 N N   . PRO A 36  ? 0.3455 0.3854 0.4456 -0.0633 0.0429  0.0608  34  PRO A N   
289 C CA  . PRO A 36  ? 0.3554 0.4141 0.4644 -0.0529 0.0372  0.0480  34  PRO A CA  
290 C C   . PRO A 36  ? 0.3726 0.4182 0.4542 -0.0394 0.0298  0.0418  34  PRO A C   
291 O O   . PRO A 36  ? 0.3374 0.3940 0.4148 -0.0306 0.0329  0.0358  34  PRO A O   
292 C CB  . PRO A 36  ? 0.4314 0.4934 0.5650 -0.0597 0.0240  0.0410  34  PRO A CB  
293 C CG  . PRO A 36  ? 0.3983 0.4574 0.5487 -0.0773 0.0285  0.0490  34  PRO A CG  
294 C CD  . PRO A 36  ? 0.4052 0.4395 0.5294 -0.0785 0.0374  0.0615  34  PRO A CD  
295 N N   . SER A 37  ? 0.3833 0.4064 0.4485 -0.0379 0.0208  0.0429  35  SER A N   
296 C CA  . SER A 37  ? 0.4020 0.4194 0.4467 -0.0272 0.0145  0.0375  35  SER A CA  
297 C C   . SER A 37  ? 0.3774 0.3976 0.3998 -0.0223 0.0228  0.0412  35  SER A C   
298 O O   . SER A 37  ? 0.4944 0.5194 0.5068 -0.0158 0.0212  0.0334  35  SER A O   
299 C CB  . SER A 37  ? 0.4500 0.4498 0.4871 -0.0241 0.0030  0.0358  35  SER A CB  
300 O OG  . SER A 37  ? 0.5583 0.5399 0.5873 -0.0265 0.0038  0.0456  35  SER A OG  
301 N N   . LYS A 38  ? 0.3417 0.3574 0.3546 -0.0265 0.0324  0.0532  36  LYS A N   
302 C CA  . LYS A 38  ? 0.4558 0.4746 0.4422 -0.0216 0.0408  0.0571  36  LYS A CA  
303 C C   . LYS A 38  ? 0.5364 0.5744 0.5277 -0.0183 0.0506  0.0479  36  LYS A C   
304 O O   . LYS A 38  ? 0.4656 0.5046 0.4351 -0.0111 0.0512  0.0412  36  LYS A O   
305 C CB  . LYS A 38  ? 0.5162 0.5267 0.4908 -0.0276 0.0519  0.0745  36  LYS A CB  
306 C CG  . LYS A 38  ? 0.5783 0.5646 0.5345 -0.0250 0.0429  0.0851  36  LYS A CG  
307 C CD  . LYS A 38  ? 0.6391 0.6146 0.5718 -0.0278 0.0544  0.1042  36  LYS A CD  
308 C CE  . LYS A 38  ? 0.6760 0.6316 0.6237 -0.0399 0.0586  0.1174  36  LYS A CE  
309 N NZ  . LYS A 38  ? 0.7314 0.6642 0.6832 -0.0350 0.0421  0.1145  36  LYS A NZ  
310 N N   . MET A 39  ? 0.4653 0.5185 0.4861 -0.0229 0.0572  0.0468  37  MET A N   
311 C CA  . MET A 39  ? 0.5420 0.6146 0.5730 -0.0171 0.0675  0.0389  37  MET A CA  
312 C C   . MET A 39  ? 0.5263 0.5949 0.5535 -0.0073 0.0583  0.0245  37  MET A C   
313 O O   . MET A 39  ? 0.4582 0.5325 0.4795 0.0008  0.0659  0.0165  37  MET A O   
314 C CB  . MET A 39  ? 0.5773 0.6720 0.6475 -0.0237 0.0738  0.0416  37  MET A CB  
315 C CG  . MET A 39  ? 0.6125 0.7191 0.6890 -0.0338 0.0911  0.0550  37  MET A CG  
316 S SD  . MET A 39  ? 1.0551 1.1996 1.1843 -0.0416 0.0997  0.0558  37  MET A SD  
317 C CE  . MET A 39  ? 0.4647 0.5981 0.6175 -0.0550 0.0791  0.0558  37  MET A CE  
318 N N   . MET A 40  ? 0.4757 0.5325 0.5056 -0.0084 0.0428  0.0213  38  MET A N   
319 C CA  . MET A 40  ? 0.4137 0.4644 0.4406 -0.0019 0.0346  0.0101  38  MET A CA  
320 C C   . MET A 40  ? 0.4907 0.5290 0.4885 0.0007  0.0306  0.0043  38  MET A C   
321 O O   . MET A 40  ? 0.4558 0.4875 0.4506 0.0039  0.0258  -0.0050 38  MET A O   
322 C CB  . MET A 40  ? 0.3571 0.4030 0.3983 -0.0047 0.0214  0.0094  38  MET A CB  
323 C CG  . MET A 40  ? 0.4518 0.5107 0.5217 -0.0066 0.0206  0.0110  38  MET A CG  
324 S SD  . MET A 40  ? 0.4605 0.5325 0.5460 0.0039  0.0254  0.0048  38  MET A SD  
325 C CE  . MET A 40  ? 0.3885 0.4394 0.4575 0.0096  0.0154  -0.0025 38  MET A CE  
326 N N   . GLN A 41  ? 0.4285 0.4640 0.4057 -0.0010 0.0315  0.0104  39  GLN A N   
327 C CA  . GLN A 41  ? 0.4151 0.4437 0.3665 0.0009  0.0243  0.0042  39  GLN A CA  
328 C C   . GLN A 41  ? 0.5493 0.5752 0.4854 0.0057  0.0299  -0.0091 39  GLN A C   
329 O O   . GLN A 41  ? 0.5137 0.5318 0.4432 0.0049  0.0212  -0.0193 39  GLN A O   
330 C CB  . GLN A 41  ? 0.5095 0.5366 0.4388 0.0006  0.0235  0.0148  39  GLN A CB  
331 C CG  . GLN A 41  ? 0.4659 0.4881 0.4060 -0.0019 0.0162  0.0262  39  GLN A CG  
332 C CD  . GLN A 41  ? 0.5121 0.5287 0.4287 0.0002  0.0154  0.0392  39  GLN A CD  
333 O OE1 . GLN A 41  ? 0.5187 0.5375 0.4085 0.0031  0.0189  0.0398  39  GLN A OE1 
334 N NE2 . GLN A 41  ? 0.4216 0.4289 0.3459 0.0000  0.0101  0.0491  39  GLN A NE2 
335 N N   . PRO A 42  ? 0.4554 0.4871 0.3866 0.0102  0.0449  -0.0100 40  PRO A N   
336 C CA  . PRO A 42  ? 0.5153 0.5404 0.4299 0.0169  0.0509  -0.0252 40  PRO A CA  
337 C C   . PRO A 42  ? 0.5114 0.5267 0.4447 0.0199  0.0468  -0.0350 40  PRO A C   
338 O O   . PRO A 42  ? 0.4599 0.4595 0.3784 0.0215  0.0434  -0.0482 40  PRO A O   
339 C CB  . PRO A 42  ? 0.4849 0.5231 0.3975 0.0228  0.0710  -0.0219 40  PRO A CB  
340 C CG  . PRO A 42  ? 0.4953 0.5445 0.4159 0.0160  0.0742  -0.0039 40  PRO A CG  
341 C CD  . PRO A 42  ? 0.4201 0.4650 0.3628 0.0091  0.0588  0.0020  40  PRO A CD  
342 N N   . HIS A 43  ? 0.3994 0.4228 0.3636 0.0202  0.0465  -0.0277 41  HIS A N   
343 C CA  . HIS A 43  ? 0.4205 0.4349 0.4010 0.0242  0.0420  -0.0329 41  HIS A CA  
344 C C   . HIS A 43  ? 0.5290 0.5270 0.5028 0.0171  0.0278  -0.0365 41  HIS A C   
345 O O   . HIS A 43  ? 0.4401 0.4205 0.4098 0.0190  0.0256  -0.0449 41  HIS A O   
346 C CB  . HIS A 43  ? 0.4429 0.4733 0.4559 0.0253  0.0420  -0.0234 41  HIS A CB  
347 C CG  . HIS A 43  ? 0.5096 0.5593 0.5382 0.0336  0.0564  -0.0221 41  HIS A CG  
348 N ND1 . HIS A 43  ? 0.6050 0.6775 0.6505 0.0280  0.0629  -0.0117 41  HIS A ND1 
349 C CD2 . HIS A 43  ? 0.5531 0.6039 0.5848 0.0469  0.0667  -0.0300 41  HIS A CD2 
350 C CE1 . HIS A 43  ? 0.6445 0.7365 0.7059 0.0366  0.0770  -0.0127 41  HIS A CE1 
351 N NE2 . HIS A 43  ? 0.6374 0.7172 0.6906 0.0500  0.0797  -0.0242 41  HIS A NE2 
352 N N   . LEU A 44  ? 0.5082 0.5120 0.4816 0.0088  0.0192  -0.0295 42  LEU A N   
353 C CA  . LEU A 44  ? 0.4846 0.4804 0.4557 0.0018  0.0076  -0.0320 42  LEU A CA  
354 C C   . LEU A 44  ? 0.4520 0.4358 0.4008 -0.0015 0.0048  -0.0445 42  LEU A C   
355 O O   . LEU A 44  ? 0.4807 0.4517 0.4300 -0.0069 -0.0006 -0.0506 42  LEU A O   
356 C CB  . LEU A 44  ? 0.5540 0.5611 0.5300 -0.0030 0.0004  -0.0230 42  LEU A CB  
357 C CG  . LEU A 44  ? 0.5417 0.5470 0.5266 -0.0083 -0.0086 -0.0229 42  LEU A CG  
358 C CD1 . LEU A 44  ? 0.4049 0.4087 0.4068 -0.0064 -0.0083 -0.0183 42  LEU A CD1 
359 C CD2 . LEU A 44  ? 0.5322 0.5483 0.5160 -0.0109 -0.0157 -0.0184 42  LEU A CD2 
360 N N   . THR A 45  ? 0.4757 0.4632 0.4038 0.0007  0.0088  -0.0481 43  THR A N   
361 C CA  . THR A 45  ? 0.4878 0.4649 0.3909 -0.0029 0.0047  -0.0621 43  THR A CA  
362 C C   . THR A 45  ? 0.5055 0.4588 0.4056 0.0002  0.0097  -0.0752 43  THR A C   
363 O O   . THR A 45  ? 0.5162 0.4537 0.4074 -0.0076 0.0025  -0.0866 43  THR A O   
364 C CB  . THR A 45  ? 0.4959 0.4809 0.3714 0.0013  0.0093  -0.0630 43  THR A CB  
365 O OG1 . THR A 45  ? 0.5060 0.5071 0.3803 -0.0018 0.0011  -0.0509 43  THR A OG1 
366 C CG2 . THR A 45  ? 0.4641 0.4364 0.3101 -0.0012 0.0054  -0.0810 43  THR A CG2 
367 N N   . LYS A 46  ? 0.4597 0.4109 0.3691 0.0117  0.0220  -0.0735 44  LYS A N   
368 C CA  . LYS A 46  ? 0.5996 0.5261 0.5077 0.0189  0.0275  -0.0844 44  LYS A CA  
369 C C   . LYS A 46  ? 0.5579 0.4683 0.4818 0.0126  0.0190  -0.0812 44  LYS A C   
370 O O   . LYS A 46  ? 0.4738 0.3565 0.3884 0.0092  0.0166  -0.0915 44  LYS A O   
371 C CB  . LYS A 46  ? 0.6707 0.6062 0.5913 0.0351  0.0422  -0.0811 44  LYS A CB  
372 C CG  . LYS A 46  ? 0.7102 0.6524 0.6094 0.0434  0.0555  -0.0891 44  LYS A CG  
373 C CD  . LYS A 46  ? 0.7889 0.7507 0.7102 0.0578  0.0709  -0.0827 44  LYS A CD  
374 C CE  . LYS A 46  ? 0.9170 0.8880 0.8175 0.0674  0.0884  -0.0902 44  LYS A CE  
375 N NZ  . LYS A 46  ? 0.9558 0.9610 0.8832 0.0742  0.1029  -0.0776 44  LYS A NZ  
376 N N   . LEU A 47  ? 0.4690 0.3955 0.4147 0.0104  0.0149  -0.0666 45  LEU A N   
377 C CA  . LEU A 47  ? 0.4327 0.3476 0.3905 0.0047  0.0083  -0.0609 45  LEU A CA  
378 C C   . LEU A 47  ? 0.5000 0.4075 0.4501 -0.0118 -0.0007 -0.0657 45  LEU A C   
379 O O   . LEU A 47  ? 0.5599 0.4456 0.5106 -0.0180 -0.0027 -0.0669 45  LEU A O   
380 C CB  . LEU A 47  ? 0.3832 0.3187 0.3616 0.0067  0.0062  -0.0463 45  LEU A CB  
381 C CG  . LEU A 47  ? 0.5024 0.4454 0.4959 0.0210  0.0125  -0.0411 45  LEU A CG  
382 C CD1 . LEU A 47  ? 0.4431 0.4103 0.4546 0.0200  0.0089  -0.0296 45  LEU A CD1 
383 C CD2 . LEU A 47  ? 0.4660 0.3865 0.4629 0.0303  0.0133  -0.0413 45  LEU A CD2 
384 N N   . ILE A 48  ? 0.4319 0.3587 0.3757 -0.0190 -0.0060 -0.0674 46  ILE A N   
385 C CA  . ILE A 48  ? 0.3910 0.3201 0.3325 -0.0344 -0.0156 -0.0721 46  ILE A CA  
386 C C   . ILE A 48  ? 0.5149 0.4148 0.4402 -0.0422 -0.0169 -0.0886 46  ILE A C   
387 O O   . ILE A 48  ? 0.5127 0.4013 0.4434 -0.0557 -0.0215 -0.0909 46  ILE A O   
388 C CB  . ILE A 48  ? 0.4373 0.3939 0.3729 -0.0360 -0.0221 -0.0711 46  ILE A CB  
389 C CG1 . ILE A 48  ? 0.5046 0.4837 0.4572 -0.0315 -0.0226 -0.0559 46  ILE A CG1 
390 C CG2 . ILE A 48  ? 0.4098 0.3737 0.3417 -0.0506 -0.0336 -0.0798 46  ILE A CG2 
391 C CD1 . ILE A 48  ? 0.4973 0.4970 0.4421 -0.0286 -0.0271 -0.0521 46  ILE A CD1 
392 N N   . GLN A 49  ? 0.4932 0.3811 0.3982 -0.0337 -0.0119 -0.1002 47  GLN A N   
393 C CA  . GLN A 49  ? 0.5643 0.4189 0.4493 -0.0379 -0.0119 -0.1190 47  GLN A CA  
394 C C   . GLN A 49  ? 0.5587 0.3759 0.4495 -0.0336 -0.0054 -0.1188 47  GLN A C   
395 O O   . GLN A 49  ? 0.5845 0.3701 0.4674 -0.0444 -0.0084 -0.1295 47  GLN A O   
396 C CB  . GLN A 49  ? 0.6053 0.4603 0.4635 -0.0270 -0.0064 -0.1313 47  GLN A CB  
397 C CG  . GLN A 49  ? 0.6513 0.5355 0.4965 -0.0339 -0.0162 -0.1326 47  GLN A CG  
398 C CD  . GLN A 49  ? 0.7020 0.5919 0.5187 -0.0217 -0.0088 -0.1392 47  GLN A CD  
399 O OE1 . GLN A 49  ? 0.6967 0.5643 0.4972 -0.0116 0.0020  -0.1511 47  GLN A OE1 
400 N NE2 . GLN A 49  ? 0.7223 0.6412 0.5313 -0.0217 -0.0138 -0.1307 47  GLN A NE2 
401 N N   . ALA A 50  ? 0.5730 0.3944 0.4778 -0.0174 0.0028  -0.1061 48  ALA A N   
402 C CA  . ALA A 50  ? 0.5902 0.3800 0.5011 -0.0084 0.0081  -0.1022 48  ALA A CA  
403 C C   . ALA A 50  ? 0.5905 0.3678 0.5131 -0.0209 0.0030  -0.0905 48  ALA A C   
404 O O   . ALA A 50  ? 0.5233 0.2629 0.4425 -0.0189 0.0054  -0.0903 48  ALA A O   
405 C CB  . ALA A 50  ? 0.6076 0.4114 0.5308 0.0137  0.0166  -0.0932 48  ALA A CB  
406 N N   . TYR A 51  ? 0.4279 0.2362 0.3630 -0.0327 -0.0030 -0.0803 49  TYR A N   
407 C CA  . TYR A 51  ? 0.5459 0.3504 0.4922 -0.0445 -0.0055 -0.0677 49  TYR A CA  
408 C C   . TYR A 51  ? 0.5322 0.3563 0.4832 -0.0666 -0.0125 -0.0710 49  TYR A C   
409 O O   . TYR A 51  ? 0.5153 0.3718 0.4791 -0.0700 -0.0150 -0.0616 49  TYR A O   
410 C CB  . TYR A 51  ? 0.4723 0.2995 0.4326 -0.0329 -0.0042 -0.0504 49  TYR A CB  
411 C CG  . TYR A 51  ? 0.5560 0.3689 0.5169 -0.0118 0.0006  -0.0461 49  TYR A CG  
412 C CD1 . TYR A 51  ? 0.5163 0.2991 0.4753 -0.0070 0.0019  -0.0373 49  TYR A CD1 
413 C CD2 . TYR A 51  ? 0.4700 0.3007 0.4342 0.0032  0.0041  -0.0500 49  TYR A CD2 
414 C CE1 . TYR A 51  ? 0.5332 0.3058 0.4951 0.0147  0.0047  -0.0332 49  TYR A CE1 
415 C CE2 . TYR A 51  ? 0.5130 0.3370 0.4831 0.0229  0.0086  -0.0466 49  TYR A CE2 
416 C CZ  . TYR A 51  ? 0.5867 0.3821 0.5562 0.0296  0.0079  -0.0387 49  TYR A CZ  
417 O OH  . TYR A 51  ? 0.5901 0.3820 0.5677 0.0516  0.0107  -0.0348 49  TYR A OH  
418 N N   . PRO A 52  ? 0.5872 0.3913 0.5285 -0.0817 -0.0162 -0.0855 50  PRO A N   
419 C CA  . PRO A 52  ? 0.5909 0.4183 0.5406 -0.1038 -0.0246 -0.0906 50  PRO A CA  
420 C C   . PRO A 52  ? 0.6248 0.4620 0.5933 -0.1189 -0.0233 -0.0769 50  PRO A C   
421 O O   . PRO A 52  ? 0.6844 0.5559 0.6670 -0.1321 -0.0291 -0.0772 50  PRO A O   
422 C CB  . PRO A 52  ? 0.6183 0.4142 0.5515 -0.1166 -0.0290 -0.1112 50  PRO A CB  
423 C CG  . PRO A 52  ? 0.6478 0.4078 0.5613 -0.0971 -0.0217 -0.1182 50  PRO A CG  
424 C CD  . PRO A 52  ? 0.4974 0.2544 0.4207 -0.0796 -0.0132 -0.0993 50  PRO A CD  
425 N N   . ASP A 53  ? 0.6337 0.4430 0.6015 -0.1156 -0.0156 -0.0644 51  ASP A N   
426 C CA  . ASP A 53  ? 0.6440 0.4612 0.6250 -0.1281 -0.0114 -0.0489 51  ASP A CA  
427 C C   . ASP A 53  ? 0.5506 0.4109 0.5435 -0.1174 -0.0102 -0.0363 51  ASP A C   
428 O O   . ASP A 53  ? 0.4864 0.3615 0.4892 -0.1260 -0.0061 -0.0251 51  ASP A O   
429 C CB  . ASP A 53  ? 0.7563 0.5259 0.7271 -0.1269 -0.0038 -0.0377 51  ASP A CB  
430 C CG  . ASP A 53  ? 0.9681 0.7201 0.9275 -0.0991 -0.0015 -0.0327 51  ASP A CG  
431 O OD1 . ASP A 53  ? 0.8981 0.6537 0.8526 -0.0850 -0.0039 -0.0447 51  ASP A OD1 
432 O OD2 . ASP A 53  ? 1.0830 0.8187 1.0384 -0.0915 0.0030  -0.0165 51  ASP A OD2 
433 N N   . VAL A 54  ? 0.4781 0.3566 0.4686 -0.0990 -0.0130 -0.0387 52  VAL A N   
434 C CA  . VAL A 54  ? 0.4547 0.3671 0.4540 -0.0882 -0.0129 -0.0293 52  VAL A CA  
435 C C   . VAL A 54  ? 0.4841 0.4341 0.4920 -0.0884 -0.0194 -0.0359 52  VAL A C   
436 O O   . VAL A 54  ? 0.3947 0.3451 0.3956 -0.0857 -0.0242 -0.0462 52  VAL A O   
437 C CB  . VAL A 54  ? 0.4979 0.4013 0.4903 -0.0671 -0.0111 -0.0243 52  VAL A CB  
438 C CG1 . VAL A 54  ? 0.4646 0.3958 0.4643 -0.0583 -0.0113 -0.0154 52  VAL A CG1 
439 C CG2 . VAL A 54  ? 0.5486 0.4147 0.5318 -0.0630 -0.0067 -0.0178 52  VAL A CG2 
440 N N   . ARG A 55  ? 0.3891 0.3700 0.4105 -0.0896 -0.0190 -0.0292 53  ARG A N   
441 C CA  . ARG A 55  ? 0.3670 0.3820 0.3972 -0.0864 -0.0255 -0.0329 53  ARG A CA  
442 C C   . ARG A 55  ? 0.3894 0.4096 0.4147 -0.0676 -0.0257 -0.0288 53  ARG A C   
443 O O   . ARG A 55  ? 0.3654 0.3858 0.3920 -0.0598 -0.0214 -0.0210 53  ARG A O   
444 C CB  . ARG A 55  ? 0.4113 0.4582 0.4610 -0.0948 -0.0242 -0.0287 53  ARG A CB  
445 C CG  . ARG A 55  ? 0.4616 0.5452 0.5225 -0.0864 -0.0308 -0.0303 53  ARG A CG  
446 C CD  . ARG A 55  ? 0.4649 0.5643 0.5307 -0.0963 -0.0417 -0.0405 53  ARG A CD  
447 N NE  . ARG A 55  ? 0.4839 0.6166 0.5579 -0.0861 -0.0504 -0.0409 53  ARG A NE  
448 C CZ  . ARG A 55  ? 0.5455 0.7175 0.6436 -0.0885 -0.0534 -0.0398 53  ARG A CZ  
449 N NH1 . ARG A 55  ? 0.5005 0.6852 0.6172 -0.1025 -0.0462 -0.0380 53  ARG A NH1 
450 N NH2 . ARG A 55  ? 0.5049 0.7037 0.6088 -0.0759 -0.0624 -0.0393 53  ARG A NH2 
451 N N   . PHE A 56  ? 0.3185 0.3419 0.3363 -0.0618 -0.0308 -0.0345 54  PHE A N   
452 C CA  . PHE A 56  ? 0.2808 0.3080 0.2945 -0.0474 -0.0306 -0.0303 54  PHE A CA  
453 C C   . PHE A 56  ? 0.3300 0.3841 0.3496 -0.0432 -0.0368 -0.0288 54  PHE A C   
454 O O   . PHE A 56  ? 0.3266 0.3942 0.3456 -0.0482 -0.0439 -0.0342 54  PHE A O   
455 C CB  . PHE A 56  ? 0.3445 0.3557 0.3429 -0.0423 -0.0295 -0.0354 54  PHE A CB  
456 C CG  . PHE A 56  ? 0.4332 0.4188 0.4270 -0.0395 -0.0230 -0.0360 54  PHE A CG  
457 C CD1 . PHE A 56  ? 0.3889 0.3536 0.3774 -0.0478 -0.0221 -0.0425 54  PHE A CD1 
458 C CD2 . PHE A 56  ? 0.4393 0.4214 0.4345 -0.0283 -0.0185 -0.0305 54  PHE A CD2 
459 C CE1 . PHE A 56  ? 0.4015 0.3402 0.3851 -0.0419 -0.0166 -0.0424 54  PHE A CE1 
460 C CE2 . PHE A 56  ? 0.3827 0.3455 0.3761 -0.0230 -0.0138 -0.0309 54  PHE A CE2 
461 C CZ  . PHE A 56  ? 0.4203 0.3602 0.4070 -0.0282 -0.0127 -0.0364 54  PHE A CZ  
462 N N   . VAL A 57  ? 0.2741 0.3342 0.2985 -0.0336 -0.0350 -0.0219 55  VAL A N   
463 C CA  . VAL A 57  ? 0.2799 0.3586 0.3089 -0.0253 -0.0400 -0.0187 55  VAL A CA  
464 C C   . VAL A 57  ? 0.2859 0.3521 0.3092 -0.0147 -0.0372 -0.0126 55  VAL A C   
465 O O   . VAL A 57  ? 0.2949 0.3461 0.3160 -0.0147 -0.0322 -0.0114 55  VAL A O   
466 C CB  . VAL A 57  ? 0.2397 0.3419 0.2859 -0.0254 -0.0405 -0.0177 55  VAL A CB  
467 C CG1 . VAL A 57  ? 0.2331 0.3493 0.2896 -0.0400 -0.0417 -0.0228 55  VAL A CG1 
468 C CG2 . VAL A 57  ? 0.2591 0.3545 0.3079 -0.0204 -0.0333 -0.0140 55  VAL A CG2 
469 N N   . LYS A 58  ? 0.2586 0.3315 0.2803 -0.0061 -0.0413 -0.0084 56  LYS A N   
470 C CA  . LYS A 58  ? 0.3655 0.4242 0.3824 0.0017  -0.0390 -0.0021 56  LYS A CA  
471 C C   . LYS A 58  ? 0.3394 0.4031 0.3627 0.0120  -0.0419 0.0015  56  LYS A C   
472 O O   . LYS A 58  ? 0.3256 0.4083 0.3558 0.0159  -0.0467 0.0006  56  LYS A O   
473 C CB  . LYS A 58  ? 0.2859 0.3372 0.2878 0.0027  -0.0391 0.0017  56  LYS A CB  
474 C CG  . LYS A 58  ? 0.3163 0.3811 0.3099 0.0067  -0.0473 0.0031  56  LYS A CG  
475 C CD  . LYS A 58  ? 0.3797 0.4367 0.3518 0.0076  -0.0463 0.0073  56  LYS A CD  
476 C CE  . LYS A 58  ? 0.3286 0.4013 0.2898 0.0124  -0.0575 0.0085  56  LYS A CE  
477 N NZ  . LYS A 58  ? 0.4179 0.4867 0.3521 0.0125  -0.0579 0.0102  56  LYS A NZ  
478 N N   . CYS A 59  ? 0.2981 0.3447 0.3201 0.0164  -0.0390 0.0046  57  CYS A N   
479 C CA  . CYS A 59  ? 0.2134 0.2555 0.2386 0.0277  -0.0407 0.0067  57  CYS A CA  
480 C C   . CYS A 59  ? 0.3116 0.3274 0.3286 0.0301  -0.0395 0.0133  57  CYS A C   
481 O O   . CYS A 59  ? 0.3448 0.3478 0.3613 0.0222  -0.0359 0.0126  57  CYS A O   
482 C CB  . CYS A 59  ? 0.3052 0.3512 0.3384 0.0290  -0.0372 -0.0001 57  CYS A CB  
483 S SG  . CYS A 59  ? 0.3234 0.3620 0.3591 0.0450  -0.0371 -0.0022 57  CYS A SG  
484 N N   . ASP A 60  ? 0.3257 0.3342 0.3379 0.0409  -0.0431 0.0203  58  ASP A N   
485 C CA  . ASP A 60  ? 0.2813 0.2606 0.2850 0.0423  -0.0415 0.0286  58  ASP A CA  
486 C C   . ASP A 60  ? 0.3875 0.3488 0.3961 0.0480  -0.0410 0.0229  58  ASP A C   
487 O O   . ASP A 60  ? 0.4331 0.3985 0.4450 0.0615  -0.0435 0.0205  58  ASP A O   
488 C CB  . ASP A 60  ? 0.3568 0.3337 0.3495 0.0534  -0.0464 0.0403  58  ASP A CB  
489 C CG  . ASP A 60  ? 0.5342 0.4774 0.5148 0.0535  -0.0435 0.0527  58  ASP A CG  
490 O OD1 . ASP A 60  ? 0.5062 0.4248 0.4906 0.0502  -0.0403 0.0506  58  ASP A OD1 
491 O OD2 . ASP A 60  ? 0.5880 0.5284 0.5535 0.0567  -0.0449 0.0650  58  ASP A OD2 
492 N N   . VAL A 61  ? 0.4173 0.3603 0.4267 0.0376  -0.0378 0.0196  59  VAL A N   
493 C CA  . VAL A 61  ? 0.4268 0.3496 0.4372 0.0409  -0.0383 0.0110  59  VAL A CA  
494 C C   . VAL A 61  ? 0.4874 0.3804 0.4914 0.0537  -0.0400 0.0159  59  VAL A C   
495 O O   . VAL A 61  ? 0.5092 0.3908 0.5125 0.0644  -0.0407 0.0072  59  VAL A O   
496 C CB  . VAL A 61  ? 0.4685 0.3814 0.4824 0.0255  -0.0375 0.0050  59  VAL A CB  
497 C CG1 . VAL A 61  ? 0.3616 0.3014 0.3815 0.0164  -0.0363 0.0023  59  VAL A CG1 
498 C CG2 . VAL A 61  ? 0.5448 0.4342 0.5583 0.0152  -0.0359 0.0137  59  VAL A CG2 
499 N N   . ASP A 62  ? 0.4418 0.3196 0.4385 0.0532  -0.0399 0.0303  60  ASP A N   
500 C CA  . ASP A 62  ? 0.5239 0.3687 0.5119 0.0667  -0.0417 0.0383  60  ASP A CA  
501 C C   . ASP A 62  ? 0.5266 0.3887 0.5159 0.0900  -0.0462 0.0390  60  ASP A C   
502 O O   . ASP A 62  ? 0.5426 0.3840 0.5307 0.1063  -0.0475 0.0363  60  ASP A O   
503 C CB  . ASP A 62  ? 0.5962 0.4199 0.5734 0.0589  -0.0391 0.0561  60  ASP A CB  
504 C CG  . ASP A 62  ? 0.6523 0.4569 0.6337 0.0368  -0.0339 0.0551  60  ASP A CG  
505 O OD1 . ASP A 62  ? 0.5918 0.3741 0.5774 0.0338  -0.0352 0.0440  60  ASP A OD1 
506 O OD2 . ASP A 62  ? 0.6515 0.4667 0.6329 0.0231  -0.0286 0.0637  60  ASP A OD2 
507 N N   . GLU A 63  ? 0.5053 0.4056 0.4981 0.0912  -0.0490 0.0421  61  GLU A N   
508 C CA  . GLU A 63  ? 0.4810 0.4100 0.4813 0.1100  -0.0546 0.0421  61  GLU A CA  
509 C C   . GLU A 63  ? 0.5011 0.4527 0.5172 0.1168  -0.0521 0.0264  61  GLU A C   
510 O O   . GLU A 63  ? 0.4608 0.4217 0.4848 0.1367  -0.0541 0.0248  61  GLU A O   
511 C CB  . GLU A 63  ? 0.5477 0.5100 0.5464 0.1049  -0.0594 0.0484  61  GLU A CB  
512 C CG  . GLU A 63  ? 0.7358 0.7416 0.7495 0.1166  -0.0661 0.0442  61  GLU A CG  
513 C CD  . GLU A 63  ? 0.8567 0.8906 0.8652 0.1103  -0.0734 0.0493  61  GLU A CD  
514 O OE1 . GLU A 63  ? 0.9890 1.0415 0.9987 0.1249  -0.0835 0.0559  61  GLU A OE1 
515 O OE2 . GLU A 63  ? 0.8266 0.8646 0.8294 0.0921  -0.0701 0.0460  61  GLU A OE2 
516 N N   . SER A 64  ? 0.4522 0.4137 0.4722 0.1009  -0.0470 0.0158  62  SER A N   
517 C CA  . SER A 64  ? 0.4061 0.3897 0.4369 0.1048  -0.0426 0.0028  62  SER A CA  
518 C C   . SER A 64  ? 0.3895 0.3502 0.4129 0.0967  -0.0376 -0.0086 62  SER A C   
519 O O   . SER A 64  ? 0.4117 0.3865 0.4360 0.0838  -0.0347 -0.0144 62  SER A O   
520 C CB  . SER A 64  ? 0.5400 0.5650 0.5815 0.0938  -0.0423 0.0014  62  SER A CB  
521 O OG  . SER A 64  ? 0.4954 0.5434 0.5426 0.0989  -0.0491 0.0094  62  SER A OG  
522 N N   . PRO A 65  ? 0.4432 0.3668 0.4579 0.1050  -0.0376 -0.0123 63  PRO A N   
523 C CA  . PRO A 65  ? 0.4813 0.3811 0.4867 0.0972  -0.0354 -0.0252 63  PRO A CA  
524 C C   . PRO A 65  ? 0.4964 0.4200 0.5020 0.1012  -0.0298 -0.0385 63  PRO A C   
525 O O   . PRO A 65  ? 0.5163 0.4371 0.5144 0.0891  -0.0294 -0.0459 63  PRO A O   
526 C CB  . PRO A 65  ? 0.5280 0.3826 0.5243 0.1090  -0.0368 -0.0274 63  PRO A CB  
527 C CG  . PRO A 65  ? 0.5486 0.4110 0.5510 0.1307  -0.0378 -0.0178 63  PRO A CG  
528 C CD  . PRO A 65  ? 0.5190 0.4178 0.5305 0.1231  -0.0406 -0.0048 63  PRO A CD  
529 N N   . ASP A 66  ? 0.4835 0.4332 0.4983 0.1181  -0.0254 -0.0400 64  ASP A N   
530 C CA  . ASP A 66  ? 0.5105 0.4850 0.5251 0.1219  -0.0171 -0.0508 64  ASP A CA  
531 C C   . ASP A 66  ? 0.4664 0.4668 0.4828 0.1023  -0.0155 -0.0479 64  ASP A C   
532 O O   . ASP A 66  ? 0.4144 0.4176 0.4201 0.0975  -0.0109 -0.0558 64  ASP A O   
533 C CB  . ASP A 66  ? 0.6887 0.6947 0.7200 0.1431  -0.0115 -0.0508 64  ASP A CB  
534 C CG  . ASP A 66  ? 0.9379 0.9669 0.9874 0.1455  -0.0184 -0.0365 64  ASP A CG  
535 O OD1 . ASP A 66  ? 0.9369 0.9418 0.9811 0.1418  -0.0269 -0.0267 64  ASP A OD1 
536 O OD2 . ASP A 66  ? 1.0384 1.1120 1.1076 0.1508  -0.0153 -0.0350 64  ASP A OD2 
537 N N   . ILE A 67  ? 0.4139 0.4316 0.4417 0.0923  -0.0196 -0.0367 65  ILE A N   
538 C CA  . ILE A 67  ? 0.3975 0.4336 0.4268 0.0745  -0.0186 -0.0332 65  ILE A CA  
539 C C   . ILE A 67  ? 0.4695 0.4816 0.4856 0.0607  -0.0223 -0.0346 65  ILE A C   
540 O O   . ILE A 67  ? 0.4296 0.4487 0.4399 0.0521  -0.0200 -0.0364 65  ILE A O   
541 C CB  . ILE A 67  ? 0.3492 0.4067 0.3920 0.0684  -0.0224 -0.0235 65  ILE A CB  
542 C CG1 . ILE A 67  ? 0.3249 0.4149 0.3851 0.0811  -0.0204 -0.0230 65  ILE A CG1 
543 C CG2 . ILE A 67  ? 0.3993 0.4680 0.4417 0.0510  -0.0209 -0.0214 65  ILE A CG2 
544 C CD1 . ILE A 67  ? 0.3280 0.4415 0.4009 0.0761  -0.0269 -0.0156 65  ILE A CD1 
545 N N   . ALA A 68  ? 0.4076 0.3927 0.4204 0.0590  -0.0280 -0.0324 66  ALA A N   
546 C CA  . ALA A 68  ? 0.3449 0.3118 0.3514 0.0459  -0.0323 -0.0337 66  ALA A CA  
547 C C   . ALA A 68  ? 0.4030 0.3588 0.3957 0.0467  -0.0326 -0.0463 66  ALA A C   
548 O O   . ALA A 68  ? 0.4117 0.3701 0.3994 0.0369  -0.0354 -0.0480 66  ALA A O   
549 C CB  . ALA A 68  ? 0.3977 0.3386 0.4053 0.0438  -0.0364 -0.0284 66  ALA A CB  
550 N N   . LYS A 69  ? 0.3925 0.3360 0.3778 0.0604  -0.0299 -0.0552 67  LYS A N   
551 C CA  . LYS A 69  ? 0.4631 0.3929 0.4299 0.0637  -0.0297 -0.0701 67  LYS A CA  
552 C C   . LYS A 69  ? 0.5122 0.4682 0.4702 0.0628  -0.0239 -0.0721 67  LYS A C   
553 O O   . LYS A 69  ? 0.4954 0.4455 0.4362 0.0582  -0.0271 -0.0797 67  LYS A O   
554 C CB  . LYS A 69  ? 0.4494 0.3598 0.4101 0.0823  -0.0260 -0.0799 67  LYS A CB  
555 C CG  . LYS A 69  ? 0.5057 0.3997 0.4430 0.0884  -0.0247 -0.0984 67  LYS A CG  
556 C CD  . LYS A 69  ? 0.6361 0.5018 0.5614 0.0729  -0.0362 -0.1065 67  LYS A CD  
557 C CE  . LYS A 69  ? 0.7802 0.6294 0.6773 0.0785  -0.0368 -0.1273 67  LYS A CE  
558 N NZ  . LYS A 69  ? 0.8245 0.6528 0.7110 0.0613  -0.0509 -0.1368 67  LYS A NZ  
559 N N   . GLU A 70  ? 0.4432 0.4284 0.4133 0.0668  -0.0160 -0.0642 68  GLU A N   
560 C CA  . GLU A 70  ? 0.4528 0.4633 0.4175 0.0645  -0.0080 -0.0625 68  GLU A CA  
561 C C   . GLU A 70  ? 0.4738 0.4844 0.4338 0.0487  -0.0137 -0.0555 68  GLU A C   
562 O O   . GLU A 70  ? 0.4897 0.5077 0.4352 0.0458  -0.0104 -0.0552 68  GLU A O   
563 C CB  . GLU A 70  ? 0.5254 0.5668 0.5108 0.0689  0.0002  -0.0551 68  GLU A CB  
564 C CG  . GLU A 70  ? 0.6280 0.6969 0.6104 0.0670  0.0121  -0.0533 68  GLU A CG  
565 C CD  . GLU A 70  ? 0.8097 0.8952 0.7926 0.0837  0.0243  -0.0615 68  GLU A CD  
566 O OE1 . GLU A 70  ? 0.8579 0.9259 0.8360 0.0990  0.0230  -0.0716 68  GLU A OE1 
567 O OE2 . GLU A 70  ? 0.8624 0.9783 0.8512 0.0811  0.0362  -0.0573 68  GLU A OE2 
568 N N   . CYS A 71  ? 0.4290 0.4315 0.4007 0.0400  -0.0218 -0.0491 69  CYS A N   
569 C CA  . CYS A 71  ? 0.3356 0.3384 0.3064 0.0282  -0.0275 -0.0430 69  CYS A CA  
570 C C   . CYS A 71  ? 0.3452 0.3288 0.3100 0.0234  -0.0384 -0.0492 69  CYS A C   
571 O O   . CYS A 71  ? 0.4105 0.3961 0.3789 0.0155  -0.0445 -0.0447 69  CYS A O   
572 C CB  . CYS A 71  ? 0.4186 0.4299 0.4076 0.0221  -0.0274 -0.0327 69  CYS A CB  
573 S SG  . CYS A 71  ? 0.4216 0.4580 0.4202 0.0217  -0.0179 -0.0263 69  CYS A SG  
574 N N   . GLU A 72  ? 0.3859 0.3515 0.3435 0.0285  -0.0409 -0.0601 70  GLU A N   
575 C CA  . GLU A 72  ? 0.4346 0.3811 0.3883 0.0213  -0.0521 -0.0680 70  GLU A CA  
576 C C   . GLU A 72  ? 0.3683 0.3137 0.3432 0.0101  -0.0571 -0.0595 70  GLU A C   
577 O O   . GLU A 72  ? 0.3771 0.3252 0.3565 0.0008  -0.0656 -0.0601 70  GLU A O   
578 C CB  . GLU A 72  ? 0.4373 0.3890 0.3723 0.0185  -0.0587 -0.0737 70  GLU A CB  
579 C CG  . GLU A 72  ? 0.5571 0.5116 0.4667 0.0293  -0.0513 -0.0812 70  GLU A CG  
580 C CD  . GLU A 72  ? 0.7440 0.6753 0.6377 0.0369  -0.0519 -0.0988 70  GLU A CD  
581 O OE1 . GLU A 72  ? 0.7450 0.6792 0.6209 0.0488  -0.0422 -0.1056 70  GLU A OE1 
582 O OE2 . GLU A 72  ? 0.7805 0.6898 0.6793 0.0309  -0.0613 -0.1064 70  GLU A OE2 
583 N N   . VAL A 73  ? 0.4214 0.3657 0.4093 0.0121  -0.0515 -0.0512 71  VAL A N   
584 C CA  . VAL A 73  ? 0.4441 0.3891 0.4491 0.0025  -0.0529 -0.0420 71  VAL A CA  
585 C C   . VAL A 73  ? 0.4698 0.3897 0.4792 -0.0038 -0.0569 -0.0451 71  VAL A C   
586 O O   . VAL A 73  ? 0.4943 0.3951 0.5004 0.0024  -0.0539 -0.0448 71  VAL A O   
587 C CB  . VAL A 73  ? 0.4383 0.3951 0.4511 0.0063  -0.0457 -0.0308 71  VAL A CB  
588 C CG1 . VAL A 73  ? 0.3903 0.3483 0.4163 -0.0027 -0.0454 -0.0221 71  VAL A CG1 
589 C CG2 . VAL A 73  ? 0.3655 0.3435 0.3757 0.0091  -0.0418 -0.0283 71  VAL A CG2 
590 N N   . THR A 74  ? 0.5923 0.5135 0.6107 -0.0167 -0.0640 -0.0473 72  THR A N   
591 C CA  . THR A 74  ? 0.7398 0.6402 0.7667 -0.0288 -0.0686 -0.0503 72  THR A CA  
592 C C   . THR A 74  ? 0.6639 0.5740 0.7124 -0.0407 -0.0652 -0.0380 72  THR A C   
593 O O   . THR A 74  ? 0.7614 0.6527 0.8182 -0.0521 -0.0654 -0.0366 72  THR A O   
594 C CB  . THR A 74  ? 0.8326 0.7372 0.8593 -0.0384 -0.0811 -0.0627 72  THR A CB  
595 O OG1 . THR A 74  ? 0.9292 0.8654 0.9596 -0.0363 -0.0832 -0.0586 72  THR A OG1 
596 C CG2 . THR A 74  ? 0.8652 0.7509 0.8673 -0.0304 -0.0855 -0.0784 72  THR A CG2 
597 N N   . ALA A 75  ? 0.4783 0.4161 0.5350 -0.0387 -0.0612 -0.0298 73  ALA A N   
598 C CA  . ALA A 75  ? 0.3897 0.3418 0.4658 -0.0475 -0.0557 -0.0191 73  ALA A CA  
599 C C   . ALA A 75  ? 0.3652 0.3313 0.4380 -0.0386 -0.0463 -0.0096 73  ALA A C   
600 O O   . ALA A 75  ? 0.3606 0.3329 0.4224 -0.0287 -0.0465 -0.0118 73  ALA A O   
601 C CB  . ALA A 75  ? 0.3977 0.3732 0.4923 -0.0565 -0.0630 -0.0228 73  ALA A CB  
602 N N   . MET A 76  ? 0.2699 0.2403 0.3511 -0.0431 -0.0379 0.0006  74  MET A N   
603 C CA  . MET A 76  ? 0.3077 0.2885 0.3820 -0.0354 -0.0299 0.0077  74  MET A CA  
604 C C   . MET A 76  ? 0.3563 0.3577 0.4457 -0.0405 -0.0224 0.0132  74  MET A C   
605 O O   . MET A 76  ? 0.3850 0.3895 0.4898 -0.0512 -0.0198 0.0167  74  MET A O   
606 C CB  . MET A 76  ? 0.2770 0.2391 0.3369 -0.0312 -0.0253 0.0154  74  MET A CB  
607 C CG  . MET A 76  ? 0.4514 0.3963 0.4974 -0.0214 -0.0306 0.0108  74  MET A CG  
608 S SD  . MET A 76  ? 0.5778 0.4954 0.6236 -0.0250 -0.0377 0.0018  74  MET A SD  
609 C CE  . MET A 76  ? 0.4299 0.3217 0.4786 -0.0352 -0.0326 0.0137  74  MET A CE  
610 N N   . PRO A 77  ? 0.3753 0.3899 0.4598 -0.0328 -0.0180 0.0137  75  PRO A N   
611 C CA  . PRO A 77  ? 0.3597 0.3709 0.4282 -0.0232 -0.0213 0.0096  75  PRO A CA  
612 C C   . PRO A 77  ? 0.3455 0.3611 0.4157 -0.0203 -0.0293 0.0024  75  PRO A C   
613 O O   . PRO A 77  ? 0.3349 0.3619 0.4184 -0.0224 -0.0320 0.0011  75  PRO A O   
614 C CB  . PRO A 77  ? 0.3932 0.4144 0.4573 -0.0191 -0.0137 0.0117  75  PRO A CB  
615 C CG  . PRO A 77  ? 0.3527 0.3883 0.4344 -0.0229 -0.0078 0.0139  75  PRO A CG  
616 C CD  . PRO A 77  ? 0.3397 0.3728 0.4345 -0.0332 -0.0086 0.0175  75  PRO A CD  
617 N N   . THR A 78  ? 0.3336 0.3425 0.3903 -0.0150 -0.0325 -0.0010 76  THR A N   
618 C CA  . THR A 78  ? 0.2799 0.2919 0.3326 -0.0120 -0.0377 -0.0056 76  THR A CA  
619 C C   . THR A 78  ? 0.3247 0.3387 0.3680 -0.0077 -0.0339 -0.0047 76  THR A C   
620 O O   . THR A 78  ? 0.3440 0.3563 0.3812 -0.0061 -0.0315 -0.0043 76  THR A O   
621 C CB  . THR A 78  ? 0.3131 0.3163 0.3576 -0.0112 -0.0438 -0.0117 76  THR A CB  
622 O OG1 . THR A 78  ? 0.3391 0.3396 0.3926 -0.0176 -0.0499 -0.0150 76  THR A OG1 
623 C CG2 . THR A 78  ? 0.2538 0.2604 0.2875 -0.0072 -0.0464 -0.0143 76  THR A CG2 
624 N N   . PHE A 79  ? 0.2818 0.2995 0.3255 -0.0062 -0.0340 -0.0039 77  PHE A N   
625 C CA  . PHE A 79  ? 0.2916 0.3072 0.3274 -0.0051 -0.0304 -0.0034 77  PHE A CA  
626 C C   . PHE A 79  ? 0.3289 0.3420 0.3556 -0.0042 -0.0328 -0.0032 77  PHE A C   
627 O O   . PHE A 79  ? 0.3546 0.3671 0.3803 -0.0018 -0.0370 -0.0016 77  PHE A O   
628 C CB  . PHE A 79  ? 0.2799 0.2943 0.3192 -0.0035 -0.0267 -0.0023 77  PHE A CB  
629 C CG  . PHE A 79  ? 0.3213 0.3404 0.3672 -0.0037 -0.0222 -0.0021 77  PHE A CG  
630 C CD1 . PHE A 79  ? 0.3253 0.3428 0.3631 -0.0051 -0.0180 -0.0031 77  PHE A CD1 
631 C CD2 . PHE A 79  ? 0.3798 0.4075 0.4397 -0.0031 -0.0219 -0.0005 77  PHE A CD2 
632 C CE1 . PHE A 79  ? 0.2736 0.2949 0.3123 -0.0050 -0.0125 -0.0017 77  PHE A CE1 
633 C CE2 . PHE A 79  ? 0.3520 0.3859 0.4178 -0.0043 -0.0149 0.0011  77  PHE A CE2 
634 C CZ  . PHE A 79  ? 0.3238 0.3530 0.3765 -0.0048 -0.0095 0.0010  77  PHE A CZ  
635 N N   . VAL A 80  ? 0.2971 0.3118 0.3175 -0.0055 -0.0300 -0.0040 78  VAL A N   
636 C CA  . VAL A 80  ? 0.3135 0.3280 0.3236 -0.0054 -0.0290 -0.0029 78  VAL A CA  
637 C C   . VAL A 80  ? 0.3221 0.3333 0.3299 -0.0101 -0.0240 0.0010  78  VAL A C   
638 O O   . VAL A 80  ? 0.3045 0.3189 0.3177 -0.0143 -0.0214 -0.0007 78  VAL A O   
639 C CB  . VAL A 80  ? 0.3824 0.4041 0.3896 -0.0033 -0.0269 -0.0068 78  VAL A CB  
640 C CG1 . VAL A 80  ? 0.4282 0.4537 0.4245 -0.0038 -0.0220 -0.0049 78  VAL A CG1 
641 C CG2 . VAL A 80  ? 0.3507 0.3680 0.3574 0.0007  -0.0320 -0.0119 78  VAL A CG2 
642 N N   . LEU A 81  ? 0.3217 0.3244 0.3196 -0.0098 -0.0238 0.0064  79  LEU A N   
643 C CA  . LEU A 81  ? 0.3507 0.3425 0.3445 -0.0155 -0.0189 0.0115  79  LEU A CA  
644 C C   . LEU A 81  ? 0.4457 0.4406 0.4298 -0.0205 -0.0127 0.0162  79  LEU A C   
645 O O   . LEU A 81  ? 0.4086 0.4068 0.3815 -0.0160 -0.0133 0.0182  79  LEU A O   
646 C CB  . LEU A 81  ? 0.3925 0.3674 0.3818 -0.0101 -0.0221 0.0168  79  LEU A CB  
647 C CG  . LEU A 81  ? 0.4972 0.4705 0.4975 -0.0034 -0.0260 0.0134  79  LEU A CG  
648 C CD1 . LEU A 81  ? 0.5719 0.5256 0.5694 0.0018  -0.0255 0.0181  79  LEU A CD1 
649 C CD2 . LEU A 81  ? 0.5449 0.5260 0.5555 -0.0067 -0.0236 0.0059  79  LEU A CD2 
650 N N   . GLY A 82  ? 0.3900 0.3854 0.3785 -0.0309 -0.0063 0.0176  80  GLY A N   
651 C CA  . GLY A 82  ? 0.3211 0.3229 0.3039 -0.0382 0.0025  0.0234  80  GLY A CA  
652 C C   . GLY A 82  ? 0.4246 0.4074 0.4035 -0.0501 0.0082  0.0314  80  GLY A C   
653 O O   . GLY A 82  ? 0.3553 0.3271 0.3424 -0.0564 0.0063  0.0275  80  GLY A O   
654 N N   . LYS A 83  ? 0.4347 0.4111 0.3985 -0.0534 0.0155  0.0424  81  LYS A N   
655 C CA  . LYS A 83  ? 0.4734 0.4269 0.4312 -0.0665 0.0227  0.0528  81  LYS A CA  
656 C C   . LYS A 83  ? 0.5088 0.4754 0.4626 -0.0786 0.0365  0.0619  81  LYS A C   
657 O O   . LYS A 83  ? 0.5110 0.4898 0.4506 -0.0715 0.0408  0.0661  81  LYS A O   
658 C CB  . LYS A 83  ? 0.5432 0.4630 0.4810 -0.0573 0.0180  0.0629  81  LYS A CB  
659 C CG  . LYS A 83  ? 0.7186 0.6050 0.6477 -0.0694 0.0248  0.0747  81  LYS A CG  
660 C CD  . LYS A 83  ? 0.8642 0.7136 0.7791 -0.0563 0.0176  0.0817  81  LYS A CD  
661 C CE  . LYS A 83  ? 0.9496 0.7582 0.8506 -0.0668 0.0251  0.0965  81  LYS A CE  
662 N NZ  . LYS A 83  ? 0.9933 0.8039 0.9080 -0.0923 0.0355  0.0936  81  LYS A NZ  
663 N N   . ASP A 84  ? 0.5045 0.4702 0.4715 -0.0979 0.0439  0.0638  82  ASP A N   
664 C CA  . ASP A 84  ? 0.6235 0.6037 0.5907 -0.1126 0.0596  0.0742  82  ASP A CA  
665 C C   . ASP A 84  ? 0.5759 0.5974 0.5466 -0.1058 0.0673  0.0713  82  ASP A C   
666 O O   . ASP A 84  ? 0.5397 0.5633 0.4895 -0.1031 0.0778  0.0817  82  ASP A O   
667 C CB  . ASP A 84  ? 0.7246 0.6674 0.6651 -0.1182 0.0672  0.0934  82  ASP A CB  
668 C CG  . ASP A 84  ? 0.9106 0.8129 0.8541 -0.1305 0.0638  0.0955  82  ASP A CG  
669 O OD1 . ASP A 84  ? 0.9105 0.8209 0.8788 -0.1456 0.0623  0.0844  82  ASP A OD1 
670 O OD2 . ASP A 84  ? 1.0356 0.8966 0.9558 -0.1237 0.0614  0.1070  82  ASP A OD2 
671 N N   . GLY A 85  ? 0.4514 0.5040 0.4457 -0.1009 0.0620  0.0568  83  GLY A N   
672 C CA  . GLY A 85  ? 0.4592 0.5485 0.4583 -0.0914 0.0691  0.0523  83  GLY A CA  
673 C C   . GLY A 85  ? 0.3962 0.4834 0.3744 -0.0693 0.0639  0.0469  83  GLY A C   
674 O O   . GLY A 85  ? 0.4870 0.6006 0.4672 -0.0615 0.0713  0.0424  83  GLY A O   
675 N N   . GLN A 86  ? 0.3847 0.4429 0.3451 -0.0596 0.0514  0.0467  84  GLN A N   
676 C CA  . GLN A 86  ? 0.4758 0.5335 0.4191 -0.0418 0.0447  0.0400  84  GLN A CA  
677 C C   . GLN A 86  ? 0.4338 0.4719 0.3777 -0.0338 0.0280  0.0343  84  GLN A C   
678 O O   . GLN A 86  ? 0.4618 0.4819 0.4105 -0.0391 0.0230  0.0382  84  GLN A O   
679 C CB  . GLN A 86  ? 0.5662 0.6146 0.4750 -0.0377 0.0511  0.0493  84  GLN A CB  
680 C CG  . GLN A 86  ? 0.6417 0.6593 0.5323 -0.0435 0.0491  0.0648  84  GLN A CG  
681 C CD  . GLN A 86  ? 0.7106 0.7186 0.5625 -0.0382 0.0540  0.0764  84  GLN A CD  
682 O OE1 . GLN A 86  ? 0.7007 0.7266 0.5373 -0.0327 0.0622  0.0729  84  GLN A OE1 
683 N NE2 . GLN A 86  ? 0.7637 0.7421 0.5977 -0.0381 0.0484  0.0901  84  GLN A NE2 
684 N N   . LEU A 87  ? 0.4329 0.4748 0.3723 -0.0213 0.0204  0.0246  85  LEU A N   
685 C CA  . LEU A 87  ? 0.4418 0.4699 0.3848 -0.0152 0.0062  0.0197  85  LEU A CA  
686 C C   . LEU A 87  ? 0.4608 0.4707 0.3816 -0.0108 -0.0007 0.0270  85  LEU A C   
687 O O   . LEU A 87  ? 0.3976 0.4079 0.2951 -0.0066 0.0012  0.0293  85  LEU A O   
688 C CB  . LEU A 87  ? 0.3994 0.4365 0.3485 -0.0062 0.0009  0.0071  85  LEU A CB  
689 C CG  . LEU A 87  ? 0.4399 0.4948 0.4115 -0.0066 0.0050  0.0011  85  LEU A CG  
690 C CD1 . LEU A 87  ? 0.3673 0.4242 0.3416 0.0040  0.0006  -0.0094 85  LEU A CD1 
691 C CD2 . LEU A 87  ? 0.4202 0.4737 0.4100 -0.0146 0.0020  0.0034  85  LEU A CD2 
692 N N   . ILE A 88  ? 0.3850 0.3801 0.3122 -0.0105 -0.0086 0.0306  86  ILE A N   
693 C CA  . ILE A 88  ? 0.4769 0.4574 0.3871 -0.0039 -0.0169 0.0386  86  ILE A CA  
694 C C   . ILE A 88  ? 0.4835 0.4624 0.4049 0.0038  -0.0308 0.0341  86  ILE A C   
695 O O   . ILE A 88  ? 0.5261 0.4970 0.4372 0.0106  -0.0388 0.0412  86  ILE A O   
696 C CB  . ILE A 88  ? 0.6861 0.6457 0.5883 -0.0085 -0.0116 0.0531  86  ILE A CB  
697 C CG1 . ILE A 88  ? 0.7945 0.7481 0.7186 -0.0172 -0.0070 0.0504  86  ILE A CG1 
698 C CG2 . ILE A 88  ? 0.5953 0.5534 0.4752 -0.0143 0.0002  0.0636  86  ILE A CG2 
699 C CD1 . ILE A 88  ? 0.8420 0.7862 0.7786 -0.0099 -0.0163 0.0470  86  ILE A CD1 
700 N N   . GLY A 89  ? 0.4247 0.4125 0.3679 0.0027  -0.0330 0.0241  87  GLY A N   
701 C CA  . GLY A 89  ? 0.3891 0.3793 0.3465 0.0079  -0.0433 0.0207  87  GLY A CA  
702 C C   . GLY A 89  ? 0.4794 0.4797 0.4560 0.0056  -0.0445 0.0105  87  GLY A C   
703 O O   . GLY A 89  ? 0.3715 0.3749 0.3521 0.0014  -0.0379 0.0066  87  GLY A O   
704 N N   . LYS A 90  ? 0.3635 0.3700 0.3524 0.0087  -0.0533 0.0078  88  LYS A N   
705 C CA  . LYS A 90  ? 0.3283 0.3422 0.3356 0.0055  -0.0542 0.0009  88  LYS A CA  
706 C C   . LYS A 90  ? 0.3643 0.3863 0.3917 0.0079  -0.0580 0.0025  88  LYS A C   
707 O O   . LYS A 90  ? 0.3933 0.4213 0.4229 0.0130  -0.0665 0.0052  88  LYS A O   
708 C CB  . LYS A 90  ? 0.2655 0.2826 0.2688 0.0035  -0.0611 -0.0071 88  LYS A CB  
709 C CG  . LYS A 90  ? 0.3582 0.3705 0.3563 0.0013  -0.0552 -0.0129 88  LYS A CG  
710 C CD  . LYS A 90  ? 0.3492 0.3581 0.3443 -0.0003 -0.0629 -0.0226 88  LYS A CD  
711 C CE  . LYS A 90  ? 0.3693 0.3701 0.3560 0.0018  -0.0570 -0.0291 88  LYS A CE  
712 N NZ  . LYS A 90  ? 0.4339 0.4237 0.4174 0.0001  -0.0639 -0.0399 88  LYS A NZ  
713 N N   . ILE A 91  ? 0.2959 0.3205 0.3376 0.0051  -0.0517 0.0011  89  ILE A N   
714 C CA  . ILE A 91  ? 0.3192 0.3559 0.3817 0.0070  -0.0523 0.0017  89  ILE A CA  
715 C C   . ILE A 91  ? 0.4063 0.4477 0.4785 -0.0013 -0.0508 -0.0023 89  ILE A C   
716 O O   . ILE A 91  ? 0.2931 0.3272 0.3603 -0.0043 -0.0435 -0.0027 89  ILE A O   
717 C CB  . ILE A 91  ? 0.4201 0.4527 0.4867 0.0116  -0.0430 0.0040  89  ILE A CB  
718 C CG1 . ILE A 91  ? 0.4339 0.4557 0.4919 0.0203  -0.0443 0.0087  89  ILE A CG1 
719 C CG2 . ILE A 91  ? 0.4082 0.4579 0.4977 0.0131  -0.0401 0.0035  89  ILE A CG2 
720 C CD1 . ILE A 91  ? 0.4560 0.4590 0.4933 0.0164  -0.0404 0.0102  89  ILE A CD1 
721 N N   . ILE A 92  ? 0.3622 0.4151 0.4482 -0.0055 -0.0588 -0.0048 90  ILE A N   
722 C CA  . ILE A 92  ? 0.3271 0.3797 0.4228 -0.0154 -0.0578 -0.0077 90  ILE A CA  
723 C C   . ILE A 92  ? 0.3527 0.4232 0.4745 -0.0192 -0.0525 -0.0042 90  ILE A C   
724 O O   . ILE A 92  ? 0.4089 0.4996 0.5501 -0.0184 -0.0582 -0.0041 90  ILE A O   
725 C CB  . ILE A 92  ? 0.4235 0.4737 0.5162 -0.0212 -0.0701 -0.0148 90  ILE A CB  
726 C CG1 . ILE A 92  ? 0.3741 0.4072 0.4392 -0.0168 -0.0716 -0.0188 90  ILE A CG1 
727 C CG2 . ILE A 92  ? 0.4661 0.5111 0.5706 -0.0331 -0.0691 -0.0173 90  ILE A CG2 
728 C CD1 . ILE A 92  ? 0.4305 0.4650 0.4830 -0.0156 -0.0843 -0.0250 90  ILE A CD1 
729 N N   . GLY A 93  ? 0.3332 0.3984 0.4550 -0.0227 -0.0413 -0.0009 91  GLY A N   
730 C CA  . GLY A 93  ? 0.3243 0.4067 0.4677 -0.0266 -0.0323 0.0034  91  GLY A CA  
731 C C   . GLY A 93  ? 0.3138 0.3974 0.4507 -0.0183 -0.0197 0.0065  91  GLY A C   
732 O O   . GLY A 93  ? 0.3464 0.4192 0.4666 -0.0099 -0.0199 0.0046  91  GLY A O   
733 N N   . ALA A 94  ? 0.3172 0.4133 0.4665 -0.0218 -0.0080 0.0106  92  ALA A N   
734 C CA  . ALA A 94  ? 0.3776 0.4749 0.5178 -0.0135 0.0049  0.0115  92  ALA A CA  
735 C C   . ALA A 94  ? 0.4523 0.5697 0.6111 -0.0025 0.0070  0.0092  92  ALA A C   
736 O O   . ALA A 94  ? 0.4700 0.6113 0.6507 -0.0023 0.0164  0.0114  92  ALA A O   
737 C CB  . ALA A 94  ? 0.3805 0.4814 0.5200 -0.0208 0.0185  0.0179  92  ALA A CB  
738 N N   . ASN A 95  ? 0.3976 0.5050 0.5480 0.0071  -0.0016 0.0056  93  ASN A N   
739 C CA  . ASN A 95  ? 0.3906 0.5095 0.5541 0.0213  -0.0013 0.0042  93  ASN A CA  
740 C C   . ASN A 95  ? 0.4347 0.5274 0.5724 0.0306  0.0024  0.0006  93  ASN A C   
741 O O   . ASN A 95  ? 0.4014 0.4747 0.5235 0.0315  -0.0063 0.0003  93  ASN A O   
742 C CB  . ASN A 95  ? 0.3414 0.4696 0.5181 0.0243  -0.0171 0.0053  93  ASN A CB  
743 C CG  . ASN A 95  ? 0.4555 0.6008 0.6515 0.0413  -0.0176 0.0061  93  ASN A CG  
744 O OD1 . ASN A 95  ? 0.4829 0.6214 0.6745 0.0532  -0.0067 0.0041  93  ASN A OD1 
745 N ND2 . ASN A 95  ? 0.4120 0.5795 0.6293 0.0434  -0.0309 0.0080  93  ASN A ND2 
746 N N   . PRO A 96  ? 0.4358 0.5272 0.5678 0.0363  0.0159  -0.0029 94  PRO A N   
747 C CA  . PRO A 96  ? 0.4921 0.5560 0.5988 0.0431  0.0192  -0.0089 94  PRO A CA  
748 C C   . PRO A 96  ? 0.5127 0.5648 0.6223 0.0565  0.0133  -0.0094 94  PRO A C   
749 O O   . PRO A 96  ? 0.5549 0.5792 0.6445 0.0561  0.0093  -0.0113 94  PRO A O   
750 C CB  . PRO A 96  ? 0.5216 0.5921 0.6245 0.0486  0.0355  -0.0138 94  PRO A CB  
751 C CG  . PRO A 96  ? 0.4559 0.5547 0.5775 0.0406  0.0418  -0.0076 94  PRO A CG  
752 C CD  . PRO A 96  ? 0.4130 0.5286 0.5608 0.0358  0.0298  -0.0017 94  PRO A CD  
753 N N   . THR A 97  ? 0.4827 0.5566 0.6184 0.0680  0.0127  -0.0068 95  THR A N   
754 C CA  . THR A 97  ? 0.4781 0.5413 0.6172 0.0840  0.0062  -0.0048 95  THR A CA  
755 C C   . THR A 97  ? 0.4602 0.5090 0.5882 0.0786  -0.0093 0.0017  95  THR A C   
756 O O   . THR A 97  ? 0.4218 0.4404 0.5311 0.0835  -0.0119 0.0030  95  THR A O   
757 C CB  . THR A 97  ? 0.5247 0.6248 0.7001 0.0980  0.0073  -0.0024 95  THR A CB  
758 O OG1 . THR A 97  ? 0.5717 0.6844 0.7543 0.1041  0.0253  -0.0086 95  THR A OG1 
759 C CG2 . THR A 97  ? 0.5336 0.6236 0.7131 0.1181  -0.0003 0.0012  95  THR A CG2 
760 N N   . ALA A 98  ? 0.4291 0.4975 0.5662 0.0676  -0.0187 0.0054  96  ALA A N   
761 C CA  . ALA A 98  ? 0.3709 0.4267 0.4931 0.0628  -0.0319 0.0102  96  ALA A CA  
762 C C   . ALA A 98  ? 0.4326 0.4587 0.5259 0.0524  -0.0282 0.0083  96  ALA A C   
763 O O   . ALA A 98  ? 0.4088 0.4148 0.4849 0.0530  -0.0329 0.0125  96  ALA A O   
764 C CB  . ALA A 98  ? 0.3456 0.4261 0.4808 0.0527  -0.0421 0.0111  96  ALA A CB  
765 N N   . LEU A 99  ? 0.3771 0.4030 0.4658 0.0428  -0.0198 0.0029  97  LEU A N   
766 C CA  . LEU A 99  ? 0.3433 0.3483 0.4098 0.0331  -0.0178 0.0006  97  LEU A CA  
767 C C   . LEU A 99  ? 0.4141 0.3908 0.4657 0.0379  -0.0139 -0.0011 97  LEU A C   
768 O O   . LEU A 99  ? 0.3593 0.3187 0.3968 0.0319  -0.0167 0.0014  97  LEU A O   
769 C CB  . LEU A 99  ? 0.2905 0.3025 0.3548 0.0246  -0.0111 -0.0039 97  LEU A CB  
770 C CG  . LEU A 99  ? 0.3542 0.3521 0.3995 0.0155  -0.0101 -0.0072 97  LEU A CG  
771 C CD1 . LEU A 99  ? 0.3610 0.3573 0.4010 0.0087  -0.0171 -0.0039 97  LEU A CD1 
772 C CD2 . LEU A 99  ? 0.3675 0.3734 0.4092 0.0108  -0.0049 -0.0101 97  LEU A CD2 
773 N N   . GLU A 100 ? 0.3876 0.3583 0.4426 0.0483  -0.0067 -0.0059 98  GLU A N   
774 C CA  . GLU A 100 ? 0.4864 0.4235 0.5261 0.0529  -0.0031 -0.0094 98  GLU A CA  
775 C C   . GLU A 100 ? 0.5341 0.4527 0.5702 0.0600  -0.0099 0.0003  98  GLU A C   
776 O O   . GLU A 100 ? 0.5062 0.3950 0.5256 0.0543  -0.0097 0.0016  98  GLU A O   
777 C CB  . GLU A 100 ? 0.5267 0.4593 0.5685 0.0651  0.0070  -0.0185 98  GLU A CB  
778 C CG  . GLU A 100 ? 0.6297 0.5209 0.6546 0.0707  0.0101  -0.0238 98  GLU A CG  
779 C CD  . GLU A 100 ? 0.6847 0.5656 0.7012 0.0777  0.0212  -0.0383 98  GLU A CD  
780 O OE1 . GLU A 100 ? 0.6418 0.5500 0.6700 0.0855  0.0286  -0.0416 98  GLU A OE1 
781 O OE2 . GLU A 100 ? 0.6933 0.5377 0.6900 0.0744  0.0230  -0.0470 98  GLU A OE2 
782 N N   . LYS A 101 ? 0.4636 0.4017 0.5153 0.0714  -0.0165 0.0078  99  LYS A N   
783 C CA  . LYS A 101 ? 0.4886 0.4116 0.5340 0.0803  -0.0247 0.0191  99  LYS A CA  
784 C C   . LYS A 101 ? 0.4961 0.4098 0.5229 0.0647  -0.0288 0.0250  99  LYS A C   
785 O O   . LYS A 101 ? 0.4948 0.3794 0.5043 0.0641  -0.0290 0.0322  99  LYS A O   
786 C CB  . LYS A 101 ? 0.4312 0.3862 0.4979 0.0933  -0.0346 0.0253  99  LYS A CB  
787 C CG  . LYS A 101 ? 0.5931 0.5582 0.6814 0.1146  -0.0314 0.0235  99  LYS A CG  
788 C CD  . LYS A 101 ? 0.7009 0.7002 0.8125 0.1274  -0.0444 0.0309  99  LYS A CD  
789 C CE  . LYS A 101 ? 0.7817 0.8100 0.9262 0.1448  -0.0386 0.0264  99  LYS A CE  
790 N NZ  . LYS A 101 ? 0.7956 0.8682 0.9711 0.1551  -0.0522 0.0321  99  LYS A NZ  
791 N N   . GLY A 102 ? 0.4350 0.3727 0.4654 0.0524  -0.0308 0.0219  100 GLY A N   
792 C CA  . GLY A 102 ? 0.3777 0.3107 0.3921 0.0396  -0.0327 0.0258  100 GLY A CA  
793 C C   . GLY A 102 ? 0.4662 0.3751 0.4669 0.0276  -0.0248 0.0236  100 GLY A C   
794 O O   . GLY A 102 ? 0.4847 0.3777 0.4707 0.0218  -0.0241 0.0312  100 GLY A O   
795 N N   . ILE A 103 ? 0.4572 0.3651 0.4622 0.0231  -0.0189 0.0131  101 ILE A N   
796 C CA  . ILE A 103 ? 0.4556 0.3443 0.4506 0.0101  -0.0136 0.0083  101 ILE A CA  
797 C C   . ILE A 103 ? 0.5104 0.3604 0.4938 0.0126  -0.0111 0.0127  101 ILE A C   
798 O O   . ILE A 103 ? 0.6019 0.4346 0.5756 -0.0006 -0.0087 0.0157  101 ILE A O   
799 C CB  . ILE A 103 ? 0.4514 0.3478 0.4498 0.0064  -0.0100 -0.0047 101 ILE A CB  
800 C CG1 . ILE A 103 ? 0.4158 0.3433 0.4216 0.0010  -0.0122 -0.0062 101 ILE A CG1 
801 C CG2 . ILE A 103 ? 0.5158 0.3910 0.5039 -0.0065 -0.0071 -0.0118 101 ILE A CG2 
802 C CD1 . ILE A 103 ? 0.3422 0.2810 0.3505 0.0021  -0.0092 -0.0148 101 ILE A CD1 
803 N N   . LYS A 104 ? 0.5034 0.3406 0.4895 0.0299  -0.0114 0.0136  102 LYS A N   
804 C CA  . LYS A 104 ? 0.5969 0.3913 0.5711 0.0360  -0.0092 0.0184  102 LYS A CA  
805 C C   . LYS A 104 ? 0.6872 0.4663 0.6484 0.0329  -0.0121 0.0357  102 LYS A C   
806 O O   . LYS A 104 ? 0.6536 0.3938 0.6007 0.0270  -0.0085 0.0413  102 LYS A O   
807 C CB  . LYS A 104 ? 0.6286 0.4177 0.6113 0.0604  -0.0094 0.0176  102 LYS A CB  
808 C CG  . LYS A 104 ? 0.7139 0.4859 0.6958 0.0648  -0.0017 0.0015  102 LYS A CG  
809 C CD  . LYS A 104 ? 0.7585 0.5092 0.7436 0.0906  0.0002  0.0024  102 LYS A CD  
810 C CE  . LYS A 104 ? 0.7515 0.5371 0.7565 0.1062  0.0045  -0.0069 102 LYS A CE  
811 N NZ  . LYS A 104 ? 0.8367 0.6058 0.8484 0.1339  0.0079  -0.0075 102 LYS A NZ  
812 N N   . ASP A 105 ? 0.5677 0.3759 0.5317 0.0363  -0.0185 0.0439  103 ASP A N   
813 C CA  . ASP A 105 ? 0.6488 0.4474 0.5963 0.0350  -0.0212 0.0604  103 ASP A CA  
814 C C   . ASP A 105 ? 0.7327 0.5320 0.6700 0.0129  -0.0149 0.0628  103 ASP A C   
815 O O   . ASP A 105 ? 0.7801 0.5695 0.7004 0.0097  -0.0139 0.0771  103 ASP A O   
816 C CB  . ASP A 105 ? 0.7292 0.5570 0.6802 0.0487  -0.0319 0.0665  103 ASP A CB  
817 C CG  . ASP A 105 ? 1.0182 0.8450 0.9803 0.0720  -0.0387 0.0687  103 ASP A CG  
818 O OD1 . ASP A 105 ? 1.0958 0.8908 1.0566 0.0808  -0.0344 0.0690  103 ASP A OD1 
819 O OD2 . ASP A 105 ? 1.0613 0.9196 1.0349 0.0822  -0.0488 0.0695  103 ASP A OD2 
820 N N   . LEU A 106 ? 0.7243 0.5378 0.6721 -0.0016 -0.0104 0.0498  104 LEU A N   
821 C CA  . LEU A 106 ? 0.7431 0.5629 0.6872 -0.0219 -0.0041 0.0515  104 LEU A CA  
822 C C   . LEU A 106 ? 0.9119 0.6902 0.8457 -0.0333 0.0024  0.0576  104 LEU A C   
823 O O   . LEU A 106 ? 0.9624 0.7258 0.8805 -0.0367 0.0061  0.0739  104 LEU A O   
824 C CB  . LEU A 106 ? 0.7175 0.5654 0.6774 -0.0326 -0.0032 0.0364  104 LEU A CB  
825 C CG  . LEU A 106 ? 0.5900 0.4757 0.5592 -0.0256 -0.0080 0.0314  104 LEU A CG  
826 C CD1 . LEU A 106 ? 0.5343 0.4429 0.5159 -0.0349 -0.0073 0.0196  104 LEU A CD1 
827 C CD2 . LEU A 106 ? 0.6034 0.5021 0.5632 -0.0245 -0.0080 0.0409  104 LEU A CD2 
828 O OXT . LEU A 106 ? 0.9729 0.7319 0.9117 -0.0387 0.0038  0.0462  104 LEU A OXT 
829 N N   . THR B 1   ? 0.8610 1.0857 1.1858 -0.1196 0.0533  0.0532  68  THR B N   
830 C CA  . THR B 1   ? 0.8099 1.0134 1.1221 -0.1139 0.0291  0.0414  68  THR B CA  
831 C C   . THR B 1   ? 0.7019 0.8790 0.9727 -0.0919 0.0265  0.0376  68  THR B C   
832 O O   . THR B 1   ? 0.7047 0.8712 0.9517 -0.0843 0.0408  0.0436  68  THR B O   
833 C CB  . THR B 1   ? 0.8389 1.0102 1.1464 -0.1337 0.0187  0.0410  68  THR B CB  
834 O OG1 . THR B 1   ? 0.8964 1.0943 1.2460 -0.1572 0.0213  0.0440  68  THR B OG1 
835 C CG2 . THR B 1   ? 0.8194 0.9747 1.1158 -0.1280 -0.0051 0.0272  68  THR B CG2 
836 N N   . PRO B 2   ? 0.6186 0.7865 0.8803 -0.0826 0.0083  0.0276  69  PRO B N   
837 C CA  . PRO B 2   ? 0.5463 0.6924 0.7735 -0.0646 0.0062  0.0243  69  PRO B CA  
838 C C   . PRO B 2   ? 0.4738 0.5844 0.6738 -0.0654 -0.0061 0.0202  69  PRO B C   
839 O O   . PRO B 2   ? 0.4337 0.5309 0.6100 -0.0525 -0.0088 0.0170  69  PRO B O   
840 C CB  . PRO B 2   ? 0.5226 0.6919 0.7645 -0.0513 -0.0028 0.0177  69  PRO B CB  
841 C CG  . PRO B 2   ? 0.5530 0.7375 0.8208 -0.0635 -0.0181 0.0136  69  PRO B CG  
842 C CD  . PRO B 2   ? 0.6452 0.8342 0.9324 -0.0852 -0.0098 0.0192  69  PRO B CD  
843 N N   . VAL B 3   ? 0.4731 0.5694 0.6777 -0.0803 -0.0127 0.0194  70  VAL B N   
844 C CA  . VAL B 3   ? 0.5202 0.5817 0.6988 -0.0791 -0.0224 0.0146  70  VAL B CA  
845 C C   . VAL B 3   ? 0.5140 0.5473 0.6884 -0.0931 -0.0200 0.0191  70  VAL B C   
846 O O   . VAL B 3   ? 0.4794 0.5193 0.6762 -0.1099 -0.0161 0.0233  70  VAL B O   
847 C CB  . VAL B 3   ? 0.6182 0.6795 0.7959 -0.0768 -0.0404 0.0025  70  VAL B CB  
848 C CG1 . VAL B 3   ? 0.7218 0.7775 0.8758 -0.0597 -0.0438 -0.0011 70  VAL B CG1 
849 C CG2 . VAL B 3   ? 0.5894 0.6818 0.7989 -0.0853 -0.0493 -0.0018 70  VAL B CG2 
850 N N   . CYS B 4   ? 0.4351 0.4361 0.5812 -0.0853 -0.0224 0.0183  71  CYS B N   
851 C CA  . CYS B 4   ? 0.4725 0.4386 0.6093 -0.0936 -0.0219 0.0219  71  CYS B CA  
852 C C   . CYS B 4   ? 0.3989 0.3459 0.5243 -0.0893 -0.0360 0.0080  71  CYS B C   
853 O O   . CYS B 4   ? 0.4980 0.4460 0.6068 -0.0741 -0.0396 0.0028  71  CYS B O   
854 C CB  . CYS B 4   ? 0.5563 0.5013 0.6672 -0.0829 -0.0132 0.0328  71  CYS B CB  
855 S SG  . CYS B 4   ? 0.7865 0.7526 0.8991 -0.0838 0.0043  0.0481  71  CYS B SG  
856 N N   . THR B 5   ? 0.3682 0.2973 0.5018 -0.1036 -0.0432 0.0015  72  THR B N   
857 C CA  . THR B 5   ? 0.4681 0.3752 0.5863 -0.0990 -0.0558 -0.0138 72  THR B CA  
858 C C   . THR B 5   ? 0.5106 0.3708 0.6114 -0.0981 -0.0535 -0.0121 72  THR B C   
859 O O   . THR B 5   ? 0.4881 0.3307 0.5936 -0.1082 -0.0453 0.0000  72  THR B O   
860 C CB  . THR B 5   ? 0.5923 0.5132 0.7270 -0.1123 -0.0702 -0.0279 72  THR B CB  
861 O OG1 . THR B 5   ? 0.7934 0.6860 0.9357 -0.1315 -0.0739 -0.0321 72  THR B OG1 
862 C CG2 . THR B 5   ? 0.6244 0.5920 0.7881 -0.1182 -0.0699 -0.0234 72  THR B CG2 
863 N N   . THR B 6   ? 0.4784 0.3180 0.5579 -0.0848 -0.0598 -0.0238 73  THR B N   
864 C CA  . THR B 6   ? 0.5703 0.3631 0.6327 -0.0795 -0.0584 -0.0242 73  THR B CA  
865 C C   . THR B 6   ? 0.5425 0.3104 0.5928 -0.0791 -0.0697 -0.0454 73  THR B C   
866 O O   . THR B 6   ? 0.6378 0.4200 0.6765 -0.0672 -0.0746 -0.0571 73  THR B O   
867 C CB  . THR B 6   ? 0.7209 0.5102 0.7666 -0.0577 -0.0501 -0.0125 73  THR B CB  
868 O OG1 . THR B 6   ? 0.9047 0.6554 0.9319 -0.0440 -0.0517 -0.0183 73  THR B OG1 
869 C CG2 . THR B 6   ? 0.7831 0.6102 0.8260 -0.0443 -0.0497 -0.0145 73  THR B CG2 
870 N N   . GLU B 7   ? 0.5019 0.2309 0.5537 -0.0937 -0.0731 -0.0504 74  GLU B N   
871 C CA  . GLU B 7   ? 0.6661 0.3639 0.7035 -0.0948 -0.0841 -0.0731 74  GLU B CA  
872 C C   . GLU B 7   ? 0.9038 0.5499 0.9193 -0.0786 -0.0789 -0.0730 74  GLU B C   
873 O O   . GLU B 7   ? 0.9342 0.5481 0.9529 -0.0851 -0.0729 -0.0596 74  GLU B O   
874 C CB  . GLU B 7   ? 0.6976 0.3828 0.7527 -0.1248 -0.0935 -0.0817 74  GLU B CB  
875 C CG  . GLU B 7   ? 0.8198 0.4896 0.8613 -0.1292 -0.1094 -0.1095 74  GLU B CG  
876 C CD  . GLU B 7   ? 1.0317 0.6439 1.0501 -0.1253 -0.1062 -0.1209 74  GLU B CD  
877 O OE1 . GLU B 7   ? 1.0583 0.6610 1.0588 -0.1241 -0.1138 -0.1435 74  GLU B OE1 
878 O OE2 . GLU B 7   ? 1.0835 0.6610 1.1007 -0.1222 -0.0954 -0.1067 74  GLU B OE2 
879 N N   . VAL B 8   ? 0.9681 0.6064 0.9612 -0.0563 -0.0804 -0.0872 75  VAL B N   
880 C CA  . VAL B 8   ? 1.0531 0.6452 1.0274 -0.0361 -0.0754 -0.0883 75  VAL B CA  
881 C C   . VAL B 8   ? 1.1121 0.6552 1.0676 -0.0361 -0.0828 -0.1134 75  VAL B C   
882 O O   . VAL B 8   ? 1.1039 0.6561 1.0429 -0.0243 -0.0866 -0.1330 75  VAL B O   
883 C CB  . VAL B 8   ? 0.9949 0.6137 0.9597 -0.0066 -0.0684 -0.0842 75  VAL B CB  
884 C CG1 . VAL B 8   ? 1.0414 0.6189 0.9924 0.0169  -0.0631 -0.0819 75  VAL B CG1 
885 C CG2 . VAL B 8   ? 0.9700 0.6333 0.9507 -0.0079 -0.0624 -0.0624 75  VAL B CG2 
886 O O   . HOH C .   ? 1.0455 1.0384 0.8520 -0.0706 -0.0846 -0.1449 202 HOH A O   
887 O O   . HOH C .   ? 0.6066 0.5782 0.5802 -0.0088 0.0033  0.0619  203 HOH A O   
888 O O   . HOH C .   ? 0.6520 0.7001 0.6676 -0.0838 0.0324  0.0315  204 HOH A O   
889 O O   . HOH C .   ? 1.0811 1.1502 1.0557 0.0730  0.1237  -0.0515 205 HOH A O   
890 O O   . HOH C .   ? 0.6094 0.7254 0.6418 -0.0583 -0.0627 -0.0426 206 HOH A O   
891 O O   . HOH C .   ? 0.5452 0.5607 0.5477 -0.0071 -0.0041 0.0195  207 HOH A O   
892 O O   . HOH C .   ? 0.5850 0.4580 0.5549 0.0273  -0.0271 0.0733  208 HOH A O   
893 O O   . HOH C .   ? 0.3803 0.6431 0.5020 0.0490  -0.0843 -0.0030 209 HOH A O   
894 O O   . HOH C .   ? 0.5097 0.5122 0.4832 -0.0031 -0.0035 0.0380  210 HOH A O   
895 O O   . HOH C .   ? 0.3750 0.4202 0.4020 0.0704  -0.0544 0.0211  211 HOH A O   
896 O O   . HOH C .   ? 1.1078 1.1804 1.0235 -0.0056 0.0363  0.0131  212 HOH A O   
897 O O   . HOH C .   ? 0.6373 0.4678 0.5134 0.0155  0.0039  0.1561  213 HOH A O   
898 O O   . HOH C .   ? 0.7410 0.6985 0.7801 -0.1431 -0.0006 -0.0123 214 HOH A O   
899 O O   . HOH C .   ? 0.7382 0.6925 0.7256 -0.0213 -0.0949 -0.0729 215 HOH A O   
900 O O   . HOH C .   ? 0.4414 0.8669 0.7014 -0.0300 -0.0116 -0.0198 216 HOH A O   
901 O O   . HOH C .   ? 0.5721 0.7634 0.7030 0.1654  -0.0123 -0.0294 217 HOH A O   
902 O O   . HOH C .   ? 0.9702 0.9643 1.0417 -0.0523 -0.0999 -0.0530 218 HOH A O   
903 O O   . HOH C .   ? 0.6652 0.6351 0.5650 0.0072  0.0042  0.0854  220 HOH A O   
904 O O   . HOH C .   ? 0.8282 0.9944 0.8313 -0.0804 -0.1113 -0.0763 221 HOH A O   
905 O O   . HOH C .   ? 0.8902 0.7911 0.9682 0.1476  0.0083  -0.0078 222 HOH A O   
906 O O   . HOH C .   ? 0.7938 0.8136 0.6283 0.0098  0.0236  -0.0243 223 HOH A O   
907 O O   . HOH C .   ? 0.7792 0.7856 0.6793 0.0266  -0.0327 0.0606  224 HOH A O   
908 O O   . HOH C .   ? 0.7597 1.2141 1.0497 0.1894  -0.0027 -0.0273 225 HOH A O   
909 O O   . HOH C .   ? 0.5544 0.8313 0.7390 -0.1111 -0.0209 -0.0241 226 HOH A O   
910 O O   . HOH C .   ? 0.7737 0.9939 0.9270 0.1984  -0.0620 0.0070  227 HOH A O   
911 O O   . HOH C .   ? 0.6671 0.9173 0.9648 0.0060  -0.0522 0.0066  228 HOH A O   
912 O O   . HOH C .   ? 0.7506 0.7259 0.7625 0.0619  0.0481  -0.0508 229 HOH A O   
913 O O   . HOH C .   ? 1.2069 1.0536 1.1146 -0.0636 0.0776  0.1886  230 HOH A O   
914 O O   . HOH D .   ? 0.8385 0.6452 0.9863 -0.1748 -0.0882 -0.0515 102 HOH B O   
# 
